data_7OGO
#
_entry.id   7OGO
#
_cell.length_a   98.735
_cell.length_b   146.405
_cell.length_c   169.645
_cell.angle_alpha   90.000
_cell.angle_beta   90.000
_cell.angle_gamma   90.000
#
_symmetry.space_group_name_H-M   'P 21 21 21'
#
loop_
_entity.id
_entity.type
_entity.pdbx_description
1 polymer 'Receptor-like protein kinase HSL1'
2 polymer 'Somatic embryogenesis receptor kinase 1'
3 polymer 'Protein IDA-LIKE 1'
4 branched alpha-D-mannopyranose-(1-6)-beta-D-mannopyranose-(1-4)-2-acetamido-2-deoxy-beta-D-glucopyranose-(1-4)-2-acetamido-2-deoxy-beta-D-glucopyranose
5 branched 2-acetamido-2-deoxy-beta-D-glucopyranose-(1-4)-[alpha-L-fucopyranose-(1-6)]2-acetamido-2-deoxy-beta-D-glucopyranose
6 branched 2-acetamido-2-deoxy-beta-D-glucopyranose-(1-4)-2-acetamido-2-deoxy-beta-D-glucopyranose
7 branched alpha-D-mannopyranose-(1-3)-[alpha-D-mannopyranose-(1-6)]beta-D-mannopyranose-(1-4)-2-acetamido-2-deoxy-beta-D-glucopyranose-(1-4)-2-acetamido-2-deoxy-beta-D-glucopyranose
8 branched beta-D-mannopyranose-(1-4)-2-acetamido-2-deoxy-beta-D-glucopyranose-(1-4)-2-acetamido-2-deoxy-beta-D-glucopyranose
9 non-polymer 2-acetamido-2-deoxy-beta-D-glucopyranose
10 water water
#
loop_
_entity_poly.entity_id
_entity_poly.type
_entity_poly.pdbx_seq_one_letter_code
_entity_poly.pdbx_strand_id
1 'polypeptide(L)'
;GSSMDNQDGFILQQVKLSLDDPDSYLSSWNSNDASPCRWSGVSCAGDFSSVTSVDLSSANLAGPFPSVICRLSNLAHLSL
YNNSINSTLPLNIAACKSLQTLDLSQNLLTGELPQTLADIPTLVHLDLTGNNFSGDIPASFGKFENLEVLSLVYNLLDGT
IPPFLGNISTLKMLNLSYNPFSPSRIPPEFGNLTNLEVMWLTECHLVGQIPDSLGQLSKLVDLDLALNDLVGHIPPSLGG
LTNVVQIELYNNSLTGEIPPELGNLKSLRLLDASMNQLTGKIPDELCRVPLESLNLYENNLEGELPASIALSPNLYEIRI
FGNRLTGGLPKDLGLNSPLRWLDVSENEFSGDLPADLCAKGELEELLIIHNSFSGVIPESLADCRSLTRIRLAYNRFSGS
VPTGFWGLPHVNLLELVNNSFSGEISKSIGGASNLSLLILSNNEFTGSLPEEIGSLDNLNQLSASGNKFSGSLPDSLMSL
GELGTLDLHGNQFSGELTSGIKSWKKLNELNLADNEFTGKIPDEIGSLSVLNYLDLSGNMFSGKIPVSLQSLKLNQLNLS
YNRLSGDLPPSLAKDMYKNSFIGNPGLCGDIKGLCGSENEAKKRGYVLEGSENLYFQ
;
AAA,DDD
2 'polypeptide(L)'
;GSSMASANLEGDALHTLRVTLVDPNNVLQSWDPTLVNPCTWFHVTCNNENSVIRVDLGNAELSGHLVPELGVLKNLQYLE
LYSNNITGPIPSNLGNLTNLVSLDLYLNSFSGPIPESLGKLSKLRFLRLNNNSLTGSIPMSLTNITTLQVLDLSNNRLSG
SVPDNGSFSLFTPISFANNLDLCGPVTSHPCPLEGSLENLYFQ
;
BBB,EEE
3 'polypeptide(L)' YVLVPPSG(HYP)SMRHN CCC,FFF
#
# COMPACT_ATOMS: atom_id res chain seq x y z
N SER A 2 -35.76 39.74 42.46
CA SER A 2 -35.55 38.50 43.26
C SER A 2 -35.42 37.31 42.29
N SER A 3 -36.52 36.93 41.64
CA SER A 3 -36.63 35.75 40.74
C SER A 3 -35.59 35.84 39.62
N MET A 4 -35.40 37.04 39.04
CA MET A 4 -34.59 37.28 37.82
C MET A 4 -33.37 38.17 38.15
N ASP A 5 -32.95 38.23 39.42
CA ASP A 5 -31.61 38.76 39.84
C ASP A 5 -30.57 37.65 39.58
N ASN A 6 -29.31 38.02 39.34
CA ASN A 6 -28.22 37.08 38.98
C ASN A 6 -26.89 37.57 39.56
N GLN A 7 -25.88 36.69 39.60
CA GLN A 7 -24.50 37.03 40.02
C GLN A 7 -23.58 36.82 38.82
N ASP A 8 -24.06 37.18 37.62
CA ASP A 8 -23.33 36.95 36.35
C ASP A 8 -21.96 37.65 36.41
N GLY A 9 -21.89 38.87 36.94
CA GLY A 9 -20.63 39.61 37.09
C GLY A 9 -19.65 38.87 37.98
N PHE A 10 -20.14 38.31 39.09
CA PHE A 10 -19.31 37.54 40.05
C PHE A 10 -18.77 36.29 39.35
N ILE A 11 -19.60 35.61 38.54
CA ILE A 11 -19.17 34.37 37.82
C ILE A 11 -18.09 34.72 36.79
N LEU A 12 -18.23 35.83 36.07
CA LEU A 12 -17.22 36.27 35.07
C LEU A 12 -15.91 36.63 35.76
N GLN A 13 -15.97 37.22 36.97
CA GLN A 13 -14.75 37.54 37.75
C GLN A 13 -14.03 36.25 38.13
N GLN A 14 -14.79 35.20 38.42
CA GLN A 14 -14.21 33.86 38.73
C GLN A 14 -13.52 33.32 37.48
N VAL A 15 -14.11 33.53 36.30
CA VAL A 15 -13.48 33.12 35.01
C VAL A 15 -12.17 33.90 34.84
N LYS A 16 -12.19 35.20 35.08
CA LYS A 16 -10.99 36.08 34.94
C LYS A 16 -9.88 35.56 35.85
N LEU A 17 -10.21 35.21 37.09
CA LEU A 17 -9.24 34.70 38.09
C LEU A 17 -8.66 33.37 37.63
N SER A 18 -9.45 32.52 36.98
CA SER A 18 -9.04 31.14 36.59
C SER A 18 -8.13 31.16 35.35
N LEU A 19 -7.97 32.29 34.66
CA LEU A 19 -7.21 32.34 33.38
C LEU A 19 -6.10 33.39 33.43
N ASP A 20 -4.95 33.10 32.81
CA ASP A 20 -3.84 34.07 32.63
C ASP A 20 -4.20 35.05 31.52
N ASP A 21 -4.05 36.34 31.79
CA ASP A 21 -4.37 37.43 30.83
C ASP A 21 -3.18 38.37 30.73
N PRO A 22 -2.07 37.97 30.08
CA PRO A 22 -0.87 38.79 29.99
C PRO A 22 -1.10 40.15 29.30
N ASP A 23 -1.98 40.19 28.30
CA ASP A 23 -2.22 41.39 27.45
C ASP A 23 -3.38 42.22 28.01
N SER A 24 -3.91 41.87 29.18
CA SER A 24 -4.95 42.65 29.91
C SER A 24 -6.20 42.84 29.04
N TYR A 25 -6.64 41.80 28.31
CA TYR A 25 -7.88 41.81 27.50
C TYR A 25 -9.09 41.97 28.41
N LEU A 26 -9.00 41.51 29.66
CA LEU A 26 -10.16 41.48 30.61
C LEU A 26 -10.10 42.67 31.58
N SER A 27 -9.35 43.74 31.25
CA SER A 27 -9.21 44.93 32.12
C SER A 27 -10.58 45.59 32.33
N SER A 28 -11.44 45.62 31.30
CA SER A 28 -12.79 46.24 31.36
C SER A 28 -13.66 45.52 32.39
N TRP A 29 -13.29 44.29 32.77
CA TRP A 29 -14.08 43.47 33.72
C TRP A 29 -13.83 43.98 35.14
N ASN A 30 -14.54 45.04 35.51
CA ASN A 30 -14.37 45.73 36.81
C ASN A 30 -15.32 45.08 37.81
N SER A 31 -14.81 44.55 38.93
CA SER A 31 -15.64 43.91 39.99
C SER A 31 -16.69 44.91 40.49
N ASN A 32 -16.34 46.21 40.49
CA ASN A 32 -17.16 47.32 41.03
C ASN A 32 -18.42 47.55 40.18
N ASP A 33 -18.37 47.31 38.86
CA ASP A 33 -19.56 47.51 37.98
C ASP A 33 -20.65 46.53 38.41
N ALA A 34 -21.89 47.01 38.56
CA ALA A 34 -23.07 46.22 38.96
C ALA A 34 -23.36 45.14 37.91
N SER A 35 -23.29 45.52 36.63
CA SER A 35 -23.64 44.63 35.49
C SER A 35 -22.39 44.34 34.65
N PRO A 36 -22.24 43.11 34.13
CA PRO A 36 -21.15 42.77 33.22
C PRO A 36 -21.48 43.02 31.73
N CYS A 37 -22.65 43.58 31.43
CA CYS A 37 -23.19 43.64 30.04
C CYS A 37 -22.37 44.55 29.12
N ARG A 38 -21.71 45.58 29.65
CA ARG A 38 -20.88 46.52 28.83
C ARG A 38 -19.40 46.12 28.91
N TRP A 39 -19.06 45.01 29.57
CA TRP A 39 -17.67 44.48 29.60
C TRP A 39 -17.28 43.97 28.22
N SER A 40 -15.99 43.99 27.90
CA SER A 40 -15.44 43.54 26.59
C SER A 40 -15.74 42.04 26.40
N GLY A 41 -16.30 41.68 25.25
CA GLY A 41 -16.59 40.29 24.87
C GLY A 41 -17.86 39.78 25.52
N VAL A 42 -18.57 40.61 26.28
CA VAL A 42 -19.79 40.18 27.02
C VAL A 42 -21.02 40.87 26.41
N SER A 43 -22.06 40.09 26.09
CA SER A 43 -23.32 40.60 25.50
C SER A 43 -24.51 40.09 26.31
N CYS A 44 -25.43 40.98 26.68
CA CYS A 44 -26.73 40.58 27.27
C CYS A 44 -27.82 40.95 26.27
N ALA A 45 -28.51 39.97 25.69
CA ALA A 45 -29.40 40.21 24.54
C ALA A 45 -30.84 40.54 24.99
N GLY A 46 -31.12 40.51 26.29
CA GLY A 46 -32.49 40.68 26.80
C GLY A 46 -32.58 41.55 28.05
N ASP A 47 -33.71 41.46 28.73
CA ASP A 47 -33.95 42.03 30.09
C ASP A 47 -33.26 41.13 31.11
N PHE A 48 -33.19 41.59 32.36
CA PHE A 48 -32.62 40.85 33.53
C PHE A 48 -31.09 40.98 33.60
N SER A 49 -30.45 41.69 32.65
CA SER A 49 -28.97 41.85 32.57
C SER A 49 -28.31 40.47 32.62
N SER A 50 -28.92 39.47 31.97
CA SER A 50 -28.39 38.09 31.93
C SER A 50 -27.41 37.96 30.76
N VAL A 51 -26.20 37.46 31.02
CA VAL A 51 -25.19 37.25 29.96
C VAL A 51 -25.69 36.15 29.04
N THR A 52 -25.76 36.43 27.74
CA THR A 52 -26.27 35.49 26.70
C THR A 52 -25.10 35.05 25.82
N SER A 53 -24.07 35.90 25.69
CA SER A 53 -22.93 35.64 24.78
C SER A 53 -21.61 36.10 25.41
N VAL A 54 -20.58 35.25 25.35
CA VAL A 54 -19.19 35.62 25.74
C VAL A 54 -18.26 35.30 24.57
N ASP A 55 -17.59 36.31 24.03
CA ASP A 55 -16.60 36.14 22.92
C ASP A 55 -15.25 36.70 23.35
N LEU A 56 -14.26 35.83 23.53
CA LEU A 56 -12.89 36.20 23.98
C LEU A 56 -11.89 35.80 22.89
N SER A 57 -12.27 35.92 21.62
CA SER A 57 -11.44 35.50 20.46
C SER A 57 -10.11 36.26 20.45
N SER A 58 -9.01 35.54 20.28
CA SER A 58 -7.65 36.11 20.12
C SER A 58 -7.28 36.99 21.32
N ALA A 59 -7.59 36.55 22.54
CA ALA A 59 -7.36 37.34 23.77
C ALA A 59 -6.06 36.93 24.47
N ASN A 60 -5.37 35.92 23.97
CA ASN A 60 -4.10 35.38 24.55
C ASN A 60 -4.37 34.92 25.97
N LEU A 61 -5.52 34.30 26.20
CA LEU A 61 -5.92 33.78 27.54
C LEU A 61 -5.38 32.35 27.69
N ALA A 62 -4.70 32.07 28.80
CA ALA A 62 -4.07 30.75 29.02
C ALA A 62 -4.65 30.12 30.27
N GLY A 63 -5.06 28.85 30.17
CA GLY A 63 -5.59 28.11 31.32
C GLY A 63 -6.67 27.12 30.89
N PRO A 64 -7.13 26.25 31.81
CA PRO A 64 -8.12 25.23 31.48
C PRO A 64 -9.50 25.88 31.25
N PHE A 65 -10.43 25.14 30.65
CA PHE A 65 -11.80 25.63 30.40
C PHE A 65 -12.42 26.06 31.72
N PRO A 66 -12.98 27.29 31.82
CA PRO A 66 -13.56 27.76 33.07
C PRO A 66 -14.98 27.21 33.29
N SER A 67 -15.10 26.03 33.91
CA SER A 67 -16.38 25.32 34.11
C SER A 67 -17.37 26.17 34.93
N VAL A 68 -16.88 27.15 35.70
CA VAL A 68 -17.75 28.08 36.49
C VAL A 68 -18.65 28.88 35.53
N ILE A 69 -18.19 29.16 34.30
CA ILE A 69 -18.97 29.97 33.31
C ILE A 69 -20.35 29.33 33.07
N CYS A 70 -20.49 28.02 33.28
CA CYS A 70 -21.77 27.29 33.08
C CYS A 70 -22.84 27.78 34.06
N ARG A 71 -22.45 28.47 35.13
CA ARG A 71 -23.42 29.06 36.10
C ARG A 71 -24.09 30.28 35.47
N LEU A 72 -23.61 30.79 34.34
CA LEU A 72 -24.37 31.80 33.56
C LEU A 72 -25.54 31.06 32.91
N SER A 73 -26.74 31.21 33.47
CA SER A 73 -27.94 30.42 33.12
C SER A 73 -28.37 30.66 31.67
N ASN A 74 -28.16 31.87 31.15
CA ASN A 74 -28.68 32.27 29.81
C ASN A 74 -27.56 32.30 28.76
N LEU A 75 -26.39 31.72 29.03
CA LEU A 75 -25.27 31.70 28.05
C LEU A 75 -25.66 30.80 26.88
N ALA A 76 -25.84 31.37 25.70
CA ALA A 76 -26.23 30.64 24.48
C ALA A 76 -25.04 30.56 23.52
N HIS A 77 -24.11 31.50 23.61
CA HIS A 77 -22.96 31.59 22.67
C HIS A 77 -21.67 31.75 23.46
N LEU A 78 -20.73 30.81 23.32
CA LEU A 78 -19.40 30.94 23.94
C LEU A 78 -18.32 30.75 22.87
N SER A 79 -17.43 31.72 22.70
CA SER A 79 -16.24 31.59 21.82
C SER A 79 -14.97 31.89 22.60
N LEU A 80 -14.05 30.92 22.64
CA LEU A 80 -12.70 31.10 23.21
C LEU A 80 -11.71 30.88 22.07
N TYR A 81 -12.11 31.22 20.85
CA TYR A 81 -11.34 30.96 19.61
C TYR A 81 -9.96 31.61 19.71
N ASN A 82 -8.93 30.89 19.28
CA ASN A 82 -7.54 31.38 19.15
C ASN A 82 -7.06 31.92 20.50
N ASN A 83 -7.04 31.05 21.51
CA ASN A 83 -6.48 31.35 22.85
C ASN A 83 -5.53 30.21 23.20
N SER A 84 -5.03 30.16 24.43
CA SER A 84 -4.15 29.05 24.91
C SER A 84 -4.89 28.20 25.94
N ILE A 85 -6.20 27.99 25.75
CA ILE A 85 -7.00 27.11 26.65
C ILE A 85 -6.42 25.69 26.57
N ASN A 86 -6.07 25.10 27.72
CA ASN A 86 -5.29 23.85 27.75
C ASN A 86 -6.01 22.78 28.57
N SER A 87 -5.37 21.62 28.70
CA SER A 87 -5.82 20.47 29.53
C SER A 87 -6.99 19.76 28.83
N THR A 88 -7.64 18.84 29.53
CA THR A 88 -8.78 18.06 28.99
C THR A 88 -10.02 18.97 28.98
N LEU A 89 -10.93 18.78 28.04
CA LEU A 89 -12.24 19.46 28.09
C LEU A 89 -13.05 18.76 29.16
N PRO A 90 -13.53 19.49 30.20
CA PRO A 90 -14.22 18.86 31.33
C PRO A 90 -15.60 18.27 30.99
N LEU A 91 -15.95 17.15 31.61
CA LEU A 91 -17.26 16.48 31.42
C LEU A 91 -18.37 17.38 31.96
N ASN A 92 -18.06 18.29 32.89
CA ASN A 92 -19.06 19.20 33.51
C ASN A 92 -19.38 20.36 32.56
N ILE A 93 -18.90 20.32 31.31
CA ILE A 93 -19.26 21.32 30.26
C ILE A 93 -20.76 21.21 29.97
N ALA A 94 -21.35 20.02 30.17
CA ALA A 94 -22.80 19.77 29.99
C ALA A 94 -23.64 20.68 30.90
N ALA A 95 -23.06 21.18 31.99
CA ALA A 95 -23.74 22.13 32.90
C ALA A 95 -24.13 23.39 32.12
N CYS A 96 -23.42 23.71 31.04
CA CYS A 96 -23.78 24.81 30.11
C CYS A 96 -24.93 24.33 29.23
N LYS A 97 -26.13 24.18 29.80
CA LYS A 97 -27.28 23.48 29.16
C LYS A 97 -28.01 24.39 28.17
N SER A 98 -27.70 25.69 28.15
CA SER A 98 -28.36 26.68 27.24
C SER A 98 -27.48 27.00 26.04
N LEU A 99 -26.31 26.36 25.89
CA LEU A 99 -25.34 26.70 24.81
C LEU A 99 -25.89 26.26 23.46
N GLN A 100 -25.98 27.20 22.51
CA GLN A 100 -26.35 26.91 21.11
C GLN A 100 -25.08 26.83 20.29
N THR A 101 -24.14 27.76 20.51
CA THR A 101 -22.85 27.79 19.77
C THR A 101 -21.67 27.68 20.75
N LEU A 102 -20.78 26.72 20.50
CA LEU A 102 -19.54 26.55 21.29
C LEU A 102 -18.35 26.53 20.32
N ASP A 103 -17.51 27.55 20.38
CA ASP A 103 -16.29 27.65 19.54
C ASP A 103 -15.07 27.64 20.46
N LEU A 104 -14.37 26.51 20.52
CA LEU A 104 -13.13 26.34 21.31
C LEU A 104 -11.99 26.06 20.34
N SER A 105 -12.11 26.54 19.10
CA SER A 105 -11.13 26.28 18.01
C SER A 105 -9.82 27.04 18.26
N GLN A 106 -8.71 26.52 17.72
CA GLN A 106 -7.36 27.13 17.79
C GLN A 106 -6.94 27.31 19.26
N ASN A 107 -7.02 26.25 20.05
CA ASN A 107 -6.59 26.25 21.47
C ASN A 107 -5.62 25.09 21.69
N LEU A 108 -5.24 24.82 22.94
CA LEU A 108 -4.28 23.73 23.30
C LEU A 108 -5.02 22.58 23.99
N LEU A 109 -6.32 22.41 23.73
CA LEU A 109 -7.10 21.36 24.40
C LEU A 109 -6.59 19.99 23.94
N THR A 110 -6.42 19.06 24.87
CA THR A 110 -5.88 17.71 24.59
C THR A 110 -6.75 16.67 25.28
N GLY A 111 -6.53 15.40 24.95
CA GLY A 111 -7.25 14.27 25.58
C GLY A 111 -8.44 13.86 24.74
N GLU A 112 -9.27 12.96 25.29
CA GLU A 112 -10.46 12.42 24.60
C GLU A 112 -11.60 13.44 24.69
N LEU A 113 -12.46 13.47 23.66
CA LEU A 113 -13.65 14.34 23.61
C LEU A 113 -14.58 13.95 24.76
N PRO A 114 -15.12 14.92 25.54
CA PRO A 114 -16.12 14.59 26.56
C PRO A 114 -17.45 14.19 25.91
N GLN A 115 -17.97 13.01 26.29
CA GLN A 115 -19.24 12.47 25.72
C GLN A 115 -20.41 13.36 26.15
N THR A 116 -20.22 14.14 27.22
CA THR A 116 -21.27 14.99 27.81
C THR A 116 -21.61 16.16 26.88
N LEU A 117 -20.81 16.41 25.84
CA LEU A 117 -21.10 17.46 24.83
C LEU A 117 -22.45 17.16 24.18
N ALA A 118 -22.77 15.88 23.97
CA ALA A 118 -24.05 15.43 23.40
C ALA A 118 -25.20 15.63 24.38
N ASP A 119 -24.91 15.85 25.67
CA ASP A 119 -25.95 16.05 26.72
C ASP A 119 -26.35 17.52 26.79
N ILE A 120 -25.81 18.39 25.93
CA ILE A 120 -26.31 19.79 25.79
C ILE A 120 -27.33 19.79 24.65
N PRO A 121 -28.64 19.86 24.96
CA PRO A 121 -29.68 19.71 23.93
C PRO A 121 -29.81 20.91 22.99
N THR A 122 -29.52 22.12 23.48
CA THR A 122 -29.61 23.38 22.70
C THR A 122 -28.45 23.51 21.69
N LEU A 123 -27.39 22.70 21.79
CA LEU A 123 -26.15 22.87 20.97
C LEU A 123 -26.48 22.70 19.49
N VAL A 124 -26.14 23.72 18.70
CA VAL A 124 -26.36 23.75 17.23
C VAL A 124 -24.99 23.72 16.54
N HIS A 125 -24.02 24.47 17.09
CA HIS A 125 -22.69 24.66 16.46
C HIS A 125 -21.59 24.22 17.43
N LEU A 126 -20.82 23.19 17.07
CA LEU A 126 -19.66 22.74 17.87
C LEU A 126 -18.40 22.83 16.99
N ASP A 127 -17.48 23.73 17.31
CA ASP A 127 -16.20 23.87 16.58
C ASP A 127 -15.03 23.62 17.54
N LEU A 128 -14.31 22.52 17.33
CA LEU A 128 -13.11 22.15 18.13
C LEU A 128 -11.88 22.08 17.22
N THR A 129 -11.90 22.81 16.10
CA THR A 129 -10.82 22.82 15.09
C THR A 129 -9.52 23.33 15.71
N GLY A 130 -8.37 22.82 15.28
CA GLY A 130 -7.06 23.30 15.74
C GLY A 130 -6.81 22.99 17.20
N ASN A 131 -7.18 21.79 17.65
CA ASN A 131 -6.87 21.34 19.03
C ASN A 131 -6.09 20.03 18.95
N ASN A 132 -5.77 19.45 20.11
CA ASN A 132 -4.91 18.25 20.20
C ASN A 132 -5.77 17.05 20.64
N PHE A 133 -7.08 17.08 20.39
CA PHE A 133 -8.01 16.02 20.84
C PHE A 133 -7.60 14.69 20.18
N SER A 134 -7.62 13.61 20.95
CA SER A 134 -7.19 12.25 20.50
C SER A 134 -8.26 11.23 20.87
N GLY A 135 -8.12 10.00 20.35
CA GLY A 135 -8.98 8.87 20.73
C GLY A 135 -10.21 8.78 19.85
N ASP A 136 -11.12 7.87 20.16
CA ASP A 136 -12.34 7.60 19.36
C ASP A 136 -13.33 8.73 19.57
N ILE A 137 -14.11 9.07 18.55
CA ILE A 137 -15.28 10.00 18.68
C ILE A 137 -16.33 9.28 19.51
N PRO A 138 -16.85 9.87 20.60
CA PRO A 138 -17.80 9.20 21.48
C PRO A 138 -19.13 8.83 20.80
N ALA A 139 -19.69 7.67 21.15
CA ALA A 139 -20.94 7.13 20.59
C ALA A 139 -22.10 8.10 20.84
N SER A 140 -22.01 8.89 21.92
CA SER A 140 -23.02 9.90 22.30
C SER A 140 -23.22 10.91 21.16
N PHE A 141 -22.19 11.12 20.33
CA PHE A 141 -22.22 12.15 19.26
C PHE A 141 -23.31 11.80 18.25
N GLY A 142 -23.69 10.53 18.14
CA GLY A 142 -24.82 10.10 17.30
C GLY A 142 -26.17 10.55 17.84
N LYS A 143 -26.23 11.02 19.09
CA LYS A 143 -27.52 11.32 19.79
C LYS A 143 -27.73 12.83 19.91
N PHE A 144 -26.91 13.67 19.29
CA PHE A 144 -27.06 15.15 19.32
C PHE A 144 -28.47 15.52 18.83
N GLU A 145 -29.21 16.30 19.60
CA GLU A 145 -30.64 16.61 19.32
C GLU A 145 -30.80 17.67 18.24
N ASN A 146 -30.02 18.76 18.27
CA ASN A 146 -30.22 19.91 17.36
C ASN A 146 -28.91 20.35 16.69
N LEU A 147 -27.87 19.53 16.72
CA LEU A 147 -26.54 19.94 16.20
C LEU A 147 -26.61 20.08 14.68
N GLU A 148 -26.24 21.25 14.16
CA GLU A 148 -26.19 21.53 12.70
C GLU A 148 -24.74 21.52 12.21
N VAL A 149 -23.76 21.90 13.04
CA VAL A 149 -22.33 21.95 12.64
C VAL A 149 -21.49 21.15 13.64
N LEU A 150 -20.81 20.12 13.15
CA LEU A 150 -19.78 19.37 13.91
C LEU A 150 -18.43 19.58 13.23
N SER A 151 -17.51 20.29 13.85
CA SER A 151 -16.14 20.51 13.31
C SER A 151 -15.09 19.99 14.27
N LEU A 152 -14.38 18.94 13.86
CA LEU A 152 -13.27 18.32 14.62
C LEU A 152 -12.00 18.40 13.76
N VAL A 153 -11.89 19.43 12.92
CA VAL A 153 -10.79 19.57 11.92
C VAL A 153 -9.45 19.81 12.64
N TYR A 154 -8.35 19.29 12.08
CA TYR A 154 -6.97 19.48 12.58
C TYR A 154 -6.87 19.10 14.06
N ASN A 155 -7.25 17.86 14.39
CA ASN A 155 -7.05 17.29 15.74
C ASN A 155 -6.20 16.02 15.59
N LEU A 156 -6.08 15.22 16.65
CA LEU A 156 -5.30 13.95 16.61
C LEU A 156 -6.23 12.75 16.75
N LEU A 157 -7.47 12.83 16.28
CA LEU A 157 -8.44 11.72 16.44
C LEU A 157 -7.91 10.51 15.67
N ASP A 158 -7.84 9.34 16.31
CA ASP A 158 -7.14 8.16 15.76
C ASP A 158 -8.09 6.95 15.64
N GLY A 159 -9.39 7.16 15.76
CA GLY A 159 -10.41 6.10 15.62
C GLY A 159 -10.88 5.95 14.19
N THR A 160 -11.79 5.00 13.93
CA THR A 160 -12.45 4.84 12.62
C THR A 160 -13.49 5.96 12.46
N ILE A 161 -13.84 6.32 11.23
CA ILE A 161 -14.96 7.28 10.98
C ILE A 161 -16.24 6.57 11.41
N PRO A 162 -17.02 7.14 12.36
CA PRO A 162 -18.16 6.45 12.95
C PRO A 162 -19.45 6.53 12.13
N PRO A 163 -20.11 5.38 11.85
CA PRO A 163 -21.39 5.39 11.15
C PRO A 163 -22.49 6.14 11.92
N PHE A 164 -22.41 6.17 13.27
CA PHE A 164 -23.44 6.80 14.13
C PHE A 164 -23.50 8.31 13.86
N LEU A 165 -22.46 8.92 13.29
CA LEU A 165 -22.49 10.36 12.93
C LEU A 165 -23.55 10.61 11.86
N GLY A 166 -23.94 9.57 11.10
CA GLY A 166 -25.02 9.64 10.10
C GLY A 166 -26.40 9.76 10.75
N ASN A 167 -26.48 9.55 12.06
CA ASN A 167 -27.76 9.53 12.81
C ASN A 167 -28.11 10.94 13.30
N ILE A 168 -27.28 11.95 13.06
CA ILE A 168 -27.62 13.36 13.45
C ILE A 168 -28.46 13.96 12.32
N SER A 169 -29.79 13.86 12.40
CA SER A 169 -30.71 14.30 11.32
C SER A 169 -30.58 15.80 11.06
N THR A 170 -30.27 16.60 12.08
CA THR A 170 -30.21 18.08 11.94
C THR A 170 -28.89 18.53 11.30
N LEU A 171 -27.92 17.62 11.12
CA LEU A 171 -26.54 18.03 10.72
C LEU A 171 -26.56 18.69 9.33
N LYS A 172 -25.94 19.87 9.23
CA LYS A 172 -25.77 20.62 7.97
C LYS A 172 -24.31 20.55 7.53
N MET A 173 -23.37 20.48 8.47
CA MET A 173 -21.92 20.43 8.11
C MET A 173 -21.20 19.36 8.93
N LEU A 174 -20.58 18.40 8.25
CA LEU A 174 -19.70 17.37 8.88
C LEU A 174 -18.27 17.66 8.45
N ASN A 175 -17.45 18.14 9.38
CA ASN A 175 -16.06 18.59 9.13
C ASN A 175 -15.10 17.78 10.00
N LEU A 176 -14.56 16.68 9.49
CA LEU A 176 -13.64 15.79 10.26
C LEU A 176 -12.24 15.82 9.65
N SER A 177 -11.94 16.81 8.81
CA SER A 177 -10.71 16.87 7.97
C SER A 177 -9.44 16.98 8.82
N TYR A 178 -8.31 16.52 8.26
CA TYR A 178 -6.94 16.63 8.84
C TYR A 178 -6.89 15.95 10.22
N ASN A 179 -7.34 14.70 10.30
CA ASN A 179 -7.22 13.87 11.53
C ASN A 179 -6.54 12.56 11.15
N PRO A 180 -5.62 12.04 11.99
CA PRO A 180 -4.95 10.76 11.72
C PRO A 180 -5.85 9.56 12.03
N PHE A 181 -7.02 9.49 11.40
CA PHE A 181 -8.03 8.45 11.68
C PHE A 181 -7.48 7.09 11.28
N SER A 182 -7.88 6.04 12.00
CA SER A 182 -7.58 4.65 11.58
C SER A 182 -8.22 4.44 10.22
N PRO A 183 -7.52 3.85 9.23
CA PRO A 183 -8.09 3.68 7.89
C PRO A 183 -9.51 3.11 7.98
N SER A 184 -10.49 3.78 7.37
CA SER A 184 -11.91 3.38 7.45
C SER A 184 -12.65 3.82 6.19
N ARG A 185 -13.70 3.08 5.82
CA ARG A 185 -14.58 3.39 4.67
C ARG A 185 -15.50 4.55 5.07
N ILE A 186 -16.07 5.24 4.08
CA ILE A 186 -17.13 6.25 4.34
C ILE A 186 -18.39 5.48 4.66
N PRO A 187 -18.98 5.65 5.85
CA PRO A 187 -20.20 4.91 6.21
C PRO A 187 -21.32 5.24 5.23
N PRO A 188 -22.04 4.22 4.70
CA PRO A 188 -23.18 4.45 3.82
C PRO A 188 -24.31 5.19 4.55
N GLU A 189 -24.31 5.15 5.88
CA GLU A 189 -25.34 5.81 6.73
C GLU A 189 -25.18 7.33 6.64
N PHE A 190 -24.10 7.83 6.07
CA PHE A 190 -23.90 9.29 5.86
C PHE A 190 -24.93 9.77 4.82
N GLY A 191 -25.41 8.85 3.98
CA GLY A 191 -26.49 9.11 3.01
C GLY A 191 -27.78 9.48 3.71
N ASN A 192 -27.94 9.07 4.98
CA ASN A 192 -29.14 9.36 5.80
C ASN A 192 -29.10 10.80 6.32
N LEU A 193 -28.00 11.54 6.15
CA LEU A 193 -27.91 12.96 6.57
C LEU A 193 -28.58 13.85 5.51
N THR A 194 -29.91 13.89 5.51
CA THR A 194 -30.73 14.54 4.44
C THR A 194 -30.49 16.05 4.38
N ASN A 195 -30.17 16.71 5.49
CA ASN A 195 -30.00 18.18 5.52
C ASN A 195 -28.53 18.57 5.30
N LEU A 196 -27.65 17.62 5.03
CA LEU A 196 -26.20 17.93 4.99
C LEU A 196 -25.90 18.84 3.78
N GLU A 197 -25.14 19.90 4.02
CA GLU A 197 -24.69 20.87 2.99
C GLU A 197 -23.18 20.71 2.76
N VAL A 198 -22.41 20.31 3.77
CA VAL A 198 -20.94 20.17 3.66
C VAL A 198 -20.51 18.79 4.19
N MET A 199 -19.79 18.03 3.37
CA MET A 199 -19.06 16.82 3.84
C MET A 199 -17.57 17.05 3.57
N TRP A 200 -16.83 17.48 4.59
CA TRP A 200 -15.39 17.80 4.48
C TRP A 200 -14.58 16.70 5.19
N LEU A 201 -14.07 15.72 4.43
CA LEU A 201 -13.33 14.55 4.96
C LEU A 201 -11.95 14.46 4.29
N THR A 202 -11.29 15.61 4.06
CA THR A 202 -9.94 15.67 3.45
C THR A 202 -8.90 15.11 4.43
N GLU A 203 -7.99 14.28 3.95
CA GLU A 203 -6.87 13.68 4.73
C GLU A 203 -7.41 13.01 6.01
N CYS A 204 -8.39 12.12 5.85
CA CYS A 204 -9.00 11.35 6.96
C CYS A 204 -8.66 9.87 6.82
N HIS A 205 -7.67 9.52 5.98
CA HIS A 205 -7.18 8.14 5.76
C HIS A 205 -8.34 7.25 5.28
N LEU A 206 -9.27 7.79 4.49
CA LEU A 206 -10.45 7.04 3.99
C LEU A 206 -10.01 5.96 3.01
N VAL A 207 -10.65 4.79 3.08
CA VAL A 207 -10.37 3.65 2.18
C VAL A 207 -11.70 3.15 1.64
N GLY A 208 -11.66 2.27 0.64
CA GLY A 208 -12.88 1.66 0.08
C GLY A 208 -13.53 2.54 -0.95
N GLN A 209 -14.72 2.16 -1.41
CA GLN A 209 -15.44 2.84 -2.51
C GLN A 209 -16.30 3.96 -1.94
N ILE A 210 -16.62 4.95 -2.77
CA ILE A 210 -17.56 6.04 -2.40
C ILE A 210 -18.96 5.42 -2.40
N PRO A 211 -19.71 5.47 -1.28
CA PRO A 211 -21.04 4.86 -1.22
C PRO A 211 -22.03 5.56 -2.16
N ASP A 212 -22.88 4.80 -2.86
CA ASP A 212 -23.89 5.37 -3.79
C ASP A 212 -24.90 6.18 -2.99
N SER A 213 -25.05 5.86 -1.70
CA SER A 213 -25.99 6.55 -0.77
C SER A 213 -25.73 8.06 -0.77
N LEU A 214 -24.49 8.50 -1.02
CA LEU A 214 -24.12 9.94 -0.97
C LEU A 214 -24.91 10.70 -2.05
N GLY A 215 -25.36 10.00 -3.10
CA GLY A 215 -26.21 10.58 -4.16
C GLY A 215 -27.53 11.12 -3.64
N GLN A 216 -28.02 10.61 -2.50
CA GLN A 216 -29.31 11.03 -1.90
C GLN A 216 -29.19 12.42 -1.25
N LEU A 217 -27.98 12.95 -1.08
CA LEU A 217 -27.77 14.24 -0.36
C LEU A 217 -28.09 15.41 -1.29
N SER A 218 -29.37 15.69 -1.51
CA SER A 218 -29.86 16.73 -2.46
C SER A 218 -29.51 18.14 -1.97
N LYS A 219 -29.16 18.32 -0.70
CA LYS A 219 -28.85 19.68 -0.15
C LYS A 219 -27.33 19.89 -0.10
N LEU A 220 -26.55 18.86 -0.42
CA LEU A 220 -25.06 18.95 -0.33
C LEU A 220 -24.56 20.04 -1.27
N VAL A 221 -23.70 20.93 -0.77
CA VAL A 221 -23.10 22.04 -1.56
C VAL A 221 -21.62 21.73 -1.79
N ASP A 222 -20.93 21.18 -0.78
CA ASP A 222 -19.48 20.86 -0.87
C ASP A 222 -19.27 19.38 -0.53
N LEU A 223 -18.76 18.60 -1.47
CA LEU A 223 -18.30 17.20 -1.22
C LEU A 223 -16.78 17.17 -1.39
N ASP A 224 -16.04 17.02 -0.29
CA ASP A 224 -14.55 17.00 -0.32
C ASP A 224 -14.06 15.70 0.30
N LEU A 225 -13.65 14.75 -0.53
CA LEU A 225 -13.12 13.44 -0.11
C LEU A 225 -11.66 13.35 -0.55
N ALA A 226 -11.00 14.49 -0.72
CA ALA A 226 -9.64 14.55 -1.31
C ALA A 226 -8.58 14.10 -0.31
N LEU A 227 -7.38 13.79 -0.80
CA LEU A 227 -6.19 13.36 0.01
C LEU A 227 -6.55 12.13 0.83
N ASN A 228 -7.20 11.14 0.23
CA ASN A 228 -7.50 9.85 0.90
C ASN A 228 -7.02 8.71 -0.01
N ASP A 229 -7.39 7.47 0.31
CA ASP A 229 -7.00 6.28 -0.48
C ASP A 229 -8.28 5.62 -0.99
N LEU A 230 -9.27 6.42 -1.37
CA LEU A 230 -10.56 5.90 -1.90
C LEU A 230 -10.27 5.18 -3.22
N VAL A 231 -10.92 4.02 -3.42
CA VAL A 231 -10.74 3.16 -4.63
C VAL A 231 -12.10 3.04 -5.33
N GLY A 232 -12.10 2.55 -6.57
CA GLY A 232 -13.33 2.29 -7.31
C GLY A 232 -13.75 3.47 -8.16
N HIS A 233 -14.94 3.39 -8.76
CA HIS A 233 -15.43 4.38 -9.75
C HIS A 233 -16.07 5.56 -9.02
N ILE A 234 -16.10 6.72 -9.64
CA ILE A 234 -16.95 7.86 -9.15
C ILE A 234 -18.40 7.43 -9.39
N PRO A 235 -19.25 7.35 -8.33
CA PRO A 235 -20.60 6.82 -8.49
C PRO A 235 -21.46 7.66 -9.43
N PRO A 236 -22.19 7.03 -10.38
CA PRO A 236 -23.12 7.75 -11.26
C PRO A 236 -24.25 8.38 -10.44
N SER A 237 -24.46 7.86 -9.22
CA SER A 237 -25.47 8.37 -8.25
C SER A 237 -25.20 9.82 -7.89
N LEU A 238 -23.96 10.32 -8.06
CA LEU A 238 -23.59 11.70 -7.70
C LEU A 238 -24.35 12.72 -8.57
N GLY A 239 -24.98 12.26 -9.67
CA GLY A 239 -25.90 13.07 -10.48
C GLY A 239 -27.10 13.51 -9.67
N GLY A 240 -27.39 12.79 -8.58
CA GLY A 240 -28.50 13.10 -7.64
C GLY A 240 -28.17 14.24 -6.70
N LEU A 241 -26.93 14.73 -6.68
CA LEU A 241 -26.53 15.86 -5.80
C LEU A 241 -27.05 17.17 -6.40
N THR A 242 -28.34 17.46 -6.23
CA THR A 242 -29.04 18.57 -6.91
C THR A 242 -28.36 19.92 -6.65
N ASN A 243 -27.92 20.19 -5.42
CA ASN A 243 -27.45 21.55 -5.05
C ASN A 243 -25.92 21.62 -4.99
N VAL A 244 -25.19 20.59 -5.42
CA VAL A 244 -23.71 20.54 -5.23
C VAL A 244 -23.05 21.64 -6.07
N VAL A 245 -22.15 22.42 -5.46
CA VAL A 245 -21.36 23.49 -6.15
C VAL A 245 -19.91 23.02 -6.29
N GLN A 246 -19.39 22.29 -5.31
CA GLN A 246 -17.95 21.90 -5.30
C GLN A 246 -17.81 20.40 -5.05
N ILE A 247 -17.10 19.69 -5.92
CA ILE A 247 -16.76 18.25 -5.71
C ILE A 247 -15.24 18.11 -5.77
N GLU A 248 -14.61 17.67 -4.68
CA GLU A 248 -13.15 17.47 -4.60
C GLU A 248 -12.87 15.99 -4.32
N LEU A 249 -12.30 15.27 -5.30
CA LEU A 249 -11.97 13.83 -5.18
C LEU A 249 -10.49 13.63 -5.49
N TYR A 250 -9.69 14.69 -5.42
CA TYR A 250 -8.28 14.64 -5.90
C TYR A 250 -7.40 13.83 -4.95
N ASN A 251 -6.33 13.28 -5.52
CA ASN A 251 -5.29 12.49 -4.80
C ASN A 251 -5.94 11.31 -4.06
N ASN A 252 -6.73 10.50 -4.76
CA ASN A 252 -7.25 9.21 -4.27
C ASN A 252 -6.71 8.11 -5.20
N SER A 253 -7.24 6.89 -5.11
CA SER A 253 -6.90 5.80 -6.06
C SER A 253 -8.14 5.47 -6.91
N LEU A 254 -8.92 6.47 -7.27
CA LEU A 254 -10.18 6.27 -8.05
C LEU A 254 -9.87 5.81 -9.48
N THR A 255 -10.69 4.89 -10.00
CA THR A 255 -10.54 4.31 -11.36
C THR A 255 -11.85 4.46 -12.11
N GLY A 256 -11.89 4.07 -13.38
CA GLY A 256 -13.13 4.06 -14.17
C GLY A 256 -13.38 5.42 -14.80
N GLU A 257 -14.49 5.53 -15.53
CA GLU A 257 -14.80 6.72 -16.37
C GLU A 257 -15.48 7.79 -15.51
N ILE A 258 -15.35 9.04 -15.92
CA ILE A 258 -16.07 10.18 -15.30
C ILE A 258 -17.52 10.05 -15.71
N PRO A 259 -18.47 9.90 -14.76
CA PRO A 259 -19.87 9.68 -15.11
C PRO A 259 -20.48 10.86 -15.87
N PRO A 260 -21.22 10.61 -16.97
CA PRO A 260 -21.91 11.67 -17.70
C PRO A 260 -23.04 12.29 -16.85
N GLU A 261 -23.50 11.59 -15.82
CA GLU A 261 -24.60 12.06 -14.91
C GLU A 261 -24.15 13.33 -14.18
N LEU A 262 -22.85 13.61 -14.11
CA LEU A 262 -22.32 14.86 -13.52
C LEU A 262 -22.84 16.07 -14.30
N GLY A 263 -23.23 15.87 -15.57
CA GLY A 263 -23.86 16.90 -16.41
C GLY A 263 -25.18 17.37 -15.83
N ASN A 264 -25.85 16.52 -15.05
CA ASN A 264 -27.18 16.82 -14.44
C ASN A 264 -27.03 17.81 -13.29
N LEU A 265 -25.80 18.08 -12.81
CA LEU A 265 -25.57 18.97 -11.64
C LEU A 265 -25.53 20.42 -12.13
N LYS A 266 -26.67 21.11 -12.03
CA LYS A 266 -26.85 22.49 -12.57
C LYS A 266 -25.98 23.49 -11.81
N SER A 267 -25.81 23.32 -10.50
CA SER A 267 -25.11 24.30 -9.64
C SER A 267 -23.60 24.00 -9.54
N LEU A 268 -23.13 22.89 -10.13
CA LEU A 268 -21.70 22.49 -10.04
C LEU A 268 -20.84 23.57 -10.71
N ARG A 269 -19.84 24.07 -9.99
CA ARG A 269 -18.92 25.12 -10.52
C ARG A 269 -17.46 24.65 -10.40
N LEU A 270 -17.12 23.87 -9.38
CA LEU A 270 -15.73 23.43 -9.15
C LEU A 270 -15.68 21.90 -9.06
N LEU A 271 -14.91 21.26 -9.93
CA LEU A 271 -14.67 19.79 -9.87
C LEU A 271 -13.17 19.53 -9.98
N ASP A 272 -12.60 18.82 -9.00
CA ASP A 272 -11.18 18.41 -9.03
C ASP A 272 -11.10 16.93 -8.69
N ALA A 273 -10.84 16.09 -9.70
CA ALA A 273 -10.65 14.64 -9.53
C ALA A 273 -9.25 14.29 -10.03
N SER A 274 -8.32 15.23 -9.86
CA SER A 274 -6.91 15.09 -10.32
C SER A 274 -6.16 14.07 -9.48
N MET A 275 -4.99 13.64 -9.95
CA MET A 275 -4.10 12.69 -9.23
C MET A 275 -4.89 11.42 -8.88
N ASN A 276 -5.63 10.89 -9.85
CA ASN A 276 -6.33 9.58 -9.72
C ASN A 276 -5.88 8.67 -10.87
N GLN A 277 -6.56 7.56 -11.10
CA GLN A 277 -6.26 6.64 -12.24
C GLN A 277 -7.47 6.57 -13.17
N LEU A 278 -8.18 7.69 -13.34
CA LEU A 278 -9.43 7.75 -14.15
C LEU A 278 -9.10 7.47 -15.61
N THR A 279 -9.96 6.71 -16.29
CA THR A 279 -9.77 6.27 -17.69
C THR A 279 -10.94 6.79 -18.53
N GLY A 280 -10.79 6.77 -19.85
CA GLY A 280 -11.88 7.13 -20.78
C GLY A 280 -11.88 8.61 -21.11
N LYS A 281 -12.97 9.11 -21.68
CA LYS A 281 -13.05 10.49 -22.22
C LYS A 281 -13.75 11.39 -21.20
N ILE A 282 -13.41 12.68 -21.20
CA ILE A 282 -14.13 13.71 -20.41
C ILE A 282 -15.49 13.89 -21.07
N PRO A 283 -16.62 13.63 -20.36
CA PRO A 283 -17.95 13.67 -20.96
C PRO A 283 -18.37 15.07 -21.43
N ASP A 284 -19.08 15.12 -22.56
CA ASP A 284 -19.58 16.38 -23.16
C ASP A 284 -20.59 17.01 -22.18
N GLU A 285 -21.40 16.18 -21.53
CA GLU A 285 -22.49 16.65 -20.63
C GLU A 285 -21.88 17.44 -19.46
N LEU A 286 -20.78 16.94 -18.90
CA LEU A 286 -20.03 17.66 -17.82
C LEU A 286 -19.54 19.00 -18.35
N CYS A 287 -18.95 19.00 -19.55
CA CYS A 287 -18.32 20.23 -20.14
C CYS A 287 -19.41 21.23 -20.51
N ARG A 288 -20.64 20.76 -20.75
CA ARG A 288 -21.80 21.65 -21.04
C ARG A 288 -22.16 22.47 -19.81
N VAL A 289 -21.96 21.93 -18.60
CA VAL A 289 -22.20 22.65 -17.30
C VAL A 289 -21.29 23.87 -17.27
N PRO A 290 -21.80 25.05 -16.84
CA PRO A 290 -20.99 26.28 -16.84
C PRO A 290 -19.97 26.33 -15.68
N LEU A 291 -18.95 25.47 -15.74
CA LEU A 291 -17.96 25.28 -14.65
C LEU A 291 -17.06 26.52 -14.51
N GLU A 292 -16.61 26.80 -13.29
CA GLU A 292 -15.60 27.84 -13.03
C GLU A 292 -14.20 27.21 -13.01
N SER A 293 -14.09 25.99 -12.51
CA SER A 293 -12.79 25.28 -12.38
C SER A 293 -12.97 23.80 -12.72
N LEU A 294 -12.20 23.29 -13.68
CA LEU A 294 -12.16 21.85 -13.99
C LEU A 294 -10.71 21.39 -13.90
N ASN A 295 -10.38 20.57 -12.91
CA ASN A 295 -9.02 20.00 -12.76
C ASN A 295 -9.14 18.47 -12.85
N LEU A 296 -8.55 17.88 -13.89
CA LEU A 296 -8.57 16.40 -14.09
C LEU A 296 -7.14 15.93 -14.38
N TYR A 297 -6.14 16.64 -13.86
CA TYR A 297 -4.71 16.40 -14.21
C TYR A 297 -4.20 15.11 -13.56
N GLU A 298 -3.11 14.58 -14.11
CA GLU A 298 -2.43 13.33 -13.64
C GLU A 298 -3.46 12.20 -13.53
N ASN A 299 -4.18 11.91 -14.62
CA ASN A 299 -5.07 10.72 -14.76
C ASN A 299 -4.61 9.94 -15.98
N ASN A 300 -5.40 8.95 -16.41
CA ASN A 300 -5.13 8.17 -17.64
C ASN A 300 -6.23 8.46 -18.67
N LEU A 301 -6.71 9.70 -18.70
CA LEU A 301 -7.82 10.11 -19.59
C LEU A 301 -7.34 10.15 -21.03
N GLU A 302 -8.24 9.90 -21.97
CA GLU A 302 -7.94 9.87 -23.42
C GLU A 302 -9.07 10.59 -24.16
N GLY A 303 -8.90 10.81 -25.47
CA GLY A 303 -9.94 11.38 -26.33
C GLY A 303 -9.85 12.89 -26.39
N GLU A 304 -10.82 13.53 -27.03
CA GLU A 304 -10.80 14.98 -27.30
C GLU A 304 -11.46 15.72 -26.13
N LEU A 305 -11.00 16.94 -25.85
CA LEU A 305 -11.68 17.82 -24.89
C LEU A 305 -12.91 18.38 -25.58
N PRO A 306 -14.14 18.14 -25.06
CA PRO A 306 -15.36 18.65 -25.67
C PRO A 306 -15.33 20.18 -25.78
N ALA A 307 -15.78 20.70 -26.92
CA ALA A 307 -15.76 22.15 -27.24
C ALA A 307 -16.75 22.89 -26.33
N SER A 308 -17.66 22.15 -25.70
CA SER A 308 -18.70 22.69 -24.78
C SER A 308 -18.05 23.48 -23.64
N ILE A 309 -16.84 23.10 -23.22
CA ILE A 309 -16.17 23.74 -22.05
C ILE A 309 -16.02 25.25 -22.31
N ALA A 310 -15.81 25.66 -23.55
CA ALA A 310 -15.65 27.07 -23.97
C ALA A 310 -16.97 27.83 -23.78
N LEU A 311 -18.11 27.14 -23.74
CA LEU A 311 -19.44 27.75 -23.57
C LEU A 311 -19.54 28.42 -22.19
N SER A 312 -18.94 27.85 -21.15
CA SER A 312 -19.05 28.37 -19.77
C SER A 312 -18.57 29.82 -19.72
N PRO A 313 -19.37 30.75 -19.16
CA PRO A 313 -18.95 32.13 -18.95
C PRO A 313 -18.17 32.33 -17.65
N ASN A 314 -17.98 31.27 -16.84
CA ASN A 314 -17.39 31.35 -15.49
C ASN A 314 -16.01 30.70 -15.42
N LEU A 315 -15.50 30.11 -16.51
CA LEU A 315 -14.26 29.28 -16.47
C LEU A 315 -13.04 30.17 -16.27
N TYR A 316 -12.32 29.97 -15.15
CA TYR A 316 -11.04 30.65 -14.89
C TYR A 316 -9.91 29.62 -14.75
N GLU A 317 -10.24 28.34 -14.55
CA GLU A 317 -9.20 27.33 -14.24
C GLU A 317 -9.47 26.04 -15.01
N ILE A 318 -8.54 25.63 -15.87
CA ILE A 318 -8.61 24.28 -16.51
C ILE A 318 -7.21 23.66 -16.42
N ARG A 319 -7.07 22.65 -15.57
CA ARG A 319 -5.78 21.93 -15.38
C ARG A 319 -6.03 20.45 -15.69
N ILE A 320 -5.72 20.02 -16.91
CA ILE A 320 -5.99 18.65 -17.40
C ILE A 320 -4.67 18.04 -17.89
N PHE A 321 -3.54 18.52 -17.37
CA PHE A 321 -2.19 18.06 -17.78
C PHE A 321 -1.97 16.61 -17.33
N GLY A 322 -1.02 15.92 -17.94
CA GLY A 322 -0.66 14.54 -17.54
C GLY A 322 -1.71 13.53 -17.95
N ASN A 323 -2.33 13.71 -19.12
CA ASN A 323 -3.28 12.72 -19.69
C ASN A 323 -2.84 12.37 -21.12
N ARG A 324 -3.62 11.55 -21.81
CA ARG A 324 -3.37 11.16 -23.22
C ARG A 324 -4.43 11.79 -24.11
N LEU A 325 -4.85 13.02 -23.79
CA LEU A 325 -5.93 13.73 -24.53
C LEU A 325 -5.42 14.08 -25.94
N THR A 326 -6.25 13.87 -26.95
CA THR A 326 -5.89 14.04 -28.39
C THR A 326 -6.75 15.13 -29.00
N GLY A 327 -6.38 15.60 -30.18
CA GLY A 327 -7.15 16.59 -30.94
C GLY A 327 -6.76 18.00 -30.57
N GLY A 328 -7.59 18.98 -30.94
CA GLY A 328 -7.29 20.41 -30.73
C GLY A 328 -8.06 20.98 -29.56
N LEU A 329 -7.58 22.09 -29.02
CA LEU A 329 -8.30 22.83 -27.95
C LEU A 329 -9.51 23.48 -28.58
N PRO A 330 -10.59 23.74 -27.81
CA PRO A 330 -11.77 24.43 -28.33
C PRO A 330 -11.41 25.79 -28.93
N LYS A 331 -11.96 26.09 -30.10
CA LYS A 331 -11.64 27.30 -30.89
C LYS A 331 -12.02 28.55 -30.08
N ASP A 332 -13.11 28.50 -29.31
CA ASP A 332 -13.67 29.69 -28.62
C ASP A 332 -13.18 29.75 -27.15
N LEU A 333 -12.21 28.92 -26.77
CA LEU A 333 -11.70 28.90 -25.37
C LEU A 333 -11.15 30.28 -25.01
N GLY A 334 -11.66 30.86 -23.92
CA GLY A 334 -11.21 32.16 -23.37
C GLY A 334 -12.01 33.31 -23.92
N LEU A 335 -12.78 33.08 -24.98
CA LEU A 335 -13.57 34.14 -25.66
C LEU A 335 -14.68 34.62 -24.73
N ASN A 336 -15.39 33.71 -24.06
CA ASN A 336 -16.58 34.05 -23.24
C ASN A 336 -16.31 33.88 -21.75
N SER A 337 -15.09 33.53 -21.34
CA SER A 337 -14.77 33.22 -19.91
C SER A 337 -13.52 33.99 -19.48
N PRO A 338 -13.43 34.39 -18.19
CA PRO A 338 -12.23 35.04 -17.67
C PRO A 338 -11.14 34.01 -17.34
N LEU A 339 -10.60 33.35 -18.36
CA LEU A 339 -9.58 32.27 -18.20
C LEU A 339 -8.36 32.88 -17.52
N ARG A 340 -7.95 32.28 -16.39
CA ARG A 340 -6.81 32.76 -15.58
C ARG A 340 -5.70 31.72 -15.65
N TRP A 341 -6.05 30.44 -15.57
CA TRP A 341 -5.07 29.34 -15.50
C TRP A 341 -5.42 28.26 -16.51
N LEU A 342 -4.53 28.03 -17.48
CA LEU A 342 -4.67 26.94 -18.48
C LEU A 342 -3.43 26.06 -18.39
N ASP A 343 -3.59 24.78 -18.09
CA ASP A 343 -2.46 23.82 -18.12
C ASP A 343 -2.94 22.55 -18.84
N VAL A 344 -2.49 22.36 -20.08
CA VAL A 344 -2.84 21.17 -20.90
C VAL A 344 -1.54 20.42 -21.20
N SER A 345 -0.51 20.62 -20.38
CA SER A 345 0.85 20.05 -20.60
C SER A 345 0.82 18.52 -20.56
N GLU A 346 1.83 17.87 -21.15
CA GLU A 346 1.99 16.39 -21.15
C GLU A 346 0.70 15.73 -21.65
N ASN A 347 0.22 16.15 -22.82
CA ASN A 347 -0.93 15.53 -23.54
C ASN A 347 -0.51 15.31 -25.00
N GLU A 348 -1.42 14.85 -25.85
CA GLU A 348 -1.17 14.64 -27.30
C GLU A 348 -2.00 15.65 -28.11
N PHE A 349 -2.20 16.86 -27.58
CA PHE A 349 -2.98 17.92 -28.26
C PHE A 349 -2.24 18.39 -29.52
N SER A 350 -2.99 18.71 -30.57
CA SER A 350 -2.46 19.13 -31.88
C SER A 350 -3.21 20.36 -32.38
N GLY A 351 -2.65 21.05 -33.37
CA GLY A 351 -3.34 22.15 -34.07
C GLY A 351 -2.96 23.50 -33.49
N ASP A 352 -3.58 24.57 -34.00
CA ASP A 352 -3.24 25.95 -33.59
C ASP A 352 -3.77 26.19 -32.18
N LEU A 353 -3.10 27.03 -31.42
CA LEU A 353 -3.64 27.55 -30.13
C LEU A 353 -4.92 28.33 -30.45
N PRO A 354 -5.96 28.26 -29.59
CA PRO A 354 -7.14 29.10 -29.77
C PRO A 354 -6.74 30.58 -29.79
N ALA A 355 -7.41 31.39 -30.62
CA ALA A 355 -7.02 32.78 -30.93
C ALA A 355 -7.42 33.77 -29.82
N ASP A 356 -8.34 33.39 -28.92
CA ASP A 356 -8.95 34.36 -27.98
C ASP A 356 -8.88 33.88 -26.52
N LEU A 357 -7.78 33.22 -26.13
CA LEU A 357 -7.58 32.70 -24.74
C LEU A 357 -7.61 33.85 -23.73
N CYS A 358 -7.04 35.01 -24.06
CA CYS A 358 -6.91 36.17 -23.15
C CYS A 358 -7.88 37.28 -23.57
N ALA A 359 -9.03 36.91 -24.15
CA ALA A 359 -10.06 37.87 -24.62
C ALA A 359 -10.55 38.72 -23.44
N LYS A 360 -10.71 38.12 -22.25
CA LYS A 360 -11.25 38.82 -21.06
C LYS A 360 -10.11 39.47 -20.26
N GLY A 361 -8.85 39.28 -20.69
CA GLY A 361 -7.67 40.00 -20.16
C GLY A 361 -7.26 39.52 -18.77
N GLU A 362 -7.55 38.27 -18.40
CA GLU A 362 -7.24 37.76 -17.05
C GLU A 362 -6.29 36.56 -17.10
N LEU A 363 -5.80 36.17 -18.28
CA LEU A 363 -4.94 34.95 -18.38
C LEU A 363 -3.58 35.22 -17.74
N GLU A 364 -3.20 34.44 -16.74
CA GLU A 364 -1.92 34.60 -16.01
C GLU A 364 -0.96 33.48 -16.38
N GLU A 365 -1.47 32.27 -16.61
CA GLU A 365 -0.59 31.10 -16.84
C GLU A 365 -1.01 30.38 -18.12
N LEU A 366 -0.09 30.31 -19.07
CA LEU A 366 -0.27 29.52 -20.32
C LEU A 366 0.76 28.39 -20.30
N LEU A 367 0.32 27.16 -20.03
CA LEU A 367 1.24 26.01 -19.85
C LEU A 367 0.80 24.90 -20.79
N ILE A 368 1.53 24.68 -21.88
CA ILE A 368 1.13 23.72 -22.95
C ILE A 368 2.30 22.82 -23.32
N ILE A 369 3.26 22.61 -22.42
CA ILE A 369 4.52 21.88 -22.74
C ILE A 369 4.20 20.41 -23.06
N HIS A 370 5.06 19.79 -23.88
CA HIS A 370 5.00 18.35 -24.27
C HIS A 370 3.67 18.04 -24.96
N ASN A 371 3.32 18.87 -25.96
CA ASN A 371 2.17 18.64 -26.87
C ASN A 371 2.66 18.80 -28.32
N SER A 372 1.81 18.53 -29.30
CA SER A 372 2.14 18.67 -30.75
C SER A 372 1.45 19.91 -31.33
N PHE A 373 1.31 20.98 -30.55
CA PHE A 373 0.69 22.24 -31.01
C PHE A 373 1.53 22.83 -32.14
N SER A 374 0.87 23.32 -33.19
CA SER A 374 1.51 23.82 -34.43
C SER A 374 1.05 25.25 -34.72
N GLY A 375 1.69 25.89 -35.68
CA GLY A 375 1.27 27.22 -36.16
C GLY A 375 1.97 28.31 -35.39
N VAL A 376 1.42 29.52 -35.43
CA VAL A 376 2.07 30.74 -34.88
C VAL A 376 1.40 31.08 -33.54
N ILE A 377 2.08 31.83 -32.70
CA ILE A 377 1.47 32.37 -31.45
C ILE A 377 0.38 33.32 -31.89
N PRO A 378 -0.86 33.21 -31.34
CA PRO A 378 -1.92 34.16 -31.67
C PRO A 378 -1.49 35.60 -31.37
N GLU A 379 -1.78 36.53 -32.27
CA GLU A 379 -1.33 37.94 -32.20
C GLU A 379 -2.01 38.62 -31.00
N SER A 380 -3.19 38.14 -30.61
CA SER A 380 -3.96 38.65 -29.45
C SER A 380 -3.12 38.60 -28.17
N LEU A 381 -2.31 37.54 -28.02
CA LEU A 381 -1.50 37.30 -26.80
C LEU A 381 -0.45 38.41 -26.62
N ALA A 382 -0.14 39.18 -27.66
CA ALA A 382 0.75 40.36 -27.57
C ALA A 382 0.12 41.42 -26.67
N ASP A 383 -1.21 41.43 -26.55
CA ASP A 383 -1.93 42.42 -25.70
C ASP A 383 -2.35 41.80 -24.36
N CYS A 384 -2.01 40.54 -24.09
CA CYS A 384 -2.36 39.84 -22.81
C CYS A 384 -1.34 40.21 -21.74
N ARG A 385 -1.48 41.38 -21.12
CA ARG A 385 -0.50 41.91 -20.14
C ARG A 385 -0.70 41.23 -18.78
N SER A 386 -1.77 40.45 -18.62
CA SER A 386 -2.07 39.67 -17.40
C SER A 386 -1.08 38.51 -17.22
N LEU A 387 -0.50 37.99 -18.31
CA LEU A 387 0.32 36.75 -18.26
C LEU A 387 1.54 36.92 -17.34
N THR A 388 1.82 35.90 -16.52
CA THR A 388 2.98 35.88 -15.59
C THR A 388 3.89 34.68 -15.89
N ARG A 389 3.33 33.57 -16.38
CA ARG A 389 4.10 32.33 -16.66
C ARG A 389 3.71 31.78 -18.03
N ILE A 390 4.65 31.75 -18.96
CA ILE A 390 4.40 31.27 -20.36
C ILE A 390 5.35 30.09 -20.62
N ARG A 391 4.78 28.91 -20.85
CA ARG A 391 5.57 27.69 -21.18
C ARG A 391 4.97 27.05 -22.42
N LEU A 392 5.54 27.34 -23.59
CA LEU A 392 5.07 26.80 -24.90
C LEU A 392 6.06 25.74 -25.37
N ALA A 393 6.91 25.24 -24.47
CA ALA A 393 8.06 24.36 -24.84
C ALA A 393 7.59 22.98 -25.31
N TYR A 394 8.44 22.31 -26.09
CA TYR A 394 8.25 20.91 -26.59
C TYR A 394 6.95 20.83 -27.40
N ASN A 395 6.81 21.75 -28.35
CA ASN A 395 5.69 21.76 -29.33
C ASN A 395 6.28 21.90 -30.74
N ARG A 396 5.44 21.90 -31.77
CA ARG A 396 5.85 22.04 -33.20
C ARG A 396 5.51 23.45 -33.68
N PHE A 397 5.59 24.47 -32.82
CA PHE A 397 5.25 25.87 -33.19
C PHE A 397 6.26 26.40 -34.19
N SER A 398 5.82 27.32 -35.03
CA SER A 398 6.65 27.93 -36.11
C SER A 398 6.34 29.43 -36.18
N GLY A 399 7.08 30.15 -37.01
CA GLY A 399 6.83 31.56 -37.30
C GLY A 399 7.50 32.48 -36.31
N SER A 400 7.38 33.78 -36.55
CA SER A 400 7.96 34.84 -35.67
C SER A 400 7.10 34.98 -34.42
N VAL A 401 7.72 35.32 -33.30
CA VAL A 401 6.99 35.65 -32.05
C VAL A 401 6.41 37.05 -32.25
N PRO A 402 5.12 37.30 -31.92
CA PRO A 402 4.54 38.64 -32.00
C PRO A 402 5.35 39.64 -31.17
N THR A 403 5.50 40.85 -31.67
CA THR A 403 6.36 41.91 -31.06
C THR A 403 5.98 42.13 -29.59
N GLY A 404 4.68 42.29 -29.31
CA GLY A 404 4.17 42.60 -27.95
C GLY A 404 4.49 41.50 -26.96
N PHE A 405 4.45 40.23 -27.40
CA PHE A 405 4.64 39.05 -26.53
C PHE A 405 6.00 39.14 -25.82
N TRP A 406 7.03 39.65 -26.49
CA TRP A 406 8.39 39.82 -25.92
C TRP A 406 8.32 40.80 -24.75
N GLY A 407 7.49 41.84 -24.84
CA GLY A 407 7.50 42.98 -23.91
C GLY A 407 6.43 42.91 -22.82
N LEU A 408 5.73 41.78 -22.67
CA LEU A 408 4.65 41.66 -21.65
C LEU A 408 5.21 41.97 -20.27
N PRO A 409 4.56 42.90 -19.51
CA PRO A 409 5.14 43.45 -18.27
C PRO A 409 5.26 42.55 -17.04
N HIS A 410 4.36 41.60 -16.82
CA HIS A 410 4.33 40.77 -15.58
C HIS A 410 4.87 39.36 -15.81
N VAL A 411 5.36 39.04 -17.01
CA VAL A 411 5.86 37.68 -17.32
C VAL A 411 7.17 37.46 -16.57
N ASN A 412 7.24 36.40 -15.76
CA ASN A 412 8.42 36.04 -14.95
C ASN A 412 9.24 35.00 -15.71
N LEU A 413 8.56 34.04 -16.34
CA LEU A 413 9.20 32.97 -17.13
C LEU A 413 8.61 32.94 -18.54
N LEU A 414 9.46 33.10 -19.55
CA LEU A 414 9.11 32.88 -20.97
C LEU A 414 9.92 31.70 -21.49
N GLU A 415 9.27 30.58 -21.80
CA GLU A 415 9.96 29.36 -22.27
C GLU A 415 9.37 28.93 -23.61
N LEU A 416 10.14 29.09 -24.69
CA LEU A 416 9.72 28.74 -26.07
C LEU A 416 10.61 27.59 -26.58
N VAL A 417 11.28 26.88 -25.67
CA VAL A 417 12.33 25.87 -25.98
C VAL A 417 11.73 24.74 -26.83
N ASN A 418 12.54 24.16 -27.72
CA ASN A 418 12.21 22.98 -28.55
C ASN A 418 10.97 23.26 -29.42
N ASN A 419 10.99 24.38 -30.13
CA ASN A 419 9.99 24.72 -31.19
C ASN A 419 10.78 25.09 -32.46
N SER A 420 10.09 25.54 -33.51
CA SER A 420 10.74 26.03 -34.76
C SER A 420 10.48 27.53 -34.90
N PHE A 421 10.38 28.25 -33.79
CA PHE A 421 10.17 29.72 -33.79
C PHE A 421 11.32 30.39 -34.54
N SER A 422 11.00 31.37 -35.38
CA SER A 422 12.02 32.11 -36.17
C SER A 422 11.86 33.59 -35.90
N GLY A 423 12.57 34.40 -36.67
CA GLY A 423 12.57 35.86 -36.53
C GLY A 423 13.58 36.28 -35.48
N GLU A 424 13.48 37.52 -35.02
CA GLU A 424 14.44 38.10 -34.06
C GLU A 424 13.72 38.37 -32.74
N ILE A 425 14.46 38.50 -31.65
CA ILE A 425 13.92 39.06 -30.39
C ILE A 425 13.70 40.56 -30.65
N SER A 426 12.48 41.04 -30.47
CA SER A 426 12.11 42.44 -30.75
C SER A 426 12.75 43.35 -29.70
N LYS A 427 12.88 44.64 -30.01
CA LYS A 427 13.36 45.66 -29.04
C LYS A 427 12.32 45.83 -27.93
N SER A 428 11.13 45.26 -28.12
CA SER A 428 10.01 45.28 -27.14
C SER A 428 10.40 44.52 -25.87
N ILE A 429 11.42 43.64 -25.93
CA ILE A 429 11.91 42.82 -24.79
C ILE A 429 12.22 43.74 -23.60
N GLY A 430 12.63 44.99 -23.85
CA GLY A 430 12.91 45.99 -22.80
C GLY A 430 11.72 46.25 -21.89
N GLY A 431 10.50 45.98 -22.37
CA GLY A 431 9.26 46.19 -21.60
C GLY A 431 8.98 45.05 -20.63
N ALA A 432 9.75 43.96 -20.69
CA ALA A 432 9.56 42.79 -19.80
C ALA A 432 10.21 43.08 -18.44
N SER A 433 9.59 43.98 -17.67
CA SER A 433 10.11 44.51 -16.38
C SER A 433 10.30 43.36 -15.37
N ASN A 434 9.41 42.37 -15.38
CA ASN A 434 9.41 41.29 -14.36
C ASN A 434 10.08 40.02 -14.89
N LEU A 435 10.65 40.03 -16.09
CA LEU A 435 11.23 38.79 -16.69
C LEU A 435 12.48 38.37 -15.92
N SER A 436 12.49 37.13 -15.42
CA SER A 436 13.61 36.55 -14.65
C SER A 436 14.27 35.44 -15.47
N LEU A 437 13.48 34.56 -16.09
CA LEU A 437 14.01 33.41 -16.85
C LEU A 437 13.57 33.52 -18.31
N LEU A 438 14.53 33.68 -19.23
CA LEU A 438 14.27 33.68 -20.69
C LEU A 438 14.91 32.44 -21.28
N ILE A 439 14.12 31.49 -21.77
CA ILE A 439 14.64 30.20 -22.32
C ILE A 439 14.10 30.04 -23.74
N LEU A 440 14.97 30.20 -24.74
CA LEU A 440 14.61 30.22 -26.18
C LEU A 440 15.39 29.12 -26.92
N SER A 441 15.96 28.17 -26.18
CA SER A 441 16.89 27.15 -26.73
C SER A 441 16.21 26.24 -27.74
N ASN A 442 16.96 25.73 -28.71
CA ASN A 442 16.53 24.73 -29.74
C ASN A 442 15.37 25.29 -30.57
N ASN A 443 15.54 26.50 -31.12
CA ASN A 443 14.61 27.09 -32.11
C ASN A 443 15.39 27.50 -33.37
N GLU A 444 14.79 28.28 -34.26
CA GLU A 444 15.43 28.79 -35.50
C GLU A 444 15.58 30.31 -35.39
N PHE A 445 15.72 30.86 -34.18
CA PHE A 445 15.80 32.33 -33.99
C PHE A 445 17.06 32.85 -34.69
N THR A 446 16.95 34.00 -35.35
CA THR A 446 18.05 34.65 -36.11
C THR A 446 18.22 36.07 -35.63
N GLY A 447 19.34 36.71 -35.97
CA GLY A 447 19.56 38.14 -35.75
C GLY A 447 20.44 38.38 -34.55
N SER A 448 20.64 39.65 -34.21
CA SER A 448 21.47 40.08 -33.05
C SER A 448 20.57 40.15 -31.81
N LEU A 449 21.13 39.86 -30.64
CA LEU A 449 20.42 40.13 -29.37
C LEU A 449 20.17 41.63 -29.29
N PRO A 450 18.93 42.07 -29.04
CA PRO A 450 18.63 43.51 -28.95
C PRO A 450 19.34 44.16 -27.76
N GLU A 451 19.73 45.43 -27.89
CA GLU A 451 20.40 46.20 -26.80
C GLU A 451 19.45 46.29 -25.61
N GLU A 452 18.14 46.23 -25.85
CA GLU A 452 17.14 46.43 -24.77
C GLU A 452 17.12 45.22 -23.83
N ILE A 453 17.75 44.09 -24.21
CA ILE A 453 17.83 42.89 -23.34
C ILE A 453 18.61 43.26 -22.06
N GLY A 454 19.58 44.17 -22.16
CA GLY A 454 20.37 44.68 -21.03
C GLY A 454 19.57 45.57 -20.09
N SER A 455 18.44 46.10 -20.54
CA SER A 455 17.55 46.95 -19.71
C SER A 455 16.79 46.09 -18.71
N LEU A 456 16.84 44.77 -18.86
CA LEU A 456 16.20 43.80 -17.94
C LEU A 456 17.13 43.56 -16.75
N ASP A 457 17.10 44.46 -15.76
CA ASP A 457 18.00 44.44 -14.58
C ASP A 457 17.75 43.18 -13.74
N ASN A 458 16.53 42.67 -13.73
CA ASN A 458 16.13 41.50 -12.90
C ASN A 458 16.35 40.18 -13.65
N LEU A 459 16.92 40.20 -14.86
CA LEU A 459 17.08 38.94 -15.64
C LEU A 459 18.07 38.03 -14.91
N ASN A 460 17.71 36.77 -14.71
CA ASN A 460 18.52 35.79 -13.95
C ASN A 460 19.06 34.72 -14.89
N GLN A 461 18.27 34.29 -15.88
CA GLN A 461 18.69 33.24 -16.83
C GLN A 461 18.44 33.70 -18.27
N LEU A 462 19.46 33.64 -19.12
CA LEU A 462 19.31 33.80 -20.58
C LEU A 462 19.85 32.54 -21.23
N SER A 463 18.97 31.65 -21.68
CA SER A 463 19.38 30.42 -22.39
C SER A 463 18.80 30.43 -23.80
N ALA A 464 19.64 30.57 -24.83
CA ALA A 464 19.22 30.70 -26.24
C ALA A 464 20.06 29.76 -27.12
N SER A 465 20.38 28.58 -26.61
CA SER A 465 21.26 27.61 -27.32
C SER A 465 20.53 27.05 -28.54
N GLY A 466 21.27 26.47 -29.50
CA GLY A 466 20.73 25.78 -30.68
C GLY A 466 19.89 26.72 -31.54
N ASN A 467 20.33 27.97 -31.71
CA ASN A 467 19.64 28.97 -32.56
C ASN A 467 20.62 29.45 -33.64
N LYS A 468 20.19 30.35 -34.51
CA LYS A 468 21.03 30.95 -35.57
C LYS A 468 21.26 32.42 -35.25
N PHE A 469 21.28 32.76 -33.95
CA PHE A 469 21.57 34.14 -33.48
C PHE A 469 22.98 34.52 -33.93
N SER A 470 23.19 35.79 -34.26
CA SER A 470 24.48 36.28 -34.81
C SER A 470 24.83 37.65 -34.23
N GLY A 471 26.02 38.14 -34.55
CA GLY A 471 26.47 39.50 -34.23
C GLY A 471 27.25 39.53 -32.94
N SER A 472 27.86 40.69 -32.65
CA SER A 472 28.55 40.98 -31.38
C SER A 472 27.51 41.03 -30.26
N LEU A 473 27.88 40.56 -29.07
CA LEU A 473 26.99 40.68 -27.89
C LEU A 473 26.75 42.16 -27.64
N PRO A 474 25.50 42.56 -27.34
CA PRO A 474 25.23 43.95 -26.97
C PRO A 474 26.01 44.31 -25.70
N ASP A 475 26.51 45.54 -25.62
CA ASP A 475 27.29 46.01 -24.45
C ASP A 475 26.43 45.95 -23.19
N SER A 476 25.13 46.22 -23.33
CA SER A 476 24.16 46.22 -22.20
C SER A 476 24.08 44.83 -21.54
N LEU A 477 24.33 43.75 -22.29
CA LEU A 477 24.23 42.38 -21.72
C LEU A 477 25.19 42.25 -20.54
N MET A 478 26.37 42.87 -20.62
CA MET A 478 27.39 42.85 -19.54
C MET A 478 26.91 43.64 -18.32
N SER A 479 25.97 44.57 -18.48
CA SER A 479 25.40 45.38 -17.39
C SER A 479 24.50 44.52 -16.48
N LEU A 480 24.17 43.29 -16.85
CA LEU A 480 23.18 42.45 -16.10
C LEU A 480 23.85 41.83 -14.87
N GLY A 481 23.58 42.39 -13.69
CA GLY A 481 24.25 42.02 -12.43
C GLY A 481 23.50 40.94 -11.68
N GLU A 482 22.30 40.59 -12.14
CA GLU A 482 21.48 39.53 -11.49
C GLU A 482 21.51 38.26 -12.34
N LEU A 483 22.31 38.25 -13.41
CA LEU A 483 22.37 37.10 -14.34
C LEU A 483 23.22 36.00 -13.71
N GLY A 484 22.65 34.80 -13.57
CA GLY A 484 23.37 33.63 -13.01
C GLY A 484 23.69 32.62 -14.08
N THR A 485 22.88 32.57 -15.13
CA THR A 485 23.10 31.61 -16.25
C THR A 485 23.06 32.35 -17.59
N LEU A 486 24.14 32.26 -18.36
CA LEU A 486 24.18 32.76 -19.75
C LEU A 486 24.61 31.59 -20.64
N ASP A 487 23.66 31.02 -21.38
CA ASP A 487 23.94 29.89 -22.31
C ASP A 487 23.58 30.33 -23.72
N LEU A 488 24.60 30.59 -24.56
CA LEU A 488 24.41 31.04 -25.95
C LEU A 488 25.12 30.07 -26.89
N HIS A 489 25.32 28.82 -26.47
CA HIS A 489 26.10 27.82 -27.23
C HIS A 489 25.33 27.42 -28.49
N GLY A 490 26.06 26.98 -29.53
CA GLY A 490 25.47 26.53 -30.81
C GLY A 490 24.79 27.67 -31.54
N ASN A 491 25.40 28.84 -31.58
CA ASN A 491 24.88 30.00 -32.34
C ASN A 491 25.95 30.50 -33.31
N GLN A 492 25.74 31.65 -33.93
CA GLN A 492 26.71 32.26 -34.88
C GLN A 492 27.20 33.59 -34.29
N PHE A 493 27.22 33.70 -32.96
CA PHE A 493 27.65 34.96 -32.29
C PHE A 493 29.10 35.24 -32.69
N SER A 494 29.43 36.50 -32.93
CA SER A 494 30.77 36.92 -33.39
C SER A 494 31.26 38.06 -32.51
N GLY A 495 32.50 38.49 -32.70
CA GLY A 495 33.04 39.66 -31.99
C GLY A 495 33.83 39.24 -30.76
N GLU A 496 34.13 40.20 -29.90
CA GLU A 496 35.06 40.00 -28.76
C GLU A 496 34.30 40.26 -27.46
N LEU A 497 34.64 39.53 -26.41
CA LEU A 497 34.19 39.83 -25.02
C LEU A 497 34.95 41.07 -24.57
N THR A 498 34.37 41.89 -23.69
CA THR A 498 34.98 43.16 -23.24
C THR A 498 35.31 43.07 -21.76
N SER A 499 35.92 44.11 -21.20
CA SER A 499 36.21 44.25 -19.75
C SER A 499 34.89 44.35 -18.96
N GLY A 500 33.77 44.61 -19.64
CA GLY A 500 32.44 44.74 -19.04
C GLY A 500 31.95 43.45 -18.42
N ILE A 501 32.61 42.32 -18.71
CA ILE A 501 32.25 40.99 -18.14
C ILE A 501 32.39 41.04 -16.60
N LYS A 502 33.15 42.01 -16.08
CA LYS A 502 33.36 42.19 -14.62
C LYS A 502 32.01 42.42 -13.93
N SER A 503 31.05 43.03 -14.61
CA SER A 503 29.71 43.36 -14.03
C SER A 503 28.84 42.11 -13.87
N TRP A 504 29.23 40.96 -14.42
CA TRP A 504 28.50 39.69 -14.21
C TRP A 504 28.90 39.10 -12.85
N LYS A 505 28.64 39.83 -11.79
CA LYS A 505 29.10 39.49 -10.41
C LYS A 505 28.37 38.25 -9.89
N LYS A 506 27.13 38.02 -10.32
CA LYS A 506 26.32 36.87 -9.82
C LYS A 506 26.28 35.75 -10.85
N LEU A 507 27.13 35.77 -11.88
CA LEU A 507 27.09 34.74 -12.96
C LEU A 507 27.75 33.44 -12.49
N ASN A 508 27.00 32.33 -12.55
CA ASN A 508 27.47 30.98 -12.15
C ASN A 508 27.89 30.19 -13.37
N GLU A 509 27.17 30.33 -14.49
CA GLU A 509 27.46 29.55 -15.72
C GLU A 509 27.62 30.50 -16.91
N LEU A 510 28.73 30.41 -17.62
CA LEU A 510 28.93 31.11 -18.91
C LEU A 510 29.20 30.05 -19.97
N ASN A 511 28.27 29.84 -20.89
CA ASN A 511 28.48 28.90 -22.02
C ASN A 511 28.35 29.68 -23.33
N LEU A 512 29.49 29.96 -23.97
CA LEU A 512 29.55 30.67 -25.28
C LEU A 512 30.12 29.71 -26.32
N ALA A 513 30.00 28.41 -26.08
CA ALA A 513 30.64 27.38 -26.92
C ALA A 513 29.95 27.26 -28.29
N ASP A 514 30.68 26.75 -29.28
CA ASP A 514 30.22 26.51 -30.67
C ASP A 514 29.66 27.83 -31.24
N ASN A 515 30.44 28.91 -31.12
CA ASN A 515 30.11 30.21 -31.76
C ASN A 515 31.27 30.63 -32.66
N GLU A 516 31.32 31.90 -33.06
CA GLU A 516 32.43 32.44 -33.89
C GLU A 516 33.08 33.61 -33.14
N PHE A 517 33.23 33.47 -31.83
CA PHE A 517 33.80 34.55 -30.97
C PHE A 517 35.29 34.71 -31.27
N THR A 518 35.76 35.97 -31.29
CA THR A 518 37.18 36.30 -31.58
C THR A 518 37.69 37.22 -30.48
N GLY A 519 39.02 37.38 -30.38
CA GLY A 519 39.63 38.28 -29.39
C GLY A 519 40.22 37.51 -28.23
N LYS A 520 40.87 38.21 -27.29
CA LYS A 520 41.45 37.61 -26.07
C LYS A 520 40.34 37.37 -25.04
N ILE A 521 40.44 36.30 -24.25
CA ILE A 521 39.58 36.12 -23.05
C ILE A 521 39.92 37.25 -22.10
N PRO A 522 38.96 38.10 -21.68
CA PRO A 522 39.27 39.27 -20.86
C PRO A 522 39.82 38.88 -19.48
N ASP A 523 40.72 39.70 -18.92
CA ASP A 523 41.39 39.44 -17.62
C ASP A 523 40.35 39.54 -16.50
N GLU A 524 39.24 40.22 -16.73
CA GLU A 524 38.18 40.44 -15.71
C GLU A 524 37.42 39.13 -15.44
N ILE A 525 37.67 38.05 -16.19
CA ILE A 525 37.04 36.72 -15.95
C ILE A 525 37.32 36.29 -14.51
N GLY A 526 38.52 36.59 -13.98
CA GLY A 526 38.92 36.24 -12.60
C GLY A 526 38.11 36.96 -11.54
N SER A 527 37.53 38.13 -11.87
CA SER A 527 36.71 38.95 -10.93
C SER A 527 35.36 38.27 -10.68
N LEU A 528 35.00 37.22 -11.42
CA LEU A 528 33.67 36.57 -11.29
C LEU A 528 33.72 35.53 -10.17
N SER A 529 33.37 35.94 -8.94
CA SER A 529 33.52 35.13 -7.70
C SER A 529 32.61 33.89 -7.72
N VAL A 530 31.41 33.96 -8.31
CA VAL A 530 30.44 32.82 -8.24
C VAL A 530 30.44 32.02 -9.54
N LEU A 531 31.36 32.26 -10.46
CA LEU A 531 31.48 31.48 -11.72
C LEU A 531 32.09 30.11 -11.43
N ASN A 532 31.36 29.03 -11.68
CA ASN A 532 31.84 27.64 -11.43
C ASN A 532 31.84 26.83 -12.73
N TYR A 533 31.12 27.30 -13.75
CA TYR A 533 31.01 26.58 -15.05
C TYR A 533 31.37 27.55 -16.19
N LEU A 534 32.44 27.26 -16.92
CA LEU A 534 32.90 28.11 -18.05
C LEU A 534 33.16 27.25 -19.28
N ASP A 535 32.39 27.45 -20.35
CA ASP A 535 32.63 26.80 -21.66
C ASP A 535 32.79 27.89 -22.73
N LEU A 536 34.02 28.03 -23.24
CA LEU A 536 34.33 28.96 -24.35
C LEU A 536 34.85 28.14 -25.53
N SER A 537 34.53 26.84 -25.53
CA SER A 537 35.03 25.87 -26.55
C SER A 537 34.39 26.16 -27.92
N GLY A 538 35.01 25.69 -28.99
CA GLY A 538 34.49 25.86 -30.37
C GLY A 538 34.36 27.33 -30.72
N ASN A 539 35.40 28.12 -30.47
CA ASN A 539 35.44 29.56 -30.87
C ASN A 539 36.82 29.86 -31.47
N MET A 540 37.10 31.13 -31.74
CA MET A 540 38.43 31.57 -32.25
C MET A 540 39.09 32.52 -31.23
N PHE A 541 38.89 32.27 -29.94
CA PHE A 541 39.50 33.08 -28.86
C PHE A 541 41.01 33.00 -29.01
N SER A 542 41.71 34.13 -28.84
CA SER A 542 43.16 34.23 -29.14
C SER A 542 43.91 34.83 -27.95
N GLY A 543 45.23 34.64 -27.93
CA GLY A 543 46.14 35.25 -26.94
C GLY A 543 46.37 34.33 -25.75
N LYS A 544 47.04 34.85 -24.72
CA LYS A 544 47.41 34.09 -23.50
C LYS A 544 46.15 33.93 -22.63
N ILE A 545 45.90 32.72 -22.14
CA ILE A 545 44.83 32.45 -21.12
C ILE A 545 45.14 33.32 -19.90
N PRO A 546 44.20 34.16 -19.42
CA PRO A 546 44.46 35.07 -18.31
C PRO A 546 44.88 34.34 -17.02
N VAL A 547 45.85 34.91 -16.31
CA VAL A 547 46.39 34.33 -15.04
C VAL A 547 45.27 34.29 -13.99
N SER A 548 44.34 35.25 -14.03
CA SER A 548 43.22 35.38 -13.06
C SER A 548 42.33 34.13 -13.08
N LEU A 549 42.28 33.39 -14.19
CA LEU A 549 41.41 32.19 -14.33
C LEU A 549 41.78 31.15 -13.25
N GLN A 550 43.06 31.10 -12.88
CA GLN A 550 43.59 30.20 -11.83
C GLN A 550 42.83 30.42 -10.52
N SER A 551 42.62 31.67 -10.14
CA SER A 551 41.96 32.06 -8.86
C SER A 551 40.56 31.47 -8.77
N LEU A 552 39.84 31.35 -9.89
CA LEU A 552 38.43 30.89 -9.90
C LEU A 552 38.34 29.43 -9.44
N LYS A 553 37.31 29.11 -8.67
CA LYS A 553 37.01 27.71 -8.27
C LYS A 553 36.03 27.15 -9.28
N LEU A 554 36.51 26.49 -10.33
CA LEU A 554 35.66 26.06 -11.48
C LEU A 554 35.44 24.56 -11.40
N ASN A 555 34.18 24.14 -11.49
CA ASN A 555 33.81 22.70 -11.52
C ASN A 555 33.82 22.22 -12.97
N GLN A 556 33.63 23.13 -13.93
CA GLN A 556 33.69 22.83 -15.38
C GLN A 556 34.50 23.92 -16.08
N LEU A 557 35.54 23.53 -16.83
CA LEU A 557 36.31 24.46 -17.68
C LEU A 557 36.53 23.83 -19.05
N ASN A 558 36.12 24.52 -20.11
CA ASN A 558 36.47 24.08 -21.49
C ASN A 558 36.90 25.28 -22.32
N LEU A 559 38.19 25.32 -22.68
CA LEU A 559 38.75 26.36 -23.58
C LEU A 559 39.22 25.67 -24.86
N SER A 560 38.71 24.47 -25.12
CA SER A 560 39.16 23.60 -26.23
C SER A 560 38.72 24.18 -27.58
N TYR A 561 39.44 23.81 -28.66
CA TYR A 561 39.16 24.20 -30.06
C TYR A 561 39.04 25.72 -30.19
N ASN A 562 40.07 26.44 -29.73
CA ASN A 562 40.23 27.92 -29.90
C ASN A 562 41.60 28.18 -30.54
N ARG A 563 42.08 29.42 -30.51
CA ARG A 563 43.41 29.82 -31.04
C ARG A 563 44.28 30.37 -29.90
N LEU A 564 44.11 29.84 -28.69
CA LEU A 564 44.83 30.37 -27.49
C LEU A 564 46.30 30.00 -27.60
N SER A 565 47.17 30.91 -27.14
CA SER A 565 48.64 30.81 -27.28
C SER A 565 49.30 31.00 -25.90
N GLY A 566 50.55 30.54 -25.76
CA GLY A 566 51.40 30.78 -24.58
C GLY A 566 51.53 29.55 -23.69
N ASP A 567 52.18 29.71 -22.53
CA ASP A 567 52.36 28.66 -21.50
C ASP A 567 51.12 28.66 -20.60
N LEU A 568 50.60 27.46 -20.28
CA LEU A 568 49.37 27.24 -19.45
C LEU A 568 49.64 27.77 -18.04
N PRO A 569 48.80 28.67 -17.48
CA PRO A 569 48.99 29.15 -16.11
C PRO A 569 49.31 28.02 -15.13
N PRO A 570 50.25 28.22 -14.17
CA PRO A 570 50.78 27.13 -13.35
C PRO A 570 49.72 26.14 -12.82
N SER A 571 48.68 26.64 -12.17
CA SER A 571 47.62 25.88 -11.46
C SER A 571 46.79 25.04 -12.46
N LEU A 572 46.57 25.54 -13.67
CA LEU A 572 45.70 24.91 -14.71
C LEU A 572 46.48 23.84 -15.51
N ALA A 573 47.75 23.59 -15.15
CA ALA A 573 48.68 22.69 -15.88
C ALA A 573 48.73 21.30 -15.22
N LYS A 574 47.59 20.82 -14.69
CA LYS A 574 47.48 19.52 -13.97
C LYS A 574 46.91 18.45 -14.90
N ASP A 575 46.84 17.19 -14.43
CA ASP A 575 46.32 16.02 -15.19
C ASP A 575 44.78 16.09 -15.29
N MET A 576 44.13 16.82 -14.39
CA MET A 576 42.65 16.93 -14.29
C MET A 576 42.09 17.79 -15.44
N TYR A 577 42.87 18.76 -15.94
CA TYR A 577 42.47 19.70 -17.02
C TYR A 577 43.07 19.25 -18.37
N LYS A 578 43.14 17.94 -18.63
CA LYS A 578 43.75 17.35 -19.84
C LYS A 578 42.85 17.62 -21.05
N ASN A 579 41.51 17.62 -20.87
CA ASN A 579 40.51 17.76 -21.96
C ASN A 579 39.95 19.19 -22.00
N SER A 580 40.50 20.11 -21.20
CA SER A 580 39.97 21.50 -21.10
C SER A 580 40.61 22.41 -22.15
N PHE A 581 41.84 22.12 -22.58
CA PHE A 581 42.58 23.02 -23.50
C PHE A 581 43.02 22.29 -24.79
N ILE A 582 42.35 21.19 -25.17
CA ILE A 582 42.69 20.43 -26.41
C ILE A 582 42.32 21.27 -27.64
N GLY A 583 43.03 21.11 -28.75
CA GLY A 583 42.72 21.79 -30.02
C GLY A 583 43.19 23.24 -30.05
N ASN A 584 44.10 23.63 -29.15
CA ASN A 584 44.76 24.97 -29.21
C ASN A 584 46.22 24.76 -29.62
N PRO A 585 46.60 24.95 -30.90
CA PRO A 585 47.94 24.56 -31.39
C PRO A 585 49.12 25.24 -30.69
N GLY A 586 49.03 26.54 -30.41
CA GLY A 586 50.16 27.36 -29.90
C GLY A 586 50.17 27.47 -28.39
N LEU A 587 49.63 26.50 -27.66
CA LEU A 587 49.43 26.59 -26.17
C LEU A 587 50.52 25.80 -25.46
N ASN B 8 7.28 17.17 -7.05
CA ASN B 8 7.81 15.78 -6.98
C ASN B 8 8.62 15.62 -5.69
N LEU B 9 9.22 14.45 -5.47
CA LEU B 9 10.01 14.16 -4.25
C LEU B 9 11.22 15.09 -4.17
N GLU B 10 11.87 15.33 -5.31
CA GLU B 10 13.10 16.18 -5.36
C GLU B 10 12.72 17.60 -4.95
N GLY B 11 11.61 18.13 -5.47
CA GLY B 11 11.12 19.47 -5.12
C GLY B 11 10.75 19.55 -3.66
N ASP B 12 10.10 18.51 -3.13
CA ASP B 12 9.69 18.45 -1.70
C ASP B 12 10.94 18.55 -0.82
N ALA B 13 12.00 17.81 -1.17
CA ALA B 13 13.28 17.81 -0.44
C ALA B 13 13.91 19.20 -0.47
N LEU B 14 13.94 19.85 -1.63
CA LEU B 14 14.58 21.20 -1.77
C LEU B 14 13.73 22.22 -1.01
N HIS B 15 12.40 22.06 -1.00
CA HIS B 15 11.50 22.94 -0.24
C HIS B 15 11.76 22.77 1.25
N THR B 16 12.03 21.53 1.70
CA THR B 16 12.38 21.24 3.11
C THR B 16 13.63 22.05 3.48
N LEU B 17 14.64 22.06 2.62
CA LEU B 17 15.87 22.86 2.83
C LEU B 17 15.50 24.34 2.93
N ARG B 18 14.61 24.83 2.08
CA ARG B 18 14.23 26.27 2.05
C ARG B 18 13.63 26.65 3.40
N VAL B 19 12.78 25.80 3.97
CA VAL B 19 12.08 26.08 5.26
C VAL B 19 13.12 26.19 6.37
N THR B 20 14.18 25.36 6.37
CA THR B 20 15.20 25.31 7.45
CA THR B 20 15.21 25.32 7.45
C THR B 20 16.26 26.41 7.22
N LEU B 21 16.48 26.83 5.98
CA LEU B 21 17.48 27.90 5.71
C LEU B 21 16.82 29.25 5.97
N VAL B 22 17.63 30.25 6.32
CA VAL B 22 17.17 31.65 6.50
C VAL B 22 17.61 32.41 5.26
N ASP B 23 16.69 33.08 4.58
CA ASP B 23 16.90 33.66 3.23
C ASP B 23 16.57 35.14 3.27
N PRO B 24 17.44 36.01 3.81
CA PRO B 24 17.18 37.45 3.86
C PRO B 24 16.93 38.13 2.50
N ASN B 25 17.56 37.67 1.41
CA ASN B 25 17.46 38.35 0.09
C ASN B 25 16.49 37.60 -0.83
N ASN B 26 15.71 36.66 -0.28
CA ASN B 26 14.66 35.91 -1.02
C ASN B 26 15.25 35.33 -2.31
N VAL B 27 16.42 34.71 -2.21
CA VAL B 27 17.06 33.96 -3.32
C VAL B 27 16.23 32.71 -3.64
N LEU B 28 15.43 32.21 -2.69
CA LEU B 28 14.64 30.96 -2.89
C LEU B 28 13.17 31.28 -3.19
N GLN B 29 12.88 32.52 -3.60
CA GLN B 29 11.50 33.01 -3.87
C GLN B 29 10.82 32.13 -4.93
N SER B 30 11.55 31.68 -5.93
CA SER B 30 11.03 30.91 -7.09
C SER B 30 10.76 29.46 -6.69
N TRP B 31 11.17 29.04 -5.49
CA TRP B 31 11.08 27.61 -5.08
C TRP B 31 9.65 27.30 -4.67
N ASP B 32 8.77 27.15 -5.65
CA ASP B 32 7.31 26.94 -5.43
C ASP B 32 7.04 25.44 -5.38
N PRO B 33 6.61 24.89 -4.22
CA PRO B 33 6.36 23.45 -4.08
C PRO B 33 5.18 22.94 -4.91
N THR B 34 4.30 23.83 -5.38
CA THR B 34 3.10 23.47 -6.20
C THR B 34 3.54 23.06 -7.62
N LEU B 35 4.75 23.45 -8.05
CA LEU B 35 5.30 23.05 -9.38
C LEU B 35 5.55 21.55 -9.39
N VAL B 36 5.28 20.91 -10.53
CA VAL B 36 5.39 19.44 -10.74
C VAL B 36 6.85 19.03 -10.48
N ASN B 37 7.81 19.87 -10.84
CA ASN B 37 9.25 19.62 -10.55
C ASN B 37 9.94 20.96 -10.26
N PRO B 38 11.17 20.94 -9.71
CA PRO B 38 11.92 22.15 -9.40
C PRO B 38 12.81 22.70 -10.52
N CYS B 39 12.64 22.21 -11.75
CA CYS B 39 13.57 22.50 -12.88
C CYS B 39 13.49 23.96 -13.33
N THR B 40 12.32 24.62 -13.21
CA THR B 40 12.17 26.06 -13.53
C THR B 40 12.51 26.94 -12.32
N TRP B 41 12.78 26.34 -11.16
CA TRP B 41 13.27 27.10 -9.96
C TRP B 41 14.64 27.69 -10.29
N PHE B 42 14.85 28.97 -9.98
CA PHE B 42 16.18 29.60 -10.14
C PHE B 42 17.12 28.96 -9.11
N HIS B 43 18.39 28.76 -9.49
CA HIS B 43 19.45 28.15 -8.66
C HIS B 43 19.35 26.62 -8.71
N VAL B 44 18.42 26.09 -9.49
CA VAL B 44 18.27 24.62 -9.68
C VAL B 44 18.43 24.32 -11.17
N THR B 45 19.31 23.40 -11.52
CA THR B 45 19.48 22.94 -12.91
C THR B 45 19.12 21.46 -12.97
N CYS B 46 18.28 21.07 -13.92
CA CYS B 46 17.83 19.67 -14.10
C CYS B 46 18.44 19.06 -15.37
N ASN B 47 18.43 17.73 -15.47
CA ASN B 47 18.88 17.01 -16.69
C ASN B 47 17.71 16.93 -17.67
N ASN B 48 17.91 16.26 -18.81
CA ASN B 48 16.87 16.10 -19.85
C ASN B 48 15.72 15.26 -19.32
N GLU B 49 15.95 14.42 -18.31
CA GLU B 49 14.89 13.58 -17.69
C GLU B 49 14.26 14.33 -16.50
N ASN B 50 14.57 15.62 -16.33
CA ASN B 50 13.96 16.53 -15.32
C ASN B 50 14.34 16.12 -13.90
N SER B 51 15.56 15.62 -13.69
CA SER B 51 16.11 15.30 -12.35
C SER B 51 17.21 16.30 -12.02
N VAL B 52 17.24 16.80 -10.78
CA VAL B 52 18.19 17.87 -10.38
C VAL B 52 19.63 17.34 -10.51
N ILE B 53 20.50 18.11 -11.13
CA ILE B 53 21.95 17.76 -11.26
C ILE B 53 22.79 18.87 -10.64
N ARG B 54 22.21 20.04 -10.40
CA ARG B 54 22.95 21.20 -9.87
C ARG B 54 22.07 22.02 -8.93
N VAL B 55 22.62 22.42 -7.78
CA VAL B 55 22.00 23.43 -6.88
C VAL B 55 23.06 24.52 -6.69
N ASP B 56 22.79 25.74 -7.13
CA ASP B 56 23.81 26.82 -7.13
C ASP B 56 23.36 27.95 -6.19
N LEU B 57 23.81 27.94 -4.93
CA LEU B 57 23.37 28.91 -3.90
C LEU B 57 24.59 29.56 -3.22
N GLY B 58 25.73 29.63 -3.92
CA GLY B 58 26.95 30.30 -3.41
C GLY B 58 26.76 31.80 -3.23
N ASN B 59 27.27 32.39 -2.14
CA ASN B 59 27.29 33.85 -1.91
CA ASN B 59 27.29 33.86 -1.91
C ASN B 59 25.86 34.42 -1.94
N ALA B 60 24.92 33.75 -1.27
CA ALA B 60 23.49 34.16 -1.27
C ALA B 60 23.08 34.77 0.07
N GLU B 61 24.02 34.95 1.01
CA GLU B 61 23.77 35.41 2.41
C GLU B 61 22.77 34.46 3.10
N LEU B 62 22.87 33.15 2.85
CA LEU B 62 22.01 32.13 3.50
C LEU B 62 22.53 31.81 4.90
N SER B 63 21.61 31.60 5.84
CA SER B 63 21.86 31.24 7.26
C SER B 63 21.06 29.97 7.56
N GLY B 64 21.16 29.42 8.76
CA GLY B 64 20.38 28.23 9.16
C GLY B 64 21.18 26.96 8.97
N HIS B 65 20.52 25.83 8.81
CA HIS B 65 21.22 24.52 8.72
C HIS B 65 20.70 23.72 7.54
N LEU B 66 21.53 22.79 7.07
CA LEU B 66 21.18 21.88 5.95
C LEU B 66 20.26 20.79 6.48
N VAL B 67 19.71 19.97 5.59
CA VAL B 67 18.73 18.92 5.95
C VAL B 67 19.22 17.58 5.40
N PRO B 68 18.86 16.45 6.03
CA PRO B 68 19.19 15.13 5.48
C PRO B 68 18.49 14.86 4.13
N GLU B 69 17.39 15.56 3.84
CA GLU B 69 16.58 15.32 2.63
C GLU B 69 17.35 15.67 1.35
N LEU B 70 18.44 16.44 1.45
CA LEU B 70 19.33 16.72 0.29
C LEU B 70 19.80 15.39 -0.33
N GLY B 71 19.92 14.33 0.48
CA GLY B 71 20.32 12.98 0.02
C GLY B 71 19.33 12.35 -0.94
N VAL B 72 18.09 12.83 -0.98
CA VAL B 72 17.03 12.33 -1.89
C VAL B 72 17.43 12.62 -3.36
N LEU B 73 18.25 13.63 -3.60
CA LEU B 73 18.62 14.07 -4.98
C LEU B 73 19.66 13.11 -5.56
N LYS B 74 19.21 11.96 -6.08
CA LYS B 74 20.08 10.85 -6.56
C LYS B 74 21.00 11.30 -7.69
N ASN B 75 20.55 12.18 -8.58
CA ASN B 75 21.32 12.57 -9.78
C ASN B 75 22.08 13.88 -9.54
N LEU B 76 22.07 14.43 -8.33
CA LEU B 76 22.76 15.72 -8.06
C LEU B 76 24.27 15.53 -8.32
N GLN B 77 24.87 16.44 -9.07
CA GLN B 77 26.30 16.36 -9.46
CA GLN B 77 26.31 16.36 -9.46
C GLN B 77 27.08 17.53 -8.84
N TYR B 78 26.45 18.68 -8.67
CA TYR B 78 27.13 19.88 -8.12
C TYR B 78 26.26 20.50 -7.03
N LEU B 79 26.75 20.49 -5.80
CA LEU B 79 26.08 21.15 -4.66
C LEU B 79 26.94 22.35 -4.24
N GLU B 80 26.44 23.56 -4.45
CA GLU B 80 27.21 24.79 -4.21
C GLU B 80 26.49 25.61 -3.13
N LEU B 81 26.98 25.54 -1.90
CA LEU B 81 26.37 26.26 -0.75
C LEU B 81 27.44 27.16 -0.13
N TYR B 82 28.51 27.45 -0.86
CA TYR B 82 29.71 28.16 -0.35
C TYR B 82 29.41 29.66 -0.13
N SER B 83 30.29 30.33 0.62
CA SER B 83 30.21 31.78 0.93
C SER B 83 28.83 32.14 1.49
N ASN B 84 28.35 31.38 2.47
CA ASN B 84 27.10 31.66 3.22
C ASN B 84 27.42 31.60 4.71
N ASN B 85 26.43 31.77 5.59
CA ASN B 85 26.62 31.64 7.05
C ASN B 85 25.87 30.41 7.56
N ILE B 86 25.84 29.34 6.78
CA ILE B 86 25.14 28.08 7.19
C ILE B 86 25.89 27.49 8.40
N THR B 87 25.15 27.10 9.43
CA THR B 87 25.69 26.56 10.71
C THR B 87 25.24 25.10 10.87
N GLY B 88 25.79 24.41 11.86
CA GLY B 88 25.36 23.04 12.20
C GLY B 88 26.16 22.00 11.45
N PRO B 89 25.78 20.72 11.56
CA PRO B 89 26.56 19.61 11.01
C PRO B 89 26.38 19.42 9.50
N ILE B 90 27.38 18.86 8.85
CA ILE B 90 27.26 18.38 7.45
C ILE B 90 26.45 17.10 7.53
N PRO B 91 25.23 17.04 6.94
CA PRO B 91 24.38 15.86 7.08
C PRO B 91 25.07 14.60 6.53
N SER B 92 24.96 13.50 7.25
CA SER B 92 25.52 12.19 6.85
C SER B 92 24.82 11.68 5.60
N ASN B 93 23.58 12.11 5.35
CA ASN B 93 22.79 11.61 4.21
C ASN B 93 23.36 12.15 2.89
N LEU B 94 24.24 13.16 2.95
CA LEU B 94 24.93 13.66 1.74
C LEU B 94 25.74 12.53 1.10
N GLY B 95 26.10 11.51 1.89
CA GLY B 95 26.81 10.32 1.38
C GLY B 95 25.93 9.48 0.47
N ASN B 96 24.61 9.72 0.47
CA ASN B 96 23.68 8.99 -0.41
C ASN B 96 23.61 9.66 -1.78
N LEU B 97 24.34 10.76 -2.00
CA LEU B 97 24.42 11.45 -3.31
C LEU B 97 25.46 10.75 -4.19
N THR B 98 25.13 9.59 -4.75
CA THR B 98 26.09 8.72 -5.48
C THR B 98 26.71 9.44 -6.68
N ASN B 99 25.98 10.32 -7.37
CA ASN B 99 26.47 10.93 -8.63
C ASN B 99 27.14 12.28 -8.37
N LEU B 100 27.33 12.67 -7.11
CA LEU B 100 27.97 13.89 -6.83
CA LEU B 100 27.89 14.00 -6.77
C LEU B 100 29.33 14.11 -7.29
N VAL B 101 29.64 15.21 -7.97
CA VAL B 101 31.00 15.49 -8.52
C VAL B 101 31.64 16.60 -7.68
N SER B 102 30.85 17.57 -7.24
CA SER B 102 31.36 18.71 -6.43
C SER B 102 30.57 18.86 -5.13
N LEU B 103 31.25 18.84 -3.99
CA LEU B 103 30.66 19.22 -2.69
C LEU B 103 31.40 20.47 -2.20
N ASP B 104 30.77 21.63 -2.36
CA ASP B 104 31.42 22.93 -2.01
C ASP B 104 30.64 23.59 -0.87
N LEU B 105 31.08 23.34 0.37
CA LEU B 105 30.45 23.89 1.59
C LEU B 105 31.39 24.91 2.22
N TYR B 106 32.38 25.39 1.46
CA TYR B 106 33.45 26.26 2.01
C TYR B 106 32.90 27.65 2.34
N LEU B 107 33.66 28.41 3.14
CA LEU B 107 33.30 29.77 3.63
C LEU B 107 31.91 29.74 4.27
N ASN B 108 31.72 28.86 5.25
CA ASN B 108 30.48 28.75 6.07
C ASN B 108 30.87 28.62 7.54
N SER B 109 29.90 28.41 8.44
CA SER B 109 30.14 28.17 9.88
C SER B 109 29.78 26.73 10.24
N PHE B 110 29.98 25.78 9.32
CA PHE B 110 29.66 24.35 9.57
C PHE B 110 30.52 23.84 10.73
N SER B 111 29.93 23.04 11.61
CA SER B 111 30.62 22.47 12.79
C SER B 111 30.45 20.95 12.77
N GLY B 112 31.14 20.27 13.68
CA GLY B 112 31.01 18.82 13.85
C GLY B 112 31.95 18.05 12.92
N PRO B 113 31.74 16.73 12.79
CA PRO B 113 32.62 15.88 12.01
C PRO B 113 32.39 15.92 10.49
N ILE B 114 33.44 15.68 9.72
CA ILE B 114 33.31 15.35 8.28
C ILE B 114 32.76 13.92 8.24
N PRO B 115 31.54 13.69 7.73
CA PRO B 115 30.93 12.35 7.80
C PRO B 115 31.74 11.28 7.07
N GLU B 116 31.81 10.08 7.65
CA GLU B 116 32.47 8.92 6.99
C GLU B 116 31.67 8.50 5.77
N SER B 117 30.40 8.89 5.70
CA SER B 117 29.49 8.62 4.56
C SER B 117 30.04 9.23 3.27
N LEU B 118 30.80 10.32 3.37
CA LEU B 118 31.31 11.05 2.18
C LEU B 118 32.24 10.14 1.36
N GLY B 119 32.81 9.11 1.98
CA GLY B 119 33.61 8.09 1.29
C GLY B 119 32.81 7.33 0.24
N LYS B 120 31.48 7.25 0.40
CA LYS B 120 30.61 6.50 -0.53
C LYS B 120 30.38 7.29 -1.83
N LEU B 121 30.85 8.54 -1.90
CA LEU B 121 30.73 9.40 -3.11
C LEU B 121 31.83 8.98 -4.10
N SER B 122 31.59 7.94 -4.89
CA SER B 122 32.60 7.31 -5.79
C SER B 122 33.01 8.24 -6.93
N LYS B 123 32.15 9.16 -7.38
CA LYS B 123 32.43 10.01 -8.56
C LYS B 123 32.85 11.43 -8.12
N LEU B 124 33.06 11.68 -6.84
CA LEU B 124 33.38 13.04 -6.34
C LEU B 124 34.76 13.43 -6.85
N ARG B 125 34.88 14.62 -7.44
CA ARG B 125 36.18 15.16 -7.93
C ARG B 125 36.58 16.37 -7.10
N PHE B 126 35.62 17.13 -6.60
CA PHE B 126 35.90 18.39 -5.87
C PHE B 126 35.30 18.30 -4.47
N LEU B 127 36.12 18.41 -3.42
CA LEU B 127 35.66 18.46 -2.02
C LEU B 127 36.29 19.68 -1.35
N ARG B 128 35.55 20.78 -1.27
CA ARG B 128 36.05 22.03 -0.63
C ARG B 128 35.20 22.30 0.61
N LEU B 129 35.71 21.93 1.79
CA LEU B 129 35.05 22.10 3.10
C LEU B 129 35.81 23.17 3.90
N ASN B 130 36.64 23.97 3.23
CA ASN B 130 37.58 24.90 3.91
C ASN B 130 36.82 26.10 4.50
N ASN B 131 37.48 26.83 5.41
CA ASN B 131 36.92 28.04 6.08
C ASN B 131 35.61 27.68 6.78
N ASN B 132 35.63 26.60 7.56
CA ASN B 132 34.48 26.18 8.43
C ASN B 132 35.01 25.96 9.85
N SER B 133 34.15 25.58 10.78
CA SER B 133 34.52 25.25 12.18
C SER B 133 34.48 23.73 12.38
N LEU B 134 34.71 22.94 11.32
CA LEU B 134 34.61 21.45 11.40
C LEU B 134 35.66 20.91 12.36
N THR B 135 35.33 19.83 13.06
CA THR B 135 36.18 19.22 14.11
C THR B 135 36.29 17.71 13.88
N GLY B 136 37.21 17.05 14.57
CA GLY B 136 37.41 15.60 14.49
C GLY B 136 38.46 15.23 13.47
N SER B 137 38.47 13.96 13.04
CA SER B 137 39.51 13.42 12.14
C SER B 137 38.98 13.36 10.70
N ILE B 138 39.88 13.46 9.74
CA ILE B 138 39.62 13.30 8.28
C ILE B 138 39.32 11.82 8.04
N PRO B 139 38.15 11.44 7.49
CA PRO B 139 37.82 10.02 7.30
C PRO B 139 38.74 9.32 6.29
N MET B 140 39.13 8.08 6.60
CA MET B 140 40.01 7.25 5.74
C MET B 140 39.24 6.81 4.49
N SER B 141 37.91 6.77 4.55
CA SER B 141 37.04 6.38 3.42
C SER B 141 37.32 7.28 2.21
N LEU B 142 37.68 8.55 2.44
CA LEU B 142 37.90 9.53 1.35
C LEU B 142 39.05 9.08 0.44
N THR B 143 40.01 8.30 0.96
CA THR B 143 41.14 7.78 0.16
C THR B 143 40.61 6.85 -0.94
N ASN B 144 39.56 6.09 -0.66
CA ASN B 144 38.98 5.11 -1.61
C ASN B 144 38.25 5.83 -2.77
N ILE B 145 38.06 7.16 -2.69
CA ILE B 145 37.45 7.92 -3.82
C ILE B 145 38.56 8.17 -4.86
N THR B 146 38.57 7.35 -5.92
CA THR B 146 39.58 7.41 -7.02
C THR B 146 39.48 8.74 -7.77
N THR B 147 38.27 9.27 -7.95
CA THR B 147 38.00 10.46 -8.80
C THR B 147 38.44 11.76 -8.12
N LEU B 148 38.74 11.75 -6.81
CA LEU B 148 39.02 13.02 -6.08
C LEU B 148 40.29 13.65 -6.62
N GLN B 149 40.22 14.89 -7.09
CA GLN B 149 41.37 15.62 -7.68
C GLN B 149 41.58 16.96 -6.97
N VAL B 150 40.53 17.56 -6.41
CA VAL B 150 40.65 18.83 -5.64
C VAL B 150 40.10 18.58 -4.24
N LEU B 151 40.92 18.85 -3.21
CA LEU B 151 40.52 18.73 -1.79
C LEU B 151 41.03 19.95 -1.03
N ASP B 152 40.15 20.66 -0.33
CA ASP B 152 40.59 21.74 0.60
C ASP B 152 39.83 21.58 1.91
N LEU B 153 40.53 21.15 2.95
CA LEU B 153 40.00 21.00 4.32
C LEU B 153 40.64 22.07 5.21
N SER B 154 41.22 23.10 4.61
CA SER B 154 42.03 24.12 5.33
C SER B 154 41.13 25.05 6.15
N ASN B 155 41.74 25.78 7.10
CA ASN B 155 41.06 26.79 7.95
C ASN B 155 39.87 26.12 8.66
N ASN B 156 40.09 24.92 9.19
CA ASN B 156 39.10 24.20 10.04
C ASN B 156 39.75 23.92 11.40
N ARG B 157 39.04 23.26 12.30
CA ARG B 157 39.56 22.89 13.64
C ARG B 157 39.74 21.37 13.69
N LEU B 158 40.12 20.76 12.57
CA LEU B 158 40.28 19.28 12.45
C LEU B 158 41.56 18.82 13.18
N SER B 159 41.62 17.55 13.54
CA SER B 159 42.75 16.96 14.31
C SER B 159 42.97 15.52 13.87
N GLY B 160 44.13 14.94 14.20
CA GLY B 160 44.44 13.52 13.98
C GLY B 160 45.32 13.30 12.76
N SER B 161 45.48 12.03 12.36
CA SER B 161 46.37 11.65 11.23
C SER B 161 45.73 12.09 9.90
N VAL B 162 46.54 12.68 9.02
CA VAL B 162 46.11 13.01 7.63
C VAL B 162 46.42 11.81 6.76
N PRO B 163 45.43 11.19 6.11
CA PRO B 163 45.67 10.03 5.25
C PRO B 163 46.59 10.46 4.08
N ASP B 164 47.55 9.61 3.72
CA ASP B 164 48.52 9.92 2.63
C ASP B 164 48.44 8.86 1.53
N ASN B 165 47.39 8.03 1.50
CA ASN B 165 47.28 6.93 0.52
C ASN B 165 46.06 7.16 -0.40
N GLY B 166 45.99 6.40 -1.49
CA GLY B 166 44.93 6.49 -2.51
C GLY B 166 44.92 7.87 -3.16
N SER B 167 43.75 8.52 -3.21
CA SER B 167 43.59 9.87 -3.82
C SER B 167 44.44 10.90 -3.05
N PHE B 168 44.68 10.67 -1.76
CA PHE B 168 45.42 11.61 -0.88
C PHE B 168 46.92 11.57 -1.19
N SER B 169 47.38 10.59 -1.98
CA SER B 169 48.81 10.41 -2.34
C SER B 169 49.38 11.70 -2.97
N LEU B 170 48.61 12.39 -3.82
CA LEU B 170 49.13 13.56 -4.57
C LEU B 170 48.82 14.86 -3.81
N PHE B 171 48.11 14.84 -2.68
CA PHE B 171 47.63 16.09 -2.04
C PHE B 171 48.79 16.79 -1.33
N THR B 172 48.80 18.14 -1.38
CA THR B 172 49.85 19.03 -0.85
C THR B 172 49.40 19.60 0.50
N PRO B 173 50.31 20.21 1.29
CA PRO B 173 49.98 20.81 2.58
C PRO B 173 48.90 21.92 2.58
N ILE B 174 48.76 22.64 1.46
CA ILE B 174 47.80 23.78 1.33
C ILE B 174 46.38 23.26 1.59
N SER B 175 46.11 21.98 1.25
CA SER B 175 44.80 21.32 1.46
C SER B 175 44.47 21.21 2.96
N PHE B 176 45.46 20.95 3.82
CA PHE B 176 45.23 20.62 5.24
C PHE B 176 45.72 21.74 6.18
N ALA B 177 45.96 22.94 5.69
CA ALA B 177 46.59 24.04 6.47
C ALA B 177 45.62 24.63 7.50
N ASN B 178 46.18 25.27 8.54
CA ASN B 178 45.45 25.99 9.63
C ASN B 178 44.37 25.11 10.26
N ASN B 179 44.72 23.88 10.64
CA ASN B 179 43.82 22.96 11.39
C ASN B 179 44.32 22.89 12.84
N LEU B 180 43.50 22.43 13.79
CA LEU B 180 43.82 22.49 15.24
C LEU B 180 45.02 21.59 15.58
N ASP B 181 44.97 20.32 15.21
CA ASP B 181 46.02 19.34 15.63
C ASP B 181 46.10 18.21 14.61
N LEU B 182 46.36 18.54 13.35
CA LEU B 182 46.57 17.49 12.32
C LEU B 182 47.99 16.98 12.45
N CYS B 183 48.21 15.67 12.31
CA CYS B 183 49.56 15.07 12.31
C CYS B 183 49.74 14.24 11.02
N GLY B 184 50.96 14.10 10.55
CA GLY B 184 51.30 13.24 9.41
C GLY B 184 52.38 13.85 8.53
N PRO B 185 52.84 13.14 7.50
CA PRO B 185 53.91 13.62 6.62
CA PRO B 185 53.91 13.62 6.62
C PRO B 185 53.62 14.94 5.88
N VAL B 186 52.37 15.15 5.47
CA VAL B 186 51.96 16.44 4.84
C VAL B 186 52.11 17.53 5.92
N THR B 187 51.75 17.22 7.16
CA THR B 187 51.80 18.16 8.31
C THR B 187 53.25 18.38 8.77
N SER B 188 53.50 19.50 9.46
CA SER B 188 54.79 19.83 10.14
C SER B 188 55.11 18.74 11.18
N HIS B 189 54.17 18.42 12.06
CA HIS B 189 54.33 17.52 13.24
C HIS B 189 53.96 16.08 12.86
N PRO B 190 54.83 15.08 13.13
CA PRO B 190 54.49 13.66 12.90
C PRO B 190 53.60 13.07 14.01
N CYS B 191 53.04 11.88 13.78
CA CYS B 191 51.95 11.30 14.62
C CYS B 191 52.52 10.48 15.78
N PRO B 192 51.80 10.41 16.93
CA PRO B 192 52.03 9.36 17.93
C PRO B 192 51.83 7.95 17.35
N TYR C 1 -1.30 28.88 16.33
CA TYR C 1 -2.37 28.84 15.29
C TYR C 1 -1.96 27.88 14.18
N VAL C 2 -2.78 26.87 13.93
CA VAL C 2 -2.58 25.93 12.80
C VAL C 2 -3.33 26.51 11.61
N LEU C 3 -2.65 26.71 10.48
CA LEU C 3 -3.30 27.17 9.23
C LEU C 3 -3.97 25.97 8.59
N VAL C 4 -5.30 26.00 8.51
CA VAL C 4 -6.09 24.87 7.95
C VAL C 4 -6.29 25.13 6.45
N PRO C 5 -5.87 24.20 5.58
CA PRO C 5 -6.10 24.35 4.15
C PRO C 5 -7.60 24.33 3.87
N PRO C 6 -8.17 25.37 3.22
CA PRO C 6 -9.60 25.40 2.95
C PRO C 6 -10.05 24.29 1.99
N SER C 7 -11.32 23.88 2.08
CA SER C 7 -11.92 22.93 1.10
C SER C 7 -11.96 23.62 -0.26
N GLY C 8 -11.22 23.11 -1.23
CA GLY C 8 -11.21 23.66 -2.59
C GLY C 8 -10.26 22.90 -3.50
N SER C 10 -7.12 21.50 -5.85
CA SER C 10 -5.65 21.30 -5.80
C SER C 10 -4.98 22.32 -6.71
N MET C 11 -3.73 22.67 -6.44
CA MET C 11 -3.05 23.83 -7.06
C MET C 11 -1.77 23.43 -7.80
N ARG C 12 -1.56 22.15 -8.11
CA ARG C 12 -0.32 21.68 -8.79
C ARG C 12 -0.34 22.15 -10.25
N HIS C 13 0.80 22.61 -10.77
CA HIS C 13 0.91 23.20 -12.13
C HIS C 13 2.34 23.06 -12.68
N ASN C 14 2.51 23.26 -13.98
CA ASN C 14 3.83 23.22 -14.66
C ASN C 14 4.42 24.63 -14.64
N SER D 2 -46.49 -7.23 50.33
CA SER D 2 -47.91 -7.04 49.91
C SER D 2 -48.52 -8.34 49.35
N SER D 3 -47.91 -9.49 49.66
CA SER D 3 -48.25 -10.82 49.07
C SER D 3 -47.54 -11.00 47.71
N MET D 4 -47.28 -9.92 46.97
CA MET D 4 -46.48 -9.91 45.71
C MET D 4 -45.16 -9.14 45.94
N ASP D 5 -44.70 -9.04 47.19
CA ASP D 5 -43.37 -8.49 47.58
C ASP D 5 -42.31 -9.57 47.30
N ASN D 6 -41.06 -9.18 47.05
CA ASN D 6 -39.99 -10.12 46.62
C ASN D 6 -38.65 -9.72 47.26
N GLN D 7 -37.70 -10.64 47.26
CA GLN D 7 -36.31 -10.41 47.71
C GLN D 7 -35.39 -10.56 46.49
N ASP D 8 -35.85 -10.13 45.32
CA ASP D 8 -35.12 -10.33 44.04
C ASP D 8 -33.72 -9.71 44.13
N GLY D 9 -33.58 -8.52 44.71
CA GLY D 9 -32.27 -7.86 44.89
C GLY D 9 -31.34 -8.70 45.75
N PHE D 10 -31.86 -9.27 46.84
CA PHE D 10 -31.09 -10.13 47.78
C PHE D 10 -30.62 -11.39 47.02
N ILE D 11 -31.50 -11.99 46.21
CA ILE D 11 -31.21 -13.24 45.47
C ILE D 11 -30.10 -12.99 44.45
N LEU D 12 -30.15 -11.85 43.74
CA LEU D 12 -29.12 -11.50 42.73
C LEU D 12 -27.79 -11.20 43.42
N GLN D 13 -27.80 -10.64 44.63
CA GLN D 13 -26.56 -10.39 45.40
C GLN D 13 -25.93 -11.74 45.76
N GLN D 14 -26.74 -12.76 46.02
CA GLN D 14 -26.24 -14.13 46.30
C GLN D 14 -25.57 -14.68 45.03
N VAL D 15 -26.16 -14.41 43.86
CA VAL D 15 -25.57 -14.80 42.54
C VAL D 15 -24.22 -14.10 42.39
N LYS D 16 -24.17 -12.80 42.67
CA LYS D 16 -22.93 -11.98 42.53
C LYS D 16 -21.82 -12.58 43.41
N LEU D 17 -22.15 -12.95 44.65
CA LEU D 17 -21.20 -13.54 45.62
C LEU D 17 -20.71 -14.90 45.11
N SER D 18 -21.56 -15.68 44.44
CA SER D 18 -21.25 -17.06 44.01
C SER D 18 -20.36 -17.08 42.76
N LEU D 19 -20.15 -15.93 42.09
CA LEU D 19 -19.40 -15.89 40.80
C LEU D 19 -18.22 -14.93 40.88
N ASP D 20 -17.07 -15.31 40.32
CA ASP D 20 -15.88 -14.43 40.17
C ASP D 20 -16.14 -13.44 39.02
N ASP D 21 -15.91 -12.16 39.30
CA ASP D 21 -16.16 -11.06 38.34
C ASP D 21 -14.91 -10.19 38.24
N PRO D 22 -13.83 -10.67 37.58
CA PRO D 22 -12.58 -9.91 37.51
C PRO D 22 -12.71 -8.54 36.82
N ASP D 23 -13.60 -8.42 35.83
CA ASP D 23 -13.77 -7.19 35.02
C ASP D 23 -14.85 -6.28 35.64
N SER D 24 -15.41 -6.64 36.80
CA SER D 24 -16.41 -5.84 37.55
C SER D 24 -17.63 -5.51 36.68
N TYR D 25 -18.15 -6.48 35.92
CA TYR D 25 -19.39 -6.34 35.11
C TYR D 25 -20.58 -6.08 36.04
N LEU D 26 -20.55 -6.61 37.27
CA LEU D 26 -21.70 -6.55 38.21
C LEU D 26 -21.55 -5.39 39.20
N SER D 27 -20.72 -4.40 38.91
CA SER D 27 -20.50 -3.20 39.77
C SER D 27 -21.82 -2.45 39.99
N SER D 28 -22.68 -2.36 38.97
CA SER D 28 -23.99 -1.66 39.05
C SER D 28 -24.91 -2.34 40.08
N TRP D 29 -24.60 -3.58 40.46
CA TRP D 29 -25.45 -4.36 41.40
C TRP D 29 -25.15 -3.89 42.83
N ASN D 30 -25.73 -2.76 43.21
CA ASN D 30 -25.52 -2.12 44.54
C ASN D 30 -26.48 -2.73 45.55
N SER D 31 -25.98 -3.30 46.65
CA SER D 31 -26.81 -3.91 47.73
C SER D 31 -27.79 -2.86 48.26
N ASN D 32 -27.38 -1.59 48.27
CA ASN D 32 -28.15 -0.44 48.83
C ASN D 32 -29.41 -0.16 48.01
N ASP D 33 -29.39 -0.39 46.69
CA ASP D 33 -30.57 -0.12 45.82
C ASP D 33 -31.72 -1.03 46.27
N ALA D 34 -32.92 -0.47 46.43
CA ALA D 34 -34.15 -1.18 46.86
C ALA D 34 -34.53 -2.22 45.79
N SER D 35 -34.44 -1.86 44.52
CA SER D 35 -34.86 -2.69 43.37
C SER D 35 -33.65 -3.06 42.51
N PRO D 36 -33.59 -4.29 41.96
CA PRO D 36 -32.53 -4.69 41.04
C PRO D 36 -32.82 -4.37 39.57
N CYS D 37 -33.95 -3.72 39.27
CA CYS D 37 -34.47 -3.55 37.88
C CYS D 37 -33.55 -2.64 37.02
N ARG D 38 -32.82 -1.70 37.61
CA ARG D 38 -31.89 -0.80 36.88
C ARG D 38 -30.45 -1.34 36.91
N TRP D 39 -30.21 -2.52 37.50
CA TRP D 39 -28.88 -3.19 37.49
C TRP D 39 -28.58 -3.68 36.06
N SER D 40 -27.31 -3.72 35.67
CA SER D 40 -26.86 -4.16 34.33
C SER D 40 -27.25 -5.61 34.11
N GLY D 41 -27.87 -5.90 32.96
CA GLY D 41 -28.26 -7.26 32.56
C GLY D 41 -29.55 -7.70 33.21
N VAL D 42 -30.18 -6.83 34.01
CA VAL D 42 -31.43 -7.19 34.75
C VAL D 42 -32.59 -6.39 34.17
N SER D 43 -33.68 -7.08 33.84
CA SER D 43 -34.90 -6.47 33.25
C SER D 43 -36.12 -6.90 34.05
N CYS D 44 -36.97 -5.95 34.45
CA CYS D 44 -38.28 -6.26 35.06
C CYS D 44 -39.36 -5.79 34.09
N ALA D 45 -40.16 -6.69 33.53
CA ALA D 45 -41.11 -6.35 32.45
C ALA D 45 -42.47 -5.93 33.03
N GLY D 46 -42.64 -5.91 34.35
CA GLY D 46 -43.95 -5.69 35.01
C GLY D 46 -43.92 -4.65 36.13
N ASP D 47 -45.03 -4.55 36.86
CA ASP D 47 -45.29 -3.47 37.85
C ASP D 47 -44.72 -3.83 39.22
N PHE D 48 -44.45 -5.12 39.50
CA PHE D 48 -44.14 -5.65 40.85
C PHE D 48 -42.63 -5.61 41.13
N SER D 49 -41.83 -4.94 40.29
CA SER D 49 -40.35 -4.94 40.35
C SER D 49 -39.84 -6.40 40.43
N SER D 50 -40.52 -7.33 39.76
CA SER D 50 -40.11 -8.75 39.68
C SER D 50 -39.15 -8.92 38.50
N VAL D 51 -37.98 -9.51 38.73
CA VAL D 51 -36.99 -9.77 37.65
C VAL D 51 -37.59 -10.80 36.69
N THR D 52 -37.65 -10.47 35.40
CA THR D 52 -38.22 -11.35 34.35
C THR D 52 -37.10 -11.87 33.45
N SER D 53 -36.01 -11.11 33.32
CA SER D 53 -34.89 -11.46 32.42
C SER D 53 -33.55 -11.09 33.05
N VAL D 54 -32.59 -12.01 32.96
CA VAL D 54 -31.18 -11.75 33.35
C VAL D 54 -30.28 -12.11 32.16
N ASP D 55 -29.53 -11.14 31.64
CA ASP D 55 -28.56 -11.36 30.54
C ASP D 55 -27.18 -10.91 30.99
N LEU D 56 -26.25 -11.85 31.14
CA LEU D 56 -24.87 -11.58 31.58
C LEU D 56 -23.89 -12.03 30.49
N SER D 57 -24.29 -11.87 29.22
CA SER D 57 -23.50 -12.36 28.07
C SER D 57 -22.14 -11.64 28.01
N SER D 58 -21.07 -12.41 27.81
CA SER D 58 -19.69 -11.90 27.64
C SER D 58 -19.26 -11.06 28.86
N ALA D 59 -19.55 -11.52 30.07
CA ALA D 59 -19.25 -10.77 31.31
C ALA D 59 -17.98 -11.26 31.98
N ASN D 60 -17.34 -12.31 31.44
CA ASN D 60 -16.11 -12.93 32.01
C ASN D 60 -16.41 -13.40 33.45
N LEU D 61 -17.61 -13.93 33.68
CA LEU D 61 -18.02 -14.44 35.01
C LEU D 61 -17.59 -15.91 35.11
N ALA D 62 -16.92 -16.27 36.18
CA ALA D 62 -16.38 -17.63 36.38
C ALA D 62 -17.01 -18.22 37.64
N GLY D 63 -17.48 -19.45 37.55
CA GLY D 63 -18.05 -20.18 38.70
C GLY D 63 -19.18 -21.08 38.26
N PRO D 64 -19.70 -21.93 39.18
CA PRO D 64 -20.75 -22.89 38.85
C PRO D 64 -22.08 -22.16 38.64
N PHE D 65 -23.05 -22.82 38.01
CA PHE D 65 -24.38 -22.25 37.77
C PHE D 65 -24.97 -21.81 39.11
N PRO D 66 -25.47 -20.56 39.23
CA PRO D 66 -26.04 -20.09 40.50
C PRO D 66 -27.50 -20.53 40.67
N SER D 67 -27.72 -21.70 41.28
CA SER D 67 -29.07 -22.30 41.45
C SER D 67 -29.99 -21.39 42.30
N VAL D 68 -29.41 -20.50 43.10
CA VAL D 68 -30.17 -19.50 43.91
C VAL D 68 -31.01 -18.61 42.98
N ILE D 69 -30.55 -18.36 41.74
CA ILE D 69 -31.27 -17.46 40.78
C ILE D 69 -32.68 -18.02 40.52
N CYS D 70 -32.89 -19.33 40.70
CA CYS D 70 -34.22 -19.97 40.48
C CYS D 70 -35.25 -19.45 41.49
N ARG D 71 -34.81 -18.81 42.57
CA ARG D 71 -35.74 -18.21 43.57
C ARG D 71 -36.37 -16.94 42.98
N LEU D 72 -35.85 -16.41 41.87
CA LEU D 72 -36.56 -15.34 41.11
C LEU D 72 -37.78 -15.98 40.45
N SER D 73 -38.97 -15.76 41.01
CA SER D 73 -40.22 -16.46 40.64
C SER D 73 -40.63 -16.13 39.20
N ASN D 74 -40.32 -14.94 38.70
CA ASN D 74 -40.82 -14.48 37.38
C ASN D 74 -39.71 -14.51 36.32
N LEU D 75 -38.58 -15.19 36.57
CA LEU D 75 -37.47 -15.27 35.58
C LEU D 75 -37.92 -16.12 34.38
N ALA D 76 -38.06 -15.51 33.21
CA ALA D 76 -38.52 -16.18 31.97
C ALA D 76 -37.36 -16.32 30.99
N HIS D 77 -36.36 -15.45 31.09
CA HIS D 77 -35.21 -15.43 30.16
C HIS D 77 -33.91 -15.38 30.98
N LEU D 78 -33.05 -16.38 30.81
CA LEU D 78 -31.71 -16.37 31.44
C LEU D 78 -30.66 -16.63 30.36
N SER D 79 -29.71 -15.70 30.20
CA SER D 79 -28.53 -15.90 29.31
C SER D 79 -27.24 -15.70 30.10
N LEU D 80 -26.39 -16.73 30.12
CA LEU D 80 -25.02 -16.67 30.68
C LEU D 80 -24.04 -16.92 29.54
N TYR D 81 -24.42 -16.53 28.32
CA TYR D 81 -23.68 -16.83 27.07
C TYR D 81 -22.25 -16.26 27.17
N ASN D 82 -21.28 -17.05 26.70
CA ASN D 82 -19.86 -16.63 26.57
C ASN D 82 -19.33 -16.15 27.93
N ASN D 83 -19.37 -17.02 28.93
CA ASN D 83 -18.78 -16.78 30.27
C ASN D 83 -17.90 -17.99 30.60
N SER D 84 -17.42 -18.10 31.83
CA SER D 84 -16.60 -19.26 32.27
C SER D 84 -17.38 -20.08 33.29
N ILE D 85 -18.69 -20.21 33.12
CA ILE D 85 -19.54 -21.03 34.03
C ILE D 85 -19.06 -22.48 33.92
N ASN D 86 -18.74 -23.10 35.05
CA ASN D 86 -18.05 -24.42 35.06
C ASN D 86 -18.83 -25.42 35.90
N SER D 87 -18.27 -26.62 36.03
CA SER D 87 -18.80 -27.74 36.86
C SER D 87 -20.02 -28.35 36.18
N THR D 88 -20.73 -29.24 36.88
CA THR D 88 -21.89 -29.96 36.33
C THR D 88 -23.08 -28.99 36.33
N LEU D 89 -23.99 -29.10 35.37
CA LEU D 89 -25.25 -28.32 35.42
C LEU D 89 -26.12 -28.98 36.49
N PRO D 90 -26.54 -28.25 37.53
CA PRO D 90 -27.26 -28.87 38.65
C PRO D 90 -28.69 -29.32 38.30
N LEU D 91 -29.12 -30.44 38.90
CA LEU D 91 -30.47 -31.01 38.69
C LEU D 91 -31.52 -30.04 39.24
N ASN D 92 -31.14 -29.16 40.17
CA ASN D 92 -32.09 -28.20 40.80
C ASN D 92 -32.34 -27.01 39.84
N ILE D 93 -31.89 -27.09 38.59
CA ILE D 93 -32.21 -26.08 37.52
C ILE D 93 -33.72 -26.09 37.28
N ALA D 94 -34.39 -27.22 37.49
CA ALA D 94 -35.85 -27.37 37.33
C ALA D 94 -36.60 -26.41 38.26
N ALA D 95 -35.97 -25.96 39.35
CA ALA D 95 -36.58 -24.97 40.27
C ALA D 95 -36.86 -23.67 39.50
N CYS D 96 -36.14 -23.39 38.42
CA CYS D 96 -36.43 -22.26 37.50
C CYS D 96 -37.62 -22.67 36.61
N LYS D 97 -38.82 -22.73 37.20
CA LYS D 97 -40.03 -23.31 36.57
C LYS D 97 -40.69 -22.35 35.58
N SER D 98 -40.30 -21.07 35.58
CA SER D 98 -40.90 -20.03 34.70
C SER D 98 -39.99 -19.74 33.50
N LEU D 99 -38.86 -20.44 33.36
CA LEU D 99 -37.87 -20.15 32.28
C LEU D 99 -38.46 -20.54 30.92
N GLN D 100 -38.51 -19.61 29.97
CA GLN D 100 -38.91 -19.89 28.58
C GLN D 100 -37.65 -20.05 27.72
N THR D 101 -36.66 -19.19 27.94
CA THR D 101 -35.37 -19.26 27.19
C THR D 101 -34.22 -19.46 28.17
N LEU D 102 -33.39 -20.47 27.91
CA LEU D 102 -32.15 -20.71 28.70
C LEU D 102 -30.96 -20.80 27.72
N ASP D 103 -30.05 -19.83 27.81
CA ASP D 103 -28.83 -19.81 26.97
C ASP D 103 -27.61 -19.90 27.88
N LEU D 104 -26.98 -21.07 27.93
CA LEU D 104 -25.74 -21.31 28.71
C LEU D 104 -24.63 -21.66 27.73
N SER D 105 -24.72 -21.17 26.51
CA SER D 105 -23.76 -21.49 25.41
C SER D 105 -22.40 -20.82 25.66
N GLN D 106 -21.33 -21.41 25.11
CA GLN D 106 -19.94 -20.88 25.17
C GLN D 106 -19.51 -20.74 26.63
N ASN D 107 -19.65 -21.81 27.41
CA ASN D 107 -19.22 -21.85 28.84
C ASN D 107 -18.33 -23.09 29.03
N LEU D 108 -17.96 -23.39 30.28
CA LEU D 108 -17.07 -24.54 30.61
C LEU D 108 -17.88 -25.65 31.30
N LEU D 109 -19.19 -25.71 31.08
CA LEU D 109 -20.05 -26.73 31.75
C LEU D 109 -19.62 -28.12 31.30
N THR D 110 -19.51 -29.06 32.24
CA THR D 110 -19.05 -30.45 31.97
C THR D 110 -19.99 -31.43 32.64
N GLY D 111 -19.85 -32.72 32.31
CA GLY D 111 -20.64 -33.80 32.91
C GLY D 111 -21.87 -34.12 32.09
N GLU D 112 -22.75 -34.96 32.63
CA GLU D 112 -23.97 -35.44 31.94
C GLU D 112 -25.05 -34.35 32.01
N LEU D 113 -25.90 -34.28 30.98
CA LEU D 113 -27.01 -33.30 30.93
C LEU D 113 -27.98 -33.63 32.06
N PRO D 114 -28.45 -32.62 32.83
CA PRO D 114 -29.47 -32.85 33.85
C PRO D 114 -30.83 -33.17 33.22
N GLN D 115 -31.43 -34.31 33.58
CA GLN D 115 -32.71 -34.78 32.99
C GLN D 115 -33.83 -33.84 33.43
N THR D 116 -33.61 -33.07 34.49
CA THR D 116 -34.60 -32.16 35.10
C THR D 116 -34.88 -30.98 34.18
N LEU D 117 -34.06 -30.77 33.13
CA LEU D 117 -34.30 -29.70 32.14
C LEU D 117 -35.66 -29.91 31.49
N ALA D 118 -36.06 -31.17 31.28
CA ALA D 118 -37.37 -31.54 30.71
C ALA D 118 -38.51 -31.23 31.69
N ASP D 119 -38.20 -31.06 32.98
CA ASP D 119 -39.22 -30.80 34.03
C ASP D 119 -39.52 -29.30 34.12
N ILE D 120 -38.93 -28.46 33.26
CA ILE D 120 -39.34 -27.04 33.13
C ILE D 120 -40.37 -26.96 32.00
N PRO D 121 -41.67 -26.80 32.31
CA PRO D 121 -42.73 -26.85 31.29
C PRO D 121 -42.77 -25.62 30.37
N THR D 122 -42.37 -24.46 30.86
CA THR D 122 -42.36 -23.19 30.09
C THR D 122 -41.21 -23.14 29.07
N LEU D 123 -40.23 -24.04 29.16
CA LEU D 123 -38.98 -23.96 28.34
C LEU D 123 -39.33 -24.09 26.85
N VAL D 124 -38.92 -23.09 26.06
CA VAL D 124 -39.14 -23.03 24.58
C VAL D 124 -37.77 -23.13 23.89
N HIS D 125 -36.75 -22.48 24.45
CA HIS D 125 -35.41 -22.36 23.85
C HIS D 125 -34.33 -22.88 24.82
N LEU D 126 -33.63 -23.94 24.45
CA LEU D 126 -32.48 -24.46 25.24
C LEU D 126 -31.22 -24.44 24.36
N ASP D 127 -30.25 -23.59 24.69
CA ASP D 127 -28.97 -23.52 23.95
C ASP D 127 -27.82 -23.88 24.91
N LEU D 128 -27.18 -25.03 24.70
CA LEU D 128 -26.02 -25.49 25.49
C LEU D 128 -24.80 -25.64 24.59
N THR D 129 -24.76 -24.90 23.48
CA THR D 129 -23.67 -24.97 22.45
C THR D 129 -22.35 -24.53 23.09
N GLY D 130 -21.24 -25.13 22.66
CA GLY D 130 -19.89 -24.72 23.11
C GLY D 130 -19.67 -25.06 24.57
N ASN D 131 -20.09 -26.24 25.02
CA ASN D 131 -19.83 -26.71 26.40
C ASN D 131 -19.13 -28.06 26.32
N ASN D 132 -18.82 -28.66 27.47
CA ASN D 132 -18.07 -29.93 27.55
C ASN D 132 -19.01 -31.06 28.00
N PHE D 133 -20.31 -30.94 27.75
CA PHE D 133 -21.31 -31.95 28.20
C PHE D 133 -20.98 -33.30 27.54
N SER D 134 -21.08 -34.38 28.33
CA SER D 134 -20.73 -35.76 27.88
C SER D 134 -21.85 -36.72 28.27
N GLY D 135 -21.77 -37.96 27.78
CA GLY D 135 -22.70 -39.03 28.15
C GLY D 135 -23.91 -39.06 27.25
N ASP D 136 -24.87 -39.94 27.56
CA ASP D 136 -26.09 -40.14 26.74
C ASP D 136 -27.02 -38.94 26.94
N ILE D 137 -27.78 -38.56 25.91
CA ILE D 137 -28.86 -37.56 26.03
C ILE D 137 -29.96 -38.19 26.88
N PRO D 138 -30.44 -37.51 27.95
CA PRO D 138 -31.43 -38.11 28.86
C PRO D 138 -32.78 -38.42 28.18
N ALA D 139 -33.39 -39.55 28.52
CA ALA D 139 -34.67 -40.03 27.95
C ALA D 139 -35.78 -39.00 28.21
N SER D 140 -35.65 -38.23 29.28
CA SER D 140 -36.60 -37.15 29.64
C SER D 140 -36.74 -36.15 28.50
N PHE D 141 -35.71 -36.00 27.66
CA PHE D 141 -35.67 -34.98 26.59
C PHE D 141 -36.79 -35.25 25.57
N GLY D 142 -37.27 -36.49 25.49
CA GLY D 142 -38.45 -36.85 24.68
C GLY D 142 -39.75 -36.27 25.23
N LYS D 143 -39.75 -35.79 26.48
CA LYS D 143 -41.00 -35.37 27.19
C LYS D 143 -41.11 -33.84 27.29
N PHE D 144 -40.25 -33.08 26.63
CA PHE D 144 -40.32 -31.58 26.65
C PHE D 144 -41.71 -31.14 26.17
N GLU D 145 -42.40 -30.29 26.95
CA GLU D 145 -43.81 -29.91 26.66
C GLU D 145 -43.89 -28.83 25.58
N ASN D 146 -43.05 -27.79 25.62
CA ASN D 146 -43.19 -26.63 24.69
C ASN D 146 -41.86 -26.28 24.03
N LEU D 147 -40.86 -27.15 24.07
CA LEU D 147 -39.51 -26.81 23.56
C LEU D 147 -39.57 -26.69 22.04
N GLU D 148 -39.12 -25.54 21.52
CA GLU D 148 -39.05 -25.27 20.06
C GLU D 148 -37.60 -25.37 19.56
N VAL D 149 -36.62 -25.03 20.40
CA VAL D 149 -35.18 -25.08 20.00
C VAL D 149 -34.40 -25.93 21.00
N LEU D 150 -33.79 -27.01 20.52
CA LEU D 150 -32.83 -27.83 21.30
C LEU D 150 -31.48 -27.73 20.60
N SER D 151 -30.51 -27.06 21.23
CA SER D 151 -29.14 -26.96 20.69
C SER D 151 -28.11 -27.55 21.65
N LEU D 152 -27.48 -28.65 21.25
CA LEU D 152 -26.40 -29.33 22.00
C LEU D 152 -25.14 -29.32 21.14
N VAL D 153 -24.97 -28.30 20.30
CA VAL D 153 -23.86 -28.23 19.30
C VAL D 153 -22.51 -28.08 20.01
N TYR D 154 -21.45 -28.67 19.47
CA TYR D 154 -20.05 -28.55 19.95
C TYR D 154 -19.98 -28.93 21.44
N ASN D 155 -20.42 -30.15 21.76
CA ASN D 155 -20.26 -30.74 23.11
C ASN D 155 -19.49 -32.05 22.96
N LEU D 156 -19.41 -32.86 24.03
CA LEU D 156 -18.70 -34.16 24.00
C LEU D 156 -19.69 -35.32 24.15
N LEU D 157 -20.93 -35.17 23.67
CA LEU D 157 -21.96 -36.22 23.84
C LEU D 157 -21.50 -37.47 23.07
N ASP D 158 -21.47 -38.63 23.73
CA ASP D 158 -20.84 -39.86 23.19
C ASP D 158 -21.85 -41.01 23.08
N GLY D 159 -23.15 -40.72 23.21
CA GLY D 159 -24.22 -41.72 23.06
C GLY D 159 -24.70 -41.85 21.62
N THR D 160 -25.66 -42.74 21.36
CA THR D 160 -26.32 -42.85 20.04
C THR D 160 -27.29 -41.68 19.86
N ILE D 161 -27.63 -41.32 18.63
CA ILE D 161 -28.70 -40.30 18.37
C ILE D 161 -30.03 -40.93 18.82
N PRO D 162 -30.76 -40.28 19.75
CA PRO D 162 -31.96 -40.87 20.35
C PRO D 162 -33.25 -40.71 19.55
N PRO D 163 -33.99 -41.80 19.30
CA PRO D 163 -35.28 -41.74 18.61
C PRO D 163 -36.32 -40.88 19.36
N PHE D 164 -36.24 -40.83 20.69
CA PHE D 164 -37.23 -40.13 21.55
C PHE D 164 -37.22 -38.62 21.25
N LEU D 165 -36.13 -38.09 20.68
CA LEU D 165 -36.07 -36.65 20.32
C LEU D 165 -37.11 -36.35 19.24
N GLY D 166 -37.55 -37.37 18.48
CA GLY D 166 -38.61 -37.23 17.47
C GLY D 166 -39.98 -37.03 18.10
N ASN D 167 -40.10 -37.23 19.41
CA ASN D 167 -41.39 -37.17 20.15
C ASN D 167 -41.68 -35.73 20.62
N ILE D 168 -40.79 -34.77 20.36
CA ILE D 168 -41.05 -33.35 20.76
C ILE D 168 -41.84 -32.68 19.63
N SER D 169 -43.17 -32.69 19.72
CA SER D 169 -44.07 -32.18 18.65
C SER D 169 -43.83 -30.70 18.39
N THR D 170 -43.47 -29.92 19.41
CA THR D 170 -43.30 -28.45 19.28
C THR D 170 -41.95 -28.10 18.64
N LEU D 171 -41.05 -29.07 18.45
CA LEU D 171 -39.64 -28.74 18.08
C LEU D 171 -39.60 -28.10 16.69
N LYS D 172 -38.91 -26.96 16.59
CA LYS D 172 -38.69 -26.24 15.32
C LYS D 172 -37.24 -26.44 14.87
N MET D 173 -36.30 -26.54 15.82
CA MET D 173 -34.86 -26.66 15.47
C MET D 173 -34.21 -27.78 16.29
N LEU D 174 -33.66 -28.78 15.63
CA LEU D 174 -32.88 -29.87 16.25
C LEU D 174 -31.41 -29.68 15.84
N ASN D 175 -30.57 -29.25 16.76
CA ASN D 175 -29.15 -28.89 16.50
C ASN D 175 -28.26 -29.76 17.39
N LEU D 176 -27.79 -30.90 16.87
CA LEU D 176 -26.92 -31.84 17.63
C LEU D 176 -25.52 -31.89 17.02
N SER D 177 -25.16 -30.92 16.19
CA SER D 177 -23.92 -30.95 15.36
C SER D 177 -22.65 -30.91 16.20
N TYR D 178 -21.55 -31.44 15.65
CA TYR D 178 -20.17 -31.43 16.23
C TYR D 178 -20.17 -32.09 17.62
N ASN D 179 -20.69 -33.32 17.70
CA ASN D 179 -20.63 -34.16 18.92
C ASN D 179 -20.01 -35.51 18.55
N PRO D 180 -19.12 -36.07 19.39
CA PRO D 180 -18.51 -37.37 19.12
C PRO D 180 -19.45 -38.52 19.46
N PHE D 181 -20.62 -38.55 18.83
CA PHE D 181 -21.69 -39.53 19.13
C PHE D 181 -21.19 -40.93 18.75
N SER D 182 -21.66 -41.95 19.46
CA SER D 182 -21.45 -43.36 19.05
C SER D 182 -22.10 -43.52 17.69
N PRO D 183 -21.43 -44.17 16.70
CA PRO D 183 -22.00 -44.29 15.37
C PRO D 183 -23.44 -44.79 15.43
N SER D 184 -24.39 -44.06 14.84
CA SER D 184 -25.83 -44.36 14.92
C SER D 184 -26.56 -43.88 13.67
N ARG D 185 -27.67 -44.54 13.33
CA ARG D 185 -28.52 -44.15 12.19
C ARG D 185 -29.37 -42.93 12.58
N ILE D 186 -29.92 -42.23 11.59
CA ILE D 186 -30.92 -41.16 11.84
C ILE D 186 -32.22 -41.89 12.17
N PRO D 187 -32.79 -41.68 13.36
CA PRO D 187 -34.03 -42.34 13.74
C PRO D 187 -35.14 -42.01 12.75
N PRO D 188 -35.90 -43.01 12.26
CA PRO D 188 -37.06 -42.75 11.40
C PRO D 188 -38.14 -41.92 12.10
N GLU D 189 -38.12 -41.95 13.43
CA GLU D 189 -39.09 -41.21 14.29
C GLU D 189 -38.87 -39.69 14.14
N PHE D 190 -37.74 -39.26 13.57
CA PHE D 190 -37.46 -37.81 13.34
C PHE D 190 -38.47 -37.28 12.31
N GLY D 191 -39.03 -38.17 11.49
CA GLY D 191 -40.09 -37.81 10.53
C GLY D 191 -41.35 -37.34 11.22
N ASN D 192 -41.53 -37.69 12.49
CA ASN D 192 -42.71 -37.31 13.30
C ASN D 192 -42.60 -35.85 13.76
N LEU D 193 -41.45 -35.19 13.56
CA LEU D 193 -41.26 -33.76 13.95
C LEU D 193 -41.88 -32.86 12.90
N THR D 194 -43.21 -32.74 12.87
CA THR D 194 -43.98 -32.09 11.77
C THR D 194 -43.67 -30.60 11.67
N ASN D 195 -43.35 -29.92 12.78
CA ASN D 195 -43.10 -28.45 12.75
C ASN D 195 -41.60 -28.15 12.64
N LEU D 196 -40.76 -29.16 12.38
CA LEU D 196 -39.29 -28.93 12.35
C LEU D 196 -38.94 -28.05 11.14
N GLU D 197 -38.10 -27.04 11.37
CA GLU D 197 -37.60 -26.11 10.34
C GLU D 197 -36.10 -26.36 10.10
N VAL D 198 -35.36 -26.80 11.11
CA VAL D 198 -33.89 -27.04 11.01
C VAL D 198 -33.55 -28.43 11.56
N MET D 199 -32.88 -29.25 10.75
CA MET D 199 -32.24 -30.50 11.22
C MET D 199 -30.74 -30.37 10.96
N TRP D 200 -29.98 -30.00 11.97
CA TRP D 200 -28.52 -29.77 11.86
C TRP D 200 -27.78 -30.91 12.58
N LEU D 201 -27.34 -31.92 11.83
CA LEU D 201 -26.67 -33.13 12.37
C LEU D 201 -25.31 -33.30 11.71
N THR D 202 -24.58 -32.22 11.46
CA THR D 202 -23.22 -32.25 10.85
C THR D 202 -22.23 -32.86 11.84
N GLU D 203 -21.35 -33.75 11.37
CA GLU D 203 -20.27 -34.39 12.16
C GLU D 203 -20.86 -35.02 13.44
N CYS D 204 -21.89 -35.86 13.29
CA CYS D 204 -22.55 -36.58 14.41
C CYS D 204 -22.31 -38.09 14.27
N HIS D 205 -21.34 -38.48 13.45
CA HIS D 205 -20.92 -39.90 13.23
C HIS D 205 -22.13 -40.73 12.77
N LEU D 206 -23.00 -40.14 11.94
CA LEU D 206 -24.22 -40.82 11.44
C LEU D 206 -23.82 -41.94 10.48
N VAL D 207 -24.53 -43.06 10.54
CA VAL D 207 -24.32 -44.23 9.66
C VAL D 207 -25.70 -44.64 9.14
N GLY D 208 -25.75 -45.56 8.20
CA GLY D 208 -27.01 -46.10 7.66
C GLY D 208 -27.63 -45.18 6.62
N GLN D 209 -28.84 -45.49 6.19
CA GLN D 209 -29.53 -44.78 5.08
C GLN D 209 -30.31 -43.59 5.66
N ILE D 210 -30.55 -42.57 4.83
CA ILE D 210 -31.44 -41.44 5.19
C ILE D 210 -32.86 -41.98 5.18
N PRO D 211 -33.62 -41.87 6.29
CA PRO D 211 -34.98 -42.40 6.34
C PRO D 211 -35.93 -41.64 5.40
N ASP D 212 -36.83 -42.36 4.74
CA ASP D 212 -37.83 -41.77 3.80
C ASP D 212 -38.78 -40.87 4.58
N SER D 213 -38.95 -41.14 5.89
CA SER D 213 -39.82 -40.35 6.80
C SER D 213 -39.43 -38.86 6.77
N LEU D 214 -38.17 -38.54 6.52
CA LEU D 214 -37.68 -37.14 6.51
C LEU D 214 -38.39 -36.35 5.40
N GLY D 215 -38.91 -37.05 4.38
CA GLY D 215 -39.70 -36.44 3.31
C GLY D 215 -40.98 -35.79 3.82
N GLN D 216 -41.50 -36.24 4.95
CA GLN D 216 -42.77 -35.72 5.54
C GLN D 216 -42.57 -34.33 6.16
N LEU D 217 -41.32 -33.88 6.32
CA LEU D 217 -41.03 -32.61 7.04
C LEU D 217 -41.27 -31.41 6.12
N SER D 218 -42.53 -31.05 5.89
CA SER D 218 -42.94 -30.01 4.91
C SER D 218 -42.53 -28.61 5.37
N LYS D 219 -42.18 -28.42 6.64
CA LYS D 219 -41.81 -27.08 7.16
C LYS D 219 -40.28 -26.94 7.25
N LEU D 220 -39.55 -28.01 6.94
CA LEU D 220 -38.06 -28.01 7.05
C LEU D 220 -37.49 -26.96 6.08
N VAL D 221 -36.60 -26.10 6.56
CA VAL D 221 -35.90 -25.06 5.75
C VAL D 221 -34.44 -25.48 5.52
N ASP D 222 -33.81 -26.08 6.54
CA ASP D 222 -32.39 -26.51 6.47
C ASP D 222 -32.30 -28.00 6.82
N LEU D 223 -31.81 -28.81 5.88
CA LEU D 223 -31.46 -30.24 6.16
C LEU D 223 -29.95 -30.37 6.00
N ASP D 224 -29.22 -30.56 7.10
CA ASP D 224 -27.74 -30.67 7.06
C ASP D 224 -27.33 -31.98 7.71
N LEU D 225 -26.99 -32.97 6.89
CA LEU D 225 -26.54 -34.31 7.33
C LEU D 225 -25.09 -34.50 6.87
N ALA D 226 -24.36 -33.41 6.70
CA ALA D 226 -23.00 -33.43 6.09
C ALA D 226 -21.97 -33.93 7.11
N LEU D 227 -20.78 -34.31 6.62
CA LEU D 227 -19.62 -34.78 7.42
C LEU D 227 -20.03 -35.99 8.27
N ASN D 228 -20.73 -36.95 7.68
CA ASN D 228 -21.11 -38.21 8.37
C ASN D 228 -20.69 -39.39 7.47
N ASP D 229 -21.15 -40.61 7.79
CA ASP D 229 -20.81 -41.83 7.01
C ASP D 229 -22.12 -42.43 6.50
N LEU D 230 -23.07 -41.58 6.14
CA LEU D 230 -24.39 -42.05 5.64
C LEU D 230 -24.18 -42.81 4.33
N VAL D 231 -24.89 -43.91 4.16
CA VAL D 231 -24.77 -44.81 2.97
C VAL D 231 -26.13 -44.88 2.28
N GLY D 232 -26.17 -45.38 1.05
CA GLY D 232 -27.43 -45.59 0.32
C GLY D 232 -27.78 -44.40 -0.55
N HIS D 233 -28.98 -44.42 -1.14
CA HIS D 233 -29.42 -43.42 -2.14
C HIS D 233 -29.98 -42.20 -1.42
N ILE D 234 -29.93 -41.04 -2.07
CA ILE D 234 -30.71 -39.86 -1.61
C ILE D 234 -32.18 -40.20 -1.84
N PRO D 235 -33.04 -40.21 -0.79
CA PRO D 235 -34.42 -40.66 -0.93
C PRO D 235 -35.23 -39.80 -1.89
N PRO D 236 -35.99 -40.41 -2.83
CA PRO D 236 -36.87 -39.65 -3.73
C PRO D 236 -37.96 -38.93 -2.93
N SER D 237 -38.21 -39.40 -1.70
CA SER D 237 -39.19 -38.82 -0.74
C SER D 237 -38.84 -37.36 -0.42
N LEU D 238 -37.57 -36.96 -0.60
CA LEU D 238 -37.12 -35.60 -0.23
C LEU D 238 -37.80 -34.54 -1.11
N GLY D 239 -38.46 -34.96 -2.21
CA GLY D 239 -39.32 -34.08 -3.01
C GLY D 239 -40.49 -33.55 -2.20
N GLY D 240 -40.82 -34.23 -1.08
CA GLY D 240 -41.88 -33.84 -0.14
C GLY D 240 -41.48 -32.67 0.75
N LEU D 241 -40.21 -32.27 0.76
CA LEU D 241 -39.73 -31.16 1.62
C LEU D 241 -40.16 -29.83 0.99
N THR D 242 -41.43 -29.45 1.15
CA THR D 242 -42.04 -28.31 0.43
C THR D 242 -41.28 -27.00 0.66
N ASN D 243 -40.83 -26.72 1.89
CA ASN D 243 -40.29 -25.39 2.24
C ASN D 243 -38.76 -25.41 2.32
N VAL D 244 -38.09 -26.50 1.94
CA VAL D 244 -36.61 -26.64 2.12
C VAL D 244 -35.90 -25.60 1.24
N VAL D 245 -34.94 -24.87 1.83
CA VAL D 245 -34.10 -23.88 1.11
C VAL D 245 -32.68 -24.42 0.97
N GLN D 246 -32.20 -25.18 1.96
CA GLN D 246 -30.79 -25.67 1.97
C GLN D 246 -30.75 -27.17 2.27
N ILE D 247 -30.09 -27.94 1.41
CA ILE D 247 -29.85 -29.38 1.65
C ILE D 247 -28.33 -29.62 1.59
N GLU D 248 -27.74 -30.09 2.69
CA GLU D 248 -26.29 -30.39 2.78
C GLU D 248 -26.13 -31.88 3.08
N LEU D 249 -25.65 -32.66 2.11
CA LEU D 249 -25.39 -34.12 2.30
C LEU D 249 -23.92 -34.40 1.95
N TYR D 250 -23.06 -33.39 2.00
CA TYR D 250 -21.66 -33.51 1.51
C TYR D 250 -20.81 -34.36 2.46
N ASN D 251 -19.78 -34.99 1.90
CA ASN D 251 -18.79 -35.80 2.64
C ASN D 251 -19.48 -36.94 3.39
N ASN D 252 -20.31 -37.72 2.69
CA ASN D 252 -20.90 -38.98 3.20
C ASN D 252 -20.45 -40.11 2.25
N SER D 253 -21.04 -41.29 2.37
CA SER D 253 -20.78 -42.42 1.45
C SER D 253 -22.03 -42.71 0.62
N LEU D 254 -22.77 -41.66 0.25
CA LEU D 254 -24.05 -41.81 -0.49
C LEU D 254 -23.78 -42.32 -1.91
N THR D 255 -24.64 -43.20 -2.40
CA THR D 255 -24.54 -43.83 -3.75
C THR D 255 -25.83 -43.61 -4.51
N GLY D 256 -25.88 -44.02 -5.77
CA GLY D 256 -27.11 -43.98 -6.57
C GLY D 256 -27.29 -42.63 -7.24
N GLU D 257 -28.39 -42.46 -7.96
CA GLU D 257 -28.62 -41.26 -8.79
C GLU D 257 -29.22 -40.15 -7.95
N ILE D 258 -29.01 -38.90 -8.37
CA ILE D 258 -29.65 -37.71 -7.76
C ILE D 258 -31.12 -37.78 -8.18
N PRO D 259 -32.08 -37.86 -7.24
CA PRO D 259 -33.49 -38.01 -7.59
C PRO D 259 -34.01 -36.80 -8.37
N PRO D 260 -34.76 -37.03 -9.47
CA PRO D 260 -35.39 -35.93 -10.21
C PRO D 260 -36.47 -35.24 -9.38
N GLU D 261 -36.99 -35.90 -8.34
CA GLU D 261 -38.06 -35.35 -7.46
C GLU D 261 -37.55 -34.11 -6.72
N LEU D 262 -36.24 -33.91 -6.64
CA LEU D 262 -35.64 -32.69 -6.05
C LEU D 262 -36.09 -31.45 -6.85
N GLY D 263 -36.48 -31.64 -8.12
CA GLY D 263 -37.02 -30.59 -9.00
C GLY D 263 -38.32 -30.03 -8.44
N ASN D 264 -39.05 -30.83 -7.64
CA ASN D 264 -40.35 -30.45 -7.04
C ASN D 264 -40.15 -29.44 -5.89
N LEU D 265 -38.91 -29.25 -5.42
CA LEU D 265 -38.60 -28.32 -4.30
C LEU D 265 -38.47 -26.90 -4.83
N LYS D 266 -39.54 -26.12 -4.80
CA LYS D 266 -39.60 -24.76 -5.39
C LYS D 266 -38.71 -23.80 -4.61
N SER D 267 -38.60 -23.95 -3.29
CA SER D 267 -37.84 -23.01 -2.41
C SER D 267 -36.36 -23.38 -2.30
N LEU D 268 -35.94 -24.53 -2.84
CA LEU D 268 -34.53 -24.99 -2.74
C LEU D 268 -33.62 -23.99 -3.45
N ARG D 269 -32.58 -23.51 -2.76
CA ARG D 269 -31.61 -22.54 -3.33
C ARG D 269 -30.18 -23.08 -3.20
N LEU D 270 -29.89 -23.84 -2.15
CA LEU D 270 -28.52 -24.34 -1.90
C LEU D 270 -28.56 -25.87 -1.77
N LEU D 271 -27.83 -26.58 -2.63
CA LEU D 271 -27.68 -28.06 -2.53
C LEU D 271 -26.19 -28.39 -2.63
N ASP D 272 -25.66 -29.10 -1.64
CA ASP D 272 -24.26 -29.61 -1.69
C ASP D 272 -24.30 -31.10 -1.32
N ALA D 273 -24.09 -31.97 -2.31
CA ALA D 273 -24.00 -33.43 -2.13
C ALA D 273 -22.62 -33.88 -2.62
N SER D 274 -21.64 -33.01 -2.46
CA SER D 274 -20.24 -33.24 -2.91
C SER D 274 -19.56 -34.30 -2.05
N MET D 275 -18.42 -34.81 -2.51
CA MET D 275 -17.60 -35.81 -1.78
C MET D 275 -18.48 -37.01 -1.39
N ASN D 276 -19.25 -37.52 -2.34
CA ASN D 276 -20.03 -38.78 -2.17
C ASN D 276 -19.63 -39.74 -3.29
N GLN D 277 -20.38 -40.83 -3.49
CA GLN D 277 -20.16 -41.79 -4.60
C GLN D 277 -21.37 -41.78 -5.54
N LEU D 278 -21.98 -40.61 -5.76
CA LEU D 278 -23.21 -40.50 -6.59
C LEU D 278 -22.90 -40.85 -8.04
N THR D 279 -23.81 -41.56 -8.71
CA THR D 279 -23.63 -42.04 -10.10
C THR D 279 -24.77 -41.48 -10.96
N GLY D 280 -24.64 -41.55 -12.28
CA GLY D 280 -25.70 -41.16 -13.22
C GLY D 280 -25.61 -39.69 -13.57
N LYS D 281 -26.69 -39.13 -14.14
CA LYS D 281 -26.69 -37.77 -14.71
C LYS D 281 -27.33 -36.80 -13.72
N ILE D 282 -26.90 -35.55 -13.74
CA ILE D 282 -27.53 -34.45 -12.97
C ILE D 282 -28.89 -34.19 -13.61
N PRO D 283 -30.03 -34.35 -12.90
CA PRO D 283 -31.36 -34.22 -13.49
C PRO D 283 -31.68 -32.81 -13.98
N ASP D 284 -32.38 -32.74 -15.12
CA ASP D 284 -32.82 -31.46 -15.74
C ASP D 284 -33.77 -30.75 -14.78
N GLU D 285 -34.63 -31.52 -14.10
CA GLU D 285 -35.69 -30.97 -13.21
C GLU D 285 -35.03 -30.19 -12.07
N LEU D 286 -33.95 -30.72 -11.50
CA LEU D 286 -33.18 -30.04 -10.44
C LEU D 286 -32.60 -28.74 -11.00
N CYS D 287 -32.00 -28.80 -12.19
CA CYS D 287 -31.30 -27.63 -12.80
C CYS D 287 -32.34 -26.58 -13.20
N ARG D 288 -33.59 -26.97 -13.44
CA ARG D 288 -34.70 -26.03 -13.75
C ARG D 288 -35.00 -25.16 -12.52
N VAL D 289 -34.82 -25.68 -11.30
CA VAL D 289 -35.02 -24.93 -10.03
C VAL D 289 -34.05 -23.76 -10.02
N PRO D 290 -34.48 -22.55 -9.61
CA PRO D 290 -33.60 -21.36 -9.62
C PRO D 290 -32.58 -21.35 -8.49
N LEU D 291 -31.61 -22.27 -8.52
CA LEU D 291 -30.64 -22.49 -7.41
C LEU D 291 -29.65 -21.34 -7.32
N GLU D 292 -29.19 -21.03 -6.10
CA GLU D 292 -28.12 -20.01 -5.89
C GLU D 292 -26.76 -20.72 -5.82
N SER D 293 -26.72 -21.93 -5.27
CA SER D 293 -25.46 -22.71 -5.15
C SER D 293 -25.72 -24.19 -5.45
N LEU D 294 -25.00 -24.77 -6.40
CA LEU D 294 -25.04 -26.22 -6.68
C LEU D 294 -23.63 -26.77 -6.60
N ASN D 295 -23.34 -27.59 -5.59
CA ASN D 295 -22.02 -28.25 -5.44
C ASN D 295 -22.25 -29.76 -5.49
N LEU D 296 -21.70 -30.43 -6.52
CA LEU D 296 -21.83 -31.90 -6.69
C LEU D 296 -20.44 -32.47 -6.98
N TYR D 297 -19.40 -31.82 -6.48
CA TYR D 297 -17.99 -32.16 -6.82
C TYR D 297 -17.56 -33.47 -6.14
N GLU D 298 -16.51 -34.09 -6.69
CA GLU D 298 -15.91 -35.36 -6.20
C GLU D 298 -17.00 -36.43 -6.06
N ASN D 299 -17.73 -36.68 -7.15
CA ASN D 299 -18.69 -37.81 -7.26
C ASN D 299 -18.27 -38.65 -8.47
N ASN D 300 -19.11 -39.63 -8.87
CA ASN D 300 -18.88 -40.44 -10.09
C ASN D 300 -19.97 -40.11 -11.11
N LEU D 301 -20.38 -38.84 -11.15
CA LEU D 301 -21.49 -38.39 -12.04
C LEU D 301 -21.00 -38.40 -13.50
N GLU D 302 -21.92 -38.61 -14.43
CA GLU D 302 -21.63 -38.68 -15.88
C GLU D 302 -22.71 -37.89 -16.62
N GLY D 303 -22.53 -37.74 -17.94
CA GLY D 303 -23.54 -37.13 -18.81
C GLY D 303 -23.36 -35.62 -18.89
N GLU D 304 -24.34 -34.94 -19.50
CA GLU D 304 -24.21 -33.50 -19.83
C GLU D 304 -24.81 -32.68 -18.69
N LEU D 305 -24.23 -31.52 -18.39
CA LEU D 305 -24.86 -30.53 -17.49
C LEU D 305 -26.07 -29.97 -18.22
N PRO D 306 -27.30 -30.08 -17.66
CA PRO D 306 -28.48 -29.50 -18.30
C PRO D 306 -28.34 -27.98 -18.46
N ALA D 307 -28.77 -27.46 -19.60
CA ALA D 307 -28.67 -26.02 -19.95
C ALA D 307 -29.61 -25.21 -19.06
N SER D 308 -30.57 -25.87 -18.41
CA SER D 308 -31.57 -25.24 -17.52
C SER D 308 -30.86 -24.47 -16.39
N ILE D 309 -29.68 -24.92 -15.96
CA ILE D 309 -28.97 -24.30 -14.80
C ILE D 309 -28.73 -22.80 -15.08
N ALA D 310 -28.50 -22.44 -16.35
CA ALA D 310 -28.25 -21.05 -16.79
C ALA D 310 -29.50 -20.19 -16.62
N LEU D 311 -30.68 -20.82 -16.56
CA LEU D 311 -31.97 -20.09 -16.39
C LEU D 311 -32.02 -19.39 -15.03
N SER D 312 -31.47 -19.99 -13.98
CA SER D 312 -31.55 -19.43 -12.61
C SER D 312 -30.98 -18.01 -12.59
N PRO D 313 -31.72 -17.03 -12.05
CA PRO D 313 -31.21 -15.68 -11.87
C PRO D 313 -30.41 -15.49 -10.57
N ASN D 314 -30.28 -16.55 -9.75
CA ASN D 314 -29.69 -16.47 -8.39
C ASN D 314 -28.34 -17.20 -8.33
N LEU D 315 -27.88 -17.86 -9.39
CA LEU D 315 -26.69 -18.76 -9.33
C LEU D 315 -25.41 -17.93 -9.17
N TYR D 316 -24.71 -18.15 -8.06
CA TYR D 316 -23.38 -17.53 -7.81
C TYR D 316 -22.32 -18.64 -7.65
N GLU D 317 -22.72 -19.88 -7.39
CA GLU D 317 -21.75 -20.95 -7.09
C GLU D 317 -22.11 -22.24 -7.83
N ILE D 318 -21.21 -22.73 -8.68
CA ILE D 318 -21.36 -24.08 -9.28
C ILE D 318 -20.00 -24.78 -9.18
N ARG D 319 -19.91 -25.79 -8.33
CA ARG D 319 -18.69 -26.61 -8.15
C ARG D 319 -19.05 -28.07 -8.41
N ILE D 320 -18.77 -28.54 -9.63
CA ILE D 320 -19.12 -29.92 -10.06
C ILE D 320 -17.85 -30.62 -10.54
N PHE D 321 -16.69 -30.19 -10.04
CA PHE D 321 -15.37 -30.74 -10.43
C PHE D 321 -15.23 -32.18 -9.94
N GLY D 322 -14.33 -32.95 -10.55
CA GLY D 322 -14.05 -34.33 -10.15
C GLY D 322 -15.17 -35.28 -10.51
N ASN D 323 -15.79 -35.10 -11.68
CA ASN D 323 -16.80 -36.03 -12.23
C ASN D 323 -16.37 -36.44 -13.64
N ARG D 324 -17.21 -37.24 -14.32
CA ARG D 324 -16.96 -37.67 -15.72
C ARG D 324 -17.99 -37.00 -16.62
N LEU D 325 -18.35 -35.75 -16.33
CA LEU D 325 -19.37 -34.99 -17.09
C LEU D 325 -18.86 -34.71 -18.50
N THR D 326 -19.70 -34.93 -19.51
CA THR D 326 -19.35 -34.81 -20.95
C THR D 326 -20.16 -33.68 -21.59
N GLY D 327 -19.78 -33.27 -22.80
CA GLY D 327 -20.50 -32.24 -23.56
C GLY D 327 -20.02 -30.86 -23.21
N GLY D 328 -20.78 -29.83 -23.56
CA GLY D 328 -20.38 -28.42 -23.36
C GLY D 328 -21.10 -27.78 -22.21
N LEU D 329 -20.56 -26.66 -21.72
CA LEU D 329 -21.21 -25.85 -20.67
C LEU D 329 -22.39 -25.14 -21.30
N PRO D 330 -23.40 -24.73 -20.51
CA PRO D 330 -24.55 -24.00 -21.05
C PRO D 330 -24.10 -22.70 -21.74
N LYS D 331 -24.66 -22.44 -22.92
CA LYS D 331 -24.31 -21.26 -23.75
C LYS D 331 -24.59 -19.97 -22.96
N ASP D 332 -25.66 -19.94 -22.17
CA ASP D 332 -26.12 -18.69 -21.50
C ASP D 332 -25.61 -18.63 -20.06
N LEU D 333 -24.68 -19.50 -19.66
CA LEU D 333 -24.18 -19.52 -18.26
C LEU D 333 -23.55 -18.16 -17.92
N GLY D 334 -24.03 -17.53 -16.84
CA GLY D 334 -23.51 -16.25 -16.32
C GLY D 334 -24.24 -15.06 -16.89
N LEU D 335 -25.03 -15.27 -17.95
CA LEU D 335 -25.77 -14.18 -18.63
C LEU D 335 -26.85 -13.61 -17.71
N ASN D 336 -27.59 -14.45 -17.01
CA ASN D 336 -28.76 -14.03 -16.20
C ASN D 336 -28.49 -14.15 -14.70
N SER D 337 -27.28 -14.58 -14.29
CA SER D 337 -26.96 -14.86 -12.86
C SER D 337 -25.68 -14.14 -12.46
N PRO D 338 -25.54 -13.71 -11.19
CA PRO D 338 -24.29 -13.13 -10.70
C PRO D 338 -23.29 -14.23 -10.34
N LEU D 339 -22.78 -14.94 -11.34
CA LEU D 339 -21.85 -16.08 -11.16
C LEU D 339 -20.58 -15.54 -10.50
N ARG D 340 -20.20 -16.13 -9.36
CA ARG D 340 -19.03 -15.71 -8.56
C ARG D 340 -17.99 -16.82 -8.58
N TRP D 341 -18.44 -18.07 -8.48
CA TRP D 341 -17.53 -19.24 -8.39
C TRP D 341 -17.94 -20.31 -9.39
N LEU D 342 -17.07 -20.62 -10.34
CA LEU D 342 -17.27 -21.70 -11.33
C LEU D 342 -16.10 -22.67 -11.23
N ASP D 343 -16.34 -23.93 -10.90
CA ASP D 343 -15.29 -24.97 -10.91
C ASP D 343 -15.85 -26.22 -11.58
N VAL D 344 -15.41 -26.48 -12.81
CA VAL D 344 -15.84 -27.67 -13.61
C VAL D 344 -14.60 -28.51 -13.90
N SER D 345 -13.55 -28.36 -13.09
CA SER D 345 -12.23 -29.00 -13.31
C SER D 345 -12.35 -30.54 -13.24
N GLU D 346 -11.38 -31.26 -13.82
CA GLU D 346 -11.30 -32.74 -13.78
C GLU D 346 -12.64 -33.34 -14.27
N ASN D 347 -13.09 -32.91 -15.45
CA ASN D 347 -14.28 -33.47 -16.14
C ASN D 347 -13.89 -33.74 -17.60
N GLU D 348 -14.83 -34.17 -18.44
CA GLU D 348 -14.59 -34.43 -19.88
C GLU D 348 -15.37 -33.41 -20.72
N PHE D 349 -15.50 -32.17 -20.21
CA PHE D 349 -16.23 -31.09 -20.93
C PHE D 349 -15.47 -30.70 -22.20
N SER D 350 -16.21 -30.38 -23.26
CA SER D 350 -15.65 -30.05 -24.60
C SER D 350 -16.34 -28.80 -25.15
N GLY D 351 -15.73 -28.16 -26.13
CA GLY D 351 -16.36 -27.03 -26.86
C GLY D 351 -15.91 -25.70 -26.29
N ASP D 352 -16.47 -24.61 -26.81
CA ASP D 352 -16.05 -23.24 -26.45
C ASP D 352 -16.55 -22.92 -25.04
N LEU D 353 -15.81 -22.10 -24.32
CA LEU D 353 -16.29 -21.51 -23.04
C LEU D 353 -17.51 -20.65 -23.36
N PRO D 354 -18.53 -20.61 -22.47
CA PRO D 354 -19.66 -19.70 -22.66
C PRO D 354 -19.15 -18.25 -22.73
N ALA D 355 -19.79 -17.43 -23.57
CA ALA D 355 -19.34 -16.05 -23.93
C ALA D 355 -19.69 -15.04 -22.84
N ASP D 356 -20.61 -15.35 -21.92
CA ASP D 356 -21.16 -14.31 -21.00
C ASP D 356 -21.09 -14.75 -19.52
N LEU D 357 -20.02 -15.46 -19.13
CA LEU D 357 -19.85 -15.96 -17.74
C LEU D 357 -19.80 -14.80 -16.74
N CYS D 358 -19.16 -13.68 -17.10
CA CYS D 358 -18.97 -12.50 -16.21
C CYS D 358 -19.87 -11.35 -16.65
N ALA D 359 -21.04 -11.66 -17.23
CA ALA D 359 -22.01 -10.66 -17.72
C ALA D 359 -22.45 -9.75 -16.57
N LYS D 360 -22.64 -10.30 -15.37
CA LYS D 360 -23.13 -9.51 -14.19
C LYS D 360 -21.94 -8.92 -13.43
N GLY D 361 -20.70 -9.23 -13.84
CA GLY D 361 -19.47 -8.57 -13.35
C GLY D 361 -19.08 -9.04 -11.96
N GLU D 362 -19.46 -10.26 -11.56
CA GLU D 362 -19.18 -10.75 -10.19
C GLU D 362 -18.29 -12.01 -10.20
N LEU D 363 -17.82 -12.47 -11.37
CA LEU D 363 -17.05 -13.74 -11.44
C LEU D 363 -15.67 -13.52 -10.80
N GLU D 364 -15.34 -14.31 -9.78
CA GLU D 364 -14.05 -14.19 -9.05
C GLU D 364 -13.15 -15.39 -9.38
N GLU D 365 -13.74 -16.56 -9.57
CA GLU D 365 -12.94 -17.79 -9.78
C GLU D 365 -13.42 -18.51 -11.04
N LEU D 366 -12.51 -18.68 -12.00
CA LEU D 366 -12.76 -19.49 -13.22
C LEU D 366 -11.80 -20.68 -13.19
N LEU D 367 -12.30 -21.86 -12.89
CA LEU D 367 -11.47 -23.07 -12.72
C LEU D 367 -12.00 -24.17 -13.64
N ILE D 368 -11.30 -24.45 -14.74
CA ILE D 368 -11.77 -25.40 -15.78
C ILE D 368 -10.66 -26.41 -16.11
N ILE D 369 -9.70 -26.64 -15.23
CA ILE D 369 -8.49 -27.45 -15.53
C ILE D 369 -8.88 -28.91 -15.81
N HIS D 370 -8.07 -29.61 -16.59
CA HIS D 370 -8.21 -31.05 -16.95
C HIS D 370 -9.56 -31.29 -17.64
N ASN D 371 -9.87 -30.48 -18.65
CA ASN D 371 -11.04 -30.66 -19.55
C ASN D 371 -10.55 -30.56 -21.01
N SER D 372 -11.42 -30.81 -21.98
CA SER D 372 -11.09 -30.73 -23.43
C SER D 372 -11.70 -29.47 -24.04
N PHE D 373 -11.79 -28.38 -23.29
CA PHE D 373 -12.34 -27.09 -23.77
C PHE D 373 -11.47 -26.60 -24.93
N SER D 374 -12.11 -26.11 -25.99
CA SER D 374 -11.44 -25.70 -27.26
C SER D 374 -11.80 -24.25 -27.59
N GLY D 375 -11.13 -23.67 -28.58
CA GLY D 375 -11.46 -22.34 -29.09
C GLY D 375 -10.68 -21.27 -28.35
N VAL D 376 -11.17 -20.04 -28.38
CA VAL D 376 -10.43 -18.85 -27.87
C VAL D 376 -11.06 -18.43 -26.55
N ILE D 377 -10.33 -17.70 -25.72
CA ILE D 377 -10.89 -17.08 -24.49
C ILE D 377 -11.94 -16.07 -24.95
N PRO D 378 -13.17 -16.10 -24.40
CA PRO D 378 -14.18 -15.08 -24.72
C PRO D 378 -13.65 -13.67 -24.47
N GLU D 379 -13.91 -12.75 -25.40
CA GLU D 379 -13.35 -11.37 -25.35
C GLU D 379 -13.96 -10.61 -24.17
N SER D 380 -15.17 -10.99 -23.76
CA SER D 380 -15.90 -10.41 -22.61
C SER D 380 -15.04 -10.50 -21.34
N LEU D 381 -14.31 -11.60 -21.16
CA LEU D 381 -13.51 -11.86 -19.94
C LEU D 381 -12.39 -10.82 -19.79
N ALA D 382 -12.05 -10.10 -20.86
CA ALA D 382 -11.07 -8.98 -20.81
C ALA D 382 -11.63 -7.85 -19.94
N ASP D 383 -12.95 -7.76 -19.79
CA ASP D 383 -13.59 -6.70 -18.98
C ASP D 383 -14.06 -7.26 -17.62
N CYS D 384 -13.77 -8.52 -17.31
CA CYS D 384 -14.16 -9.15 -16.01
C CYS D 384 -13.11 -8.82 -14.95
N ARG D 385 -13.19 -7.62 -14.36
CA ARG D 385 -12.17 -7.13 -13.40
C ARG D 385 -12.41 -7.75 -12.02
N SER D 386 -13.53 -8.45 -11.83
CA SER D 386 -13.88 -9.17 -10.58
C SER D 386 -12.97 -10.39 -10.37
N LEU D 387 -12.44 -10.98 -11.44
CA LEU D 387 -11.70 -12.27 -11.38
C LEU D 387 -10.47 -12.14 -10.47
N THR D 388 -10.24 -13.13 -9.61
CA THR D 388 -9.08 -13.21 -8.69
C THR D 388 -8.26 -14.47 -8.95
N ARG D 389 -8.88 -15.56 -9.40
CA ARG D 389 -8.18 -16.84 -9.66
C ARG D 389 -8.62 -17.41 -11.01
N ILE D 390 -7.69 -17.55 -11.95
CA ILE D 390 -7.98 -18.06 -13.33
C ILE D 390 -7.11 -19.30 -13.57
N ARG D 391 -7.76 -20.44 -13.77
CA ARG D 391 -7.05 -21.71 -14.08
C ARG D 391 -7.70 -22.35 -15.30
N LEU D 392 -7.12 -22.11 -16.48
CA LEU D 392 -7.63 -22.65 -17.78
C LEU D 392 -6.73 -23.79 -18.24
N ALA D 393 -5.89 -24.33 -17.34
CA ALA D 393 -4.81 -25.28 -17.68
C ALA D 393 -5.35 -26.65 -18.11
N TYR D 394 -4.56 -27.39 -18.88
CA TYR D 394 -4.83 -28.78 -19.34
C TYR D 394 -6.13 -28.79 -20.15
N ASN D 395 -6.23 -27.89 -21.11
CA ASN D 395 -7.36 -27.82 -22.08
C ASN D 395 -6.79 -27.75 -23.50
N ARG D 396 -7.64 -27.79 -24.53
CA ARG D 396 -7.24 -27.73 -25.96
C ARG D 396 -7.49 -26.32 -26.51
N PHE D 397 -7.33 -25.28 -25.69
CA PHE D 397 -7.56 -23.88 -26.09
C PHE D 397 -6.51 -23.45 -27.12
N SER D 398 -6.89 -22.53 -28.00
CA SER D 398 -6.00 -21.98 -29.05
C SER D 398 -6.24 -20.48 -29.17
N GLY D 399 -5.44 -19.81 -30.01
CA GLY D 399 -5.64 -18.39 -30.36
C GLY D 399 -4.94 -17.47 -29.39
N SER D 400 -4.97 -16.18 -29.67
CA SER D 400 -4.30 -15.14 -28.84
C SER D 400 -5.14 -14.89 -27.59
N VAL D 401 -4.49 -14.55 -26.49
CA VAL D 401 -5.19 -14.15 -25.24
C VAL D 401 -5.69 -12.72 -25.45
N PRO D 402 -6.95 -12.40 -25.10
CA PRO D 402 -7.46 -11.03 -25.19
C PRO D 402 -6.56 -10.08 -24.40
N THR D 403 -6.35 -8.87 -24.92
CA THR D 403 -5.41 -7.87 -24.35
C THR D 403 -5.77 -7.59 -22.90
N GLY D 404 -7.05 -7.33 -22.60
CA GLY D 404 -7.53 -6.97 -21.26
C GLY D 404 -7.29 -8.07 -20.24
N PHE D 405 -7.41 -9.33 -20.66
CA PHE D 405 -7.30 -10.53 -19.76
C PHE D 405 -5.93 -10.50 -19.05
N TRP D 406 -4.87 -10.09 -19.75
CA TRP D 406 -3.50 -9.98 -19.18
C TRP D 406 -3.51 -8.98 -18.02
N GLY D 407 -4.28 -7.90 -18.13
CA GLY D 407 -4.18 -6.73 -17.23
C GLY D 407 -5.24 -6.69 -16.14
N LEU D 408 -6.03 -7.77 -15.96
CA LEU D 408 -7.13 -7.77 -14.96
C LEU D 408 -6.53 -7.45 -13.57
N PRO D 409 -7.07 -6.46 -12.84
CA PRO D 409 -6.45 -5.91 -11.64
C PRO D 409 -6.35 -6.77 -10.37
N HIS D 410 -7.32 -7.66 -10.10
CA HIS D 410 -7.39 -8.43 -8.83
C HIS D 410 -6.96 -9.89 -9.04
N VAL D 411 -6.52 -10.27 -10.23
CA VAL D 411 -6.10 -11.67 -10.50
C VAL D 411 -4.79 -11.96 -9.75
N ASN D 412 -4.80 -13.00 -8.92
CA ASN D 412 -3.63 -13.40 -8.10
C ASN D 412 -2.90 -14.54 -8.83
N LEU D 413 -3.65 -15.47 -9.42
CA LEU D 413 -3.08 -16.60 -10.18
C LEU D 413 -3.67 -16.62 -11.59
N LEU D 414 -2.81 -16.55 -12.62
CA LEU D 414 -3.20 -16.78 -14.02
C LEU D 414 -2.47 -18.02 -14.52
N GLU D 415 -3.18 -19.11 -14.79
CA GLU D 415 -2.57 -20.38 -15.25
C GLU D 415 -3.19 -20.80 -16.58
N LEU D 416 -2.43 -20.73 -17.66
CA LEU D 416 -2.87 -21.08 -19.04
C LEU D 416 -2.06 -22.28 -19.52
N VAL D 417 -1.43 -23.01 -18.60
CA VAL D 417 -0.45 -24.10 -18.89
C VAL D 417 -1.13 -25.21 -19.71
N ASN D 418 -0.36 -25.87 -20.58
CA ASN D 418 -0.79 -27.05 -21.38
C ASN D 418 -2.01 -26.71 -22.25
N ASN D 419 -1.91 -25.60 -23.00
CA ASN D 419 -2.88 -25.21 -24.04
C ASN D 419 -2.09 -24.95 -25.33
N SER D 420 -2.77 -24.54 -26.40
CA SER D 420 -2.12 -24.14 -27.67
C SER D 420 -2.26 -22.64 -27.89
N PHE D 421 -2.31 -21.85 -26.80
CA PHE D 421 -2.45 -20.38 -26.88
C PHE D 421 -1.31 -19.83 -27.72
N SER D 422 -1.62 -18.87 -28.60
CA SER D 422 -0.62 -18.22 -29.47
C SER D 422 -0.56 -16.73 -29.13
N GLY D 423 0.25 -15.98 -29.88
CA GLY D 423 0.35 -14.53 -29.73
C GLY D 423 1.36 -14.16 -28.68
N GLU D 424 1.31 -12.91 -28.20
CA GLU D 424 2.34 -12.35 -27.31
C GLU D 424 1.66 -11.93 -26.00
N ILE D 425 2.45 -11.79 -24.94
CA ILE D 425 1.95 -11.16 -23.69
C ILE D 425 1.84 -9.66 -24.00
N SER D 426 0.65 -9.09 -23.83
CA SER D 426 0.38 -7.66 -24.12
C SER D 426 1.07 -6.79 -23.06
N LYS D 427 1.28 -5.51 -23.37
CA LYS D 427 1.80 -4.51 -22.41
C LYS D 427 0.76 -4.30 -21.30
N SER D 428 -0.46 -4.81 -21.49
CA SER D 428 -1.57 -4.74 -20.51
C SER D 428 -1.21 -5.49 -19.23
N ILE D 429 -0.22 -6.40 -19.28
CA ILE D 429 0.22 -7.22 -18.11
C ILE D 429 0.60 -6.29 -16.96
N GLY D 430 1.10 -5.07 -17.25
CA GLY D 430 1.46 -4.07 -16.23
C GLY D 430 0.30 -3.72 -15.33
N GLY D 431 -0.94 -3.86 -15.84
CA GLY D 431 -2.17 -3.54 -15.09
C GLY D 431 -2.54 -4.61 -14.08
N ALA D 432 -1.86 -5.77 -14.09
CA ALA D 432 -2.14 -6.89 -13.17
C ALA D 432 -1.44 -6.62 -11.83
N SER D 433 -1.96 -5.66 -11.07
CA SER D 433 -1.37 -5.14 -9.81
C SER D 433 -1.25 -6.28 -8.77
N ASN D 434 -2.22 -7.19 -8.72
CA ASN D 434 -2.30 -8.22 -7.66
C ASN D 434 -1.73 -9.56 -8.16
N LEU D 435 -1.18 -9.63 -9.38
CA LEU D 435 -0.68 -10.91 -9.95
C LEU D 435 0.55 -11.38 -9.18
N SER D 436 0.49 -12.61 -8.65
CA SER D 436 1.58 -13.23 -7.86
C SER D 436 2.16 -14.40 -8.63
N LEU D 437 1.31 -15.24 -9.22
CA LEU D 437 1.75 -16.47 -9.94
C LEU D 437 1.31 -16.38 -11.40
N LEU D 438 2.27 -16.33 -12.32
CA LEU D 438 2.02 -16.34 -13.77
C LEU D 438 2.58 -17.64 -14.34
N ILE D 439 1.72 -18.53 -14.81
CA ILE D 439 2.15 -19.86 -15.33
C ILE D 439 1.58 -20.03 -16.75
N LEU D 440 2.46 -19.93 -17.76
CA LEU D 440 2.08 -19.93 -19.20
C LEU D 440 2.79 -21.10 -19.92
N SER D 441 3.30 -22.06 -19.15
CA SER D 441 4.16 -23.16 -19.69
C SER D 441 3.41 -24.05 -20.68
N ASN D 442 4.14 -24.64 -21.64
CA ASN D 442 3.63 -25.61 -22.64
C ASN D 442 2.52 -24.99 -23.49
N ASN D 443 2.77 -23.81 -24.06
CA ASN D 443 1.87 -23.16 -25.06
C ASN D 443 2.68 -22.86 -26.33
N GLU D 444 2.12 -22.06 -27.25
CA GLU D 444 2.82 -21.64 -28.49
C GLU D 444 3.07 -20.13 -28.43
N PHE D 445 3.21 -19.55 -27.22
CA PHE D 445 3.37 -18.08 -27.07
C PHE D 445 4.66 -17.65 -27.77
N THR D 446 4.61 -16.52 -28.47
CA THR D 446 5.75 -16.00 -29.26
C THR D 446 6.03 -14.55 -28.83
N GLY D 447 7.20 -14.04 -29.20
CA GLY D 447 7.53 -12.61 -29.01
C GLY D 447 8.42 -12.41 -27.80
N SER D 448 8.73 -11.15 -27.50
CA SER D 448 9.57 -10.75 -26.35
C SER D 448 8.69 -10.57 -25.12
N LEU D 449 9.20 -10.88 -23.93
CA LEU D 449 8.50 -10.54 -22.68
C LEU D 449 8.38 -9.02 -22.61
N PRO D 450 7.16 -8.48 -22.39
CA PRO D 450 6.97 -7.03 -22.33
C PRO D 450 7.73 -6.40 -21.15
N GLU D 451 8.22 -5.16 -21.33
CA GLU D 451 8.92 -4.40 -20.28
C GLU D 451 7.97 -4.20 -19.09
N GLU D 452 6.67 -4.22 -19.33
CA GLU D 452 5.63 -3.96 -18.30
C GLU D 452 5.58 -5.12 -17.31
N ILE D 453 6.11 -6.30 -17.65
CA ILE D 453 6.11 -7.47 -16.74
C ILE D 453 6.96 -7.14 -15.52
N GLY D 454 8.00 -6.31 -15.69
CA GLY D 454 8.86 -5.87 -14.58
C GLY D 454 8.20 -4.85 -13.67
N SER D 455 7.06 -4.27 -14.07
CA SER D 455 6.29 -3.33 -13.21
C SER D 455 5.43 -4.11 -12.22
N LEU D 456 5.39 -5.45 -12.33
CA LEU D 456 4.65 -6.32 -11.39
C LEU D 456 5.53 -6.58 -10.15
N ASP D 457 5.52 -5.64 -9.20
CA ASP D 457 6.41 -5.67 -8.01
C ASP D 457 6.09 -6.87 -7.12
N ASN D 458 4.82 -7.33 -7.10
CA ASN D 458 4.37 -8.44 -6.23
C ASN D 458 4.51 -9.78 -6.95
N LEU D 459 5.08 -9.82 -8.15
CA LEU D 459 5.14 -11.11 -8.91
C LEU D 459 6.11 -12.05 -8.18
N ASN D 460 5.67 -13.28 -7.95
CA ASN D 460 6.45 -14.28 -7.17
C ASN D 460 6.91 -15.41 -8.09
N GLN D 461 6.08 -15.80 -9.06
CA GLN D 461 6.41 -16.93 -9.97
C GLN D 461 6.19 -16.51 -11.42
N LEU D 462 7.20 -16.68 -12.27
CA LEU D 462 7.06 -16.52 -13.73
C LEU D 462 7.51 -17.84 -14.35
N SER D 463 6.56 -18.67 -14.77
CA SER D 463 6.89 -19.96 -15.44
C SER D 463 6.29 -19.94 -16.85
N ALA D 464 7.14 -19.89 -17.88
CA ALA D 464 6.72 -19.75 -19.29
C ALA D 464 7.48 -20.76 -20.15
N SER D 465 7.72 -21.95 -19.62
CA SER D 465 8.53 -23.00 -20.30
C SER D 465 7.76 -23.57 -21.48
N GLY D 466 8.46 -24.23 -22.42
CA GLY D 466 7.85 -24.89 -23.59
C GLY D 466 7.09 -23.92 -24.48
N ASN D 467 7.61 -22.71 -24.65
CA ASN D 467 7.00 -21.67 -25.53
C ASN D 467 8.00 -21.28 -26.63
N LYS D 468 7.59 -20.39 -27.53
CA LYS D 468 8.44 -19.89 -28.64
C LYS D 468 8.81 -18.44 -28.34
N PHE D 469 8.86 -18.06 -27.06
CA PHE D 469 9.26 -16.69 -26.63
C PHE D 469 10.68 -16.44 -27.09
N SER D 470 10.98 -15.19 -27.44
CA SER D 470 12.30 -14.80 -28.00
C SER D 470 12.73 -13.45 -27.43
N GLY D 471 13.95 -13.03 -27.76
CA GLY D 471 14.48 -11.70 -27.46
C GLY D 471 15.27 -11.68 -26.16
N SER D 472 15.95 -10.56 -25.90
CA SER D 472 16.67 -10.31 -24.63
C SER D 472 15.64 -10.18 -23.51
N LEU D 473 15.99 -10.62 -22.31
CA LEU D 473 15.12 -10.40 -21.13
C LEU D 473 14.98 -8.90 -20.93
N PRO D 474 13.76 -8.40 -20.63
CA PRO D 474 13.58 -6.99 -20.35
C PRO D 474 14.40 -6.61 -19.11
N ASP D 475 14.97 -5.40 -19.08
CA ASP D 475 15.79 -4.94 -17.94
C ASP D 475 14.93 -4.90 -16.68
N SER D 476 13.66 -4.55 -16.80
CA SER D 476 12.69 -4.45 -15.67
C SER D 476 12.54 -5.80 -14.96
N LEU D 477 12.69 -6.92 -15.67
CA LEU D 477 12.51 -8.27 -15.08
C LEU D 477 13.49 -8.43 -13.91
N MET D 478 14.71 -7.90 -14.02
CA MET D 478 15.74 -7.98 -12.96
C MET D 478 15.33 -7.11 -11.74
N SER D 479 14.46 -6.12 -11.94
CA SER D 479 13.96 -5.25 -10.85
C SER D 479 12.98 -5.99 -9.93
N LEU D 480 12.57 -7.22 -10.26
CA LEU D 480 11.54 -7.96 -9.48
C LEU D 480 12.17 -8.60 -8.24
N GLY D 481 11.95 -7.99 -7.07
CA GLY D 481 12.59 -8.40 -5.80
C GLY D 481 11.75 -9.41 -5.04
N GLU D 482 10.53 -9.69 -5.50
CA GLU D 482 9.65 -10.69 -4.84
C GLU D 482 9.59 -11.97 -5.67
N LEU D 483 10.38 -12.05 -6.73
CA LEU D 483 10.37 -13.23 -7.64
C LEU D 483 11.16 -14.37 -6.98
N GLY D 484 10.51 -15.52 -6.79
CA GLY D 484 11.15 -16.71 -6.19
C GLY D 484 11.39 -17.78 -7.22
N THR D 485 10.58 -17.81 -8.27
CA THR D 485 10.71 -18.83 -9.35
C THR D 485 10.71 -18.13 -10.70
N LEU D 486 11.79 -18.33 -11.47
CA LEU D 486 11.86 -17.87 -12.88
C LEU D 486 12.19 -19.09 -13.73
N ASP D 487 11.21 -19.62 -14.44
CA ASP D 487 11.40 -20.81 -15.32
C ASP D 487 11.06 -20.40 -16.76
N LEU D 488 12.07 -20.24 -17.60
CA LEU D 488 11.92 -19.82 -19.01
C LEU D 488 12.56 -20.87 -19.92
N HIS D 489 12.64 -22.12 -19.46
CA HIS D 489 13.37 -23.19 -20.20
C HIS D 489 12.58 -23.57 -21.46
N GLY D 490 13.26 -24.08 -22.48
CA GLY D 490 12.64 -24.50 -23.75
C GLY D 490 12.03 -23.34 -24.51
N ASN D 491 12.73 -22.20 -24.57
CA ASN D 491 12.28 -21.03 -25.37
C ASN D 491 13.39 -20.64 -26.36
N GLN D 492 13.26 -19.49 -27.01
CA GLN D 492 14.27 -18.97 -27.97
C GLN D 492 14.84 -17.66 -27.42
N PHE D 493 14.85 -17.51 -26.09
CA PHE D 493 15.37 -16.27 -25.45
C PHE D 493 16.83 -16.10 -25.85
N SER D 494 17.24 -14.87 -26.12
CA SER D 494 18.61 -14.55 -26.61
C SER D 494 19.17 -13.42 -25.74
N GLY D 495 20.45 -13.09 -25.95
CA GLY D 495 21.07 -11.94 -25.27
C GLY D 495 21.84 -12.38 -24.05
N GLU D 496 22.22 -11.41 -23.21
CA GLU D 496 23.11 -11.63 -22.07
C GLU D 496 22.38 -11.29 -20.77
N LEU D 497 22.67 -12.02 -19.69
CA LEU D 497 22.23 -11.64 -18.34
C LEU D 497 23.07 -10.44 -17.91
N THR D 498 22.53 -9.55 -17.07
CA THR D 498 23.23 -8.31 -16.66
C THR D 498 23.60 -8.38 -15.18
N SER D 499 24.29 -7.37 -14.67
CA SER D 499 24.60 -7.19 -13.23
C SER D 499 23.31 -6.95 -12.44
N GLY D 500 22.21 -6.62 -13.12
CA GLY D 500 20.90 -6.36 -12.49
C GLY D 500 20.31 -7.60 -11.84
N ILE D 501 20.88 -8.78 -12.10
CA ILE D 501 20.39 -10.06 -11.49
C ILE D 501 20.60 -9.99 -9.97
N LYS D 502 21.42 -9.07 -9.48
CA LYS D 502 21.66 -8.85 -8.04
C LYS D 502 20.35 -8.53 -7.33
N SER D 503 19.41 -7.87 -8.02
CA SER D 503 18.11 -7.44 -7.45
C SER D 503 17.16 -8.63 -7.25
N TRP D 504 17.47 -9.81 -7.78
CA TRP D 504 16.67 -11.04 -7.55
C TRP D 504 17.02 -11.62 -6.17
N LYS D 505 16.83 -10.84 -5.11
CA LYS D 505 17.27 -11.20 -3.73
C LYS D 505 16.44 -12.38 -3.20
N LYS D 506 15.19 -12.53 -3.61
CA LYS D 506 14.31 -13.61 -3.09
C LYS D 506 14.18 -14.76 -4.10
N LEU D 507 15.04 -14.82 -5.11
CA LEU D 507 14.93 -15.87 -6.17
C LEU D 507 15.49 -17.20 -5.65
N ASN D 508 14.67 -18.25 -5.68
CA ASN D 508 15.04 -19.62 -5.24
C ASN D 508 15.42 -20.48 -6.44
N GLU D 509 14.72 -20.33 -7.56
CA GLU D 509 14.97 -21.17 -8.76
C GLU D 509 15.16 -20.26 -9.97
N LEU D 510 16.28 -20.45 -10.69
CA LEU D 510 16.49 -19.82 -12.00
C LEU D 510 16.68 -20.94 -13.02
N ASN D 511 15.72 -21.12 -13.92
CA ASN D 511 15.85 -22.11 -15.03
C ASN D 511 15.77 -21.35 -16.36
N LEU D 512 16.91 -21.17 -17.02
CA LEU D 512 17.03 -20.50 -18.34
C LEU D 512 17.52 -21.51 -19.35
N ALA D 513 17.31 -22.80 -19.08
CA ALA D 513 17.88 -23.89 -19.89
C ALA D 513 17.17 -24.00 -21.26
N ASP D 514 17.86 -24.60 -22.23
CA ASP D 514 17.37 -24.82 -23.62
C ASP D 514 16.91 -23.48 -24.21
N ASN D 515 17.75 -22.45 -24.13
CA ASN D 515 17.50 -21.15 -24.80
C ASN D 515 18.69 -20.83 -25.72
N GLU D 516 18.83 -19.58 -26.15
CA GLU D 516 19.96 -19.13 -26.99
C GLU D 516 20.68 -18.00 -26.27
N PHE D 517 20.83 -18.10 -24.96
CA PHE D 517 21.47 -17.06 -24.12
C PHE D 517 22.96 -17.00 -24.45
N THR D 518 23.53 -15.80 -24.48
CA THR D 518 24.96 -15.57 -24.78
C THR D 518 25.56 -14.67 -23.70
N GLY D 519 26.88 -14.61 -23.62
CA GLY D 519 27.59 -13.74 -22.67
C GLY D 519 28.10 -14.52 -21.48
N LYS D 520 28.76 -13.80 -20.56
CA LYS D 520 29.35 -14.41 -19.34
C LYS D 520 28.24 -14.52 -18.29
N ILE D 521 28.27 -15.56 -17.46
CA ILE D 521 27.43 -15.65 -16.25
C ILE D 521 27.88 -14.52 -15.33
N PRO D 522 26.99 -13.60 -14.92
CA PRO D 522 27.38 -12.43 -14.14
C PRO D 522 27.95 -12.81 -12.77
N ASP D 523 28.88 -12.01 -12.24
CA ASP D 523 29.50 -12.26 -10.90
C ASP D 523 28.44 -12.07 -9.82
N GLU D 524 27.37 -11.32 -10.10
CA GLU D 524 26.31 -11.01 -9.10
C GLU D 524 25.46 -12.26 -8.81
N ILE D 525 25.65 -13.36 -9.53
CA ILE D 525 24.94 -14.65 -9.23
C ILE D 525 25.23 -15.06 -7.77
N GLY D 526 26.44 -14.79 -7.28
CA GLY D 526 26.84 -15.12 -5.89
C GLY D 526 26.07 -14.32 -4.86
N SER D 527 25.58 -13.14 -5.21
CA SER D 527 24.82 -12.24 -4.29
C SER D 527 23.42 -12.82 -4.00
N LEU D 528 22.99 -13.87 -4.72
CA LEU D 528 21.62 -14.42 -4.57
C LEU D 528 21.62 -15.44 -3.42
N SER D 529 21.31 -14.99 -2.21
CA SER D 529 21.42 -15.78 -0.95
C SER D 529 20.42 -16.94 -0.94
N VAL D 530 19.22 -16.81 -1.52
CA VAL D 530 18.18 -17.87 -1.41
C VAL D 530 18.11 -18.71 -2.69
N LEU D 531 19.05 -18.54 -3.63
CA LEU D 531 19.10 -19.37 -4.87
C LEU D 531 19.65 -20.76 -4.53
N ASN D 532 18.85 -21.80 -4.74
CA ASN D 532 19.22 -23.20 -4.43
C ASN D 532 19.14 -24.05 -5.69
N TYR D 533 18.43 -23.60 -6.73
CA TYR D 533 18.26 -24.36 -7.99
C TYR D 533 18.66 -23.48 -9.18
N LEU D 534 19.72 -23.87 -9.90
CA LEU D 534 20.23 -23.09 -11.05
C LEU D 534 20.42 -24.00 -12.26
N ASP D 535 19.65 -23.77 -13.33
CA ASP D 535 19.84 -24.48 -14.62
C ASP D 535 20.09 -23.43 -15.71
N LEU D 536 21.31 -23.38 -16.24
CA LEU D 536 21.68 -22.51 -17.37
C LEU D 536 22.13 -23.40 -18.53
N SER D 537 21.74 -24.67 -18.51
CA SER D 537 22.16 -25.68 -19.50
C SER D 537 21.54 -25.39 -20.86
N GLY D 538 22.11 -25.93 -21.93
CA GLY D 538 21.59 -25.75 -23.31
C GLY D 538 21.54 -24.29 -23.70
N ASN D 539 22.63 -23.56 -23.48
CA ASN D 539 22.78 -22.15 -23.92
C ASN D 539 24.15 -21.95 -24.54
N MET D 540 24.52 -20.71 -24.83
CA MET D 540 25.86 -20.38 -25.36
C MET D 540 26.57 -19.45 -24.37
N PHE D 541 26.33 -19.65 -23.06
CA PHE D 541 27.02 -18.89 -21.99
C PHE D 541 28.53 -19.13 -22.13
N SER D 542 29.34 -18.08 -22.00
CA SER D 542 30.78 -18.15 -22.30
C SER D 542 31.59 -17.55 -21.16
N GLY D 543 32.90 -17.81 -21.14
CA GLY D 543 33.83 -17.17 -20.18
C GLY D 543 34.02 -18.02 -18.94
N LYS D 544 34.73 -17.50 -17.94
CA LYS D 544 35.07 -18.25 -16.71
C LYS D 544 33.84 -18.30 -15.81
N ILE D 545 33.51 -19.48 -15.28
CA ILE D 545 32.43 -19.65 -14.27
C ILE D 545 32.80 -18.79 -13.08
N PRO D 546 31.93 -17.88 -12.61
CA PRO D 546 32.27 -16.94 -11.55
C PRO D 546 32.64 -17.64 -10.23
N VAL D 547 33.65 -17.12 -9.54
CA VAL D 547 34.15 -17.67 -8.25
C VAL D 547 33.02 -17.59 -7.20
N SER D 548 32.16 -16.57 -7.29
CA SER D 548 31.05 -16.33 -6.33
C SER D 548 30.06 -17.50 -6.31
N LEU D 549 29.95 -18.26 -7.41
CA LEU D 549 28.99 -19.39 -7.51
C LEU D 549 29.31 -20.43 -6.42
N GLN D 550 30.59 -20.58 -6.07
CA GLN D 550 31.06 -21.49 -4.99
C GLN D 550 30.35 -21.17 -3.68
N SER D 551 30.23 -19.88 -3.34
CA SER D 551 29.63 -19.41 -2.07
C SER D 551 28.18 -19.90 -1.94
N LEU D 552 27.45 -20.00 -3.04
CA LEU D 552 26.00 -20.37 -3.03
C LEU D 552 25.83 -21.80 -2.52
N LYS D 553 24.79 -22.03 -1.72
CA LYS D 553 24.39 -23.39 -1.28
C LYS D 553 23.37 -23.91 -2.28
N LEU D 554 23.81 -24.64 -3.30
CA LEU D 554 22.92 -25.05 -4.42
C LEU D 554 22.57 -26.53 -4.29
N ASN D 555 21.30 -26.87 -4.37
CA ASN D 555 20.83 -28.27 -4.34
C ASN D 555 20.82 -28.81 -5.78
N GLN D 556 20.68 -27.93 -6.76
CA GLN D 556 20.70 -28.29 -8.20
C GLN D 556 21.58 -27.29 -8.96
N LEU D 557 22.58 -27.78 -9.70
CA LEU D 557 23.40 -26.93 -10.59
C LEU D 557 23.55 -27.63 -11.96
N ASN D 558 23.19 -26.95 -13.04
CA ASN D 558 23.51 -27.44 -14.41
C ASN D 558 24.02 -26.30 -15.27
N LEU D 559 25.29 -26.35 -15.64
CA LEU D 559 25.92 -25.38 -16.57
C LEU D 559 26.35 -26.14 -17.83
N SER D 560 25.75 -27.31 -18.07
CA SER D 560 26.13 -28.22 -19.18
C SER D 560 25.71 -27.66 -20.53
N TYR D 561 26.39 -28.09 -21.60
CA TYR D 561 26.13 -27.73 -23.01
C TYR D 561 26.12 -26.19 -23.18
N ASN D 562 27.19 -25.53 -22.73
CA ASN D 562 27.43 -24.07 -22.93
C ASN D 562 28.80 -23.90 -23.59
N ARG D 563 29.35 -22.67 -23.61
CA ARG D 563 30.69 -22.35 -24.15
C ARG D 563 31.61 -21.87 -23.02
N LEU D 564 31.38 -22.29 -21.78
CA LEU D 564 32.16 -21.81 -20.62
C LEU D 564 33.60 -22.32 -20.70
N SER D 565 34.55 -21.49 -20.27
CA SER D 565 36.01 -21.74 -20.41
C SER D 565 36.69 -21.60 -19.04
N GLY D 566 37.89 -22.18 -18.89
CA GLY D 566 38.77 -22.00 -17.73
C GLY D 566 38.80 -23.23 -16.84
N ASP D 567 39.48 -23.13 -15.69
CA ASP D 567 39.57 -24.18 -14.64
C ASP D 567 38.35 -24.04 -13.72
N LEU D 568 37.73 -25.17 -13.37
CA LEU D 568 36.54 -25.25 -12.45
C LEU D 568 36.88 -24.66 -11.10
N PRO D 569 36.10 -23.68 -10.57
CA PRO D 569 36.34 -23.15 -9.22
C PRO D 569 36.58 -24.27 -8.20
N PRO D 570 37.54 -24.10 -7.26
CA PRO D 570 37.99 -25.19 -6.39
C PRO D 570 36.86 -26.09 -5.83
N SER D 571 35.85 -25.48 -5.20
CA SER D 571 34.73 -26.14 -4.48
C SER D 571 33.87 -26.97 -5.44
N LEU D 572 33.69 -26.51 -6.69
CA LEU D 572 32.78 -27.12 -7.69
C LEU D 572 33.49 -28.26 -8.45
N ALA D 573 34.73 -28.59 -8.09
CA ALA D 573 35.60 -29.56 -8.80
C ALA D 573 35.54 -30.95 -8.15
N LYS D 574 34.39 -31.34 -7.58
CA LYS D 574 34.19 -32.60 -6.83
C LYS D 574 33.49 -33.64 -7.73
N ASP D 575 33.34 -34.87 -7.23
CA ASP D 575 32.71 -36.01 -7.95
C ASP D 575 31.18 -35.83 -8.03
N MET D 576 30.60 -35.01 -7.14
CA MET D 576 29.13 -34.79 -7.03
C MET D 576 28.63 -33.93 -8.21
N TYR D 577 29.48 -33.04 -8.73
CA TYR D 577 29.15 -32.11 -9.86
C TYR D 577 29.72 -32.63 -11.18
N LYS D 578 29.68 -33.95 -11.42
CA LYS D 578 30.28 -34.60 -12.61
C LYS D 578 29.40 -34.32 -13.85
N ASN D 579 28.08 -34.22 -13.66
CA ASN D 579 27.09 -34.04 -14.77
C ASN D 579 26.65 -32.58 -14.84
N SER D 580 27.25 -31.67 -14.07
CA SER D 580 26.82 -30.25 -13.99
C SER D 580 27.52 -29.41 -15.06
N PHE D 581 28.72 -29.80 -15.50
CA PHE D 581 29.52 -28.97 -16.44
C PHE D 581 29.92 -29.74 -17.71
N ILE D 582 29.17 -30.79 -18.07
CA ILE D 582 29.46 -31.60 -19.29
C ILE D 582 29.14 -30.76 -20.53
N GLY D 583 29.83 -31.01 -21.64
CA GLY D 583 29.54 -30.36 -22.94
C GLY D 583 30.09 -28.95 -23.02
N ASN D 584 31.04 -28.57 -22.15
CA ASN D 584 31.76 -27.27 -22.25
C ASN D 584 33.20 -27.50 -22.73
N PRO D 585 33.51 -27.29 -24.04
CA PRO D 585 34.78 -27.73 -24.62
C PRO D 585 36.05 -27.15 -23.98
N GLY D 586 36.05 -25.85 -23.68
CA GLY D 586 37.21 -25.13 -23.10
C GLY D 586 37.24 -25.17 -21.58
N LEU D 587 36.62 -26.19 -20.96
CA LEU D 587 36.54 -26.39 -19.49
C LEU D 587 37.25 -27.70 -19.12
N CYS D 588 37.95 -27.72 -17.98
CA CYS D 588 38.67 -28.90 -17.42
C CYS D 588 38.83 -28.76 -15.90
N ASN E 8 -5.92 -31.82 0.51
CA ASN E 8 -5.49 -33.24 0.64
C ASN E 8 -4.68 -33.41 1.94
N LEU E 9 -4.16 -34.60 2.19
CA LEU E 9 -3.37 -34.91 3.41
C LEU E 9 -2.11 -34.04 3.46
N GLU E 10 -1.45 -33.88 2.31
CA GLU E 10 -0.18 -33.12 2.21
C GLU E 10 -0.45 -31.66 2.56
N GLY E 11 -1.53 -31.09 2.03
CA GLY E 11 -1.94 -29.71 2.32
C GLY E 11 -2.28 -29.54 3.79
N ASP E 12 -3.00 -30.51 4.36
CA ASP E 12 -3.39 -30.48 5.79
C ASP E 12 -2.13 -30.43 6.66
N ALA E 13 -1.13 -31.25 6.34
CA ALA E 13 0.16 -31.30 7.06
C ALA E 13 0.89 -29.95 6.96
N LEU E 14 0.94 -29.36 5.77
CA LEU E 14 1.66 -28.07 5.57
C LEU E 14 0.90 -26.97 6.31
N HIS E 15 -0.44 -27.03 6.31
CA HIS E 15 -1.28 -26.05 7.05
C HIS E 15 -1.01 -26.19 8.55
N THR E 16 -0.81 -27.42 9.05
CA THR E 16 -0.47 -27.67 10.48
C THR E 16 0.83 -26.93 10.81
N LEU E 17 1.83 -26.99 9.93
CA LEU E 17 3.11 -26.25 10.10
C LEU E 17 2.82 -24.74 10.15
N ARG E 18 1.95 -24.24 9.27
CA ARG E 18 1.64 -22.80 9.20
C ARG E 18 1.08 -22.33 10.54
N VAL E 19 0.20 -23.11 11.15
CA VAL E 19 -0.47 -22.73 12.43
C VAL E 19 0.60 -22.64 13.53
N THR E 20 1.61 -23.53 13.54
CA THR E 20 2.65 -23.60 14.60
C THR E 20 3.83 -22.68 14.26
N LEU E 21 3.89 -22.10 13.06
CA LEU E 21 4.95 -21.12 12.71
C LEU E 21 4.42 -19.70 12.88
N VAL E 22 5.27 -18.79 13.34
CA VAL E 22 4.94 -17.35 13.40
C VAL E 22 5.42 -16.73 12.08
N ASP E 23 4.52 -16.04 11.39
CA ASP E 23 4.75 -15.55 10.01
C ASP E 23 4.48 -14.05 9.96
N PRO E 24 5.42 -13.20 10.44
CA PRO E 24 5.22 -11.76 10.43
C PRO E 24 5.01 -11.14 9.03
N ASN E 25 5.62 -11.69 7.99
CA ASN E 25 5.57 -11.10 6.62
C ASN E 25 4.53 -11.83 5.74
N ASN E 26 3.70 -12.68 6.34
CA ASN E 26 2.59 -13.38 5.65
C ASN E 26 3.12 -14.07 4.41
N VAL E 27 4.26 -14.76 4.53
CA VAL E 27 4.86 -15.62 3.48
C VAL E 27 3.94 -16.81 3.20
N LEU E 28 3.11 -17.22 4.17
CA LEU E 28 2.25 -18.43 4.05
C LEU E 28 0.80 -18.02 3.76
N GLN E 29 0.58 -16.79 3.29
CA GLN E 29 -0.77 -16.24 2.99
C GLN E 29 -1.48 -17.10 1.96
N SER E 30 -0.75 -17.63 0.98
CA SER E 30 -1.31 -18.42 -0.15
C SER E 30 -1.67 -19.83 0.30
N TRP E 31 -1.30 -20.22 1.52
CA TRP E 31 -1.47 -21.62 1.99
C TRP E 31 -2.92 -21.83 2.40
N ASP E 32 -3.81 -21.97 1.43
CA ASP E 32 -5.27 -22.11 1.63
C ASP E 32 -5.63 -23.58 1.76
N PRO E 33 -6.10 -24.04 2.94
CA PRO E 33 -6.44 -25.45 3.16
C PRO E 33 -7.66 -25.93 2.34
N THR E 34 -8.49 -25.00 1.84
CA THR E 34 -9.70 -25.32 1.03
C THR E 34 -9.28 -25.79 -0.37
N LEU E 35 -8.05 -25.50 -0.81
CA LEU E 35 -7.53 -25.99 -2.12
C LEU E 35 -7.40 -27.52 -2.08
N VAL E 36 -7.68 -28.16 -3.21
CA VAL E 36 -7.65 -29.63 -3.38
C VAL E 36 -6.25 -30.14 -3.05
N ASN E 37 -5.22 -29.37 -3.43
CA ASN E 37 -3.81 -29.70 -3.14
C ASN E 37 -3.04 -28.39 -2.91
N PRO E 38 -1.81 -28.47 -2.36
CA PRO E 38 -0.99 -27.29 -2.09
C PRO E 38 -0.08 -26.85 -3.26
N CYS E 39 -0.29 -27.38 -4.45
CA CYS E 39 0.64 -27.21 -5.61
C CYS E 39 0.62 -25.76 -6.13
N THR E 40 -0.50 -25.04 -6.02
CA THR E 40 -0.58 -23.60 -6.41
C THR E 40 -0.17 -22.70 -5.24
N TRP E 41 0.09 -23.25 -4.04
CA TRP E 41 0.64 -22.47 -2.90
C TRP E 41 2.03 -21.97 -3.27
N PHE E 42 2.31 -20.69 -3.02
CA PHE E 42 3.68 -20.16 -3.21
C PHE E 42 4.57 -20.79 -2.13
N HIS E 43 5.83 -21.07 -2.48
CA HIS E 43 6.86 -21.70 -1.60
C HIS E 43 6.67 -23.22 -1.59
N VAL E 44 5.71 -23.75 -2.35
CA VAL E 44 5.50 -25.21 -2.48
C VAL E 44 5.62 -25.59 -3.96
N THR E 45 6.45 -26.58 -4.26
CA THR E 45 6.58 -27.12 -5.64
C THR E 45 6.12 -28.57 -5.62
N CYS E 46 5.25 -28.95 -6.56
CA CYS E 46 4.71 -30.32 -6.67
C CYS E 46 5.28 -31.01 -7.91
N ASN E 47 5.19 -32.34 -7.97
CA ASN E 47 5.60 -33.14 -9.15
C ASN E 47 4.42 -33.19 -10.13
N ASN E 48 4.57 -33.93 -11.23
CA ASN E 48 3.52 -34.06 -12.27
C ASN E 48 2.32 -34.81 -11.69
N GLU E 49 2.52 -35.62 -10.65
CA GLU E 49 1.43 -36.39 -9.99
C GLU E 49 0.84 -35.55 -8.84
N ASN E 50 1.22 -34.28 -8.73
CA ASN E 50 0.65 -33.28 -7.78
C ASN E 50 1.03 -33.65 -6.33
N SER E 51 2.21 -34.21 -6.11
CA SER E 51 2.74 -34.51 -4.75
C SER E 51 3.90 -33.55 -4.45
N VAL E 52 3.96 -33.01 -3.24
CA VAL E 52 4.98 -31.98 -2.88
C VAL E 52 6.37 -32.61 -2.99
N ILE E 53 7.30 -31.92 -3.65
CA ILE E 53 8.71 -32.38 -3.77
C ILE E 53 9.62 -31.31 -3.18
N ARG E 54 9.11 -30.09 -3.00
CA ARG E 54 9.94 -28.96 -2.51
C ARG E 54 9.12 -28.04 -1.61
N VAL E 55 9.69 -27.63 -0.48
CA VAL E 55 9.15 -26.52 0.35
C VAL E 55 10.28 -25.50 0.48
N ASP E 56 10.09 -24.28 0.00
CA ASP E 56 11.18 -23.28 -0.06
C ASP E 56 10.82 -22.07 0.81
N LEU E 57 11.29 -22.05 2.06
CA LEU E 57 10.92 -21.02 3.06
C LEU E 57 12.17 -20.40 3.69
N GLY E 58 13.30 -20.40 2.99
CA GLY E 58 14.55 -19.74 3.43
C GLY E 58 14.40 -18.24 3.57
N ASN E 59 14.98 -17.64 4.60
CA ASN E 59 15.09 -16.16 4.78
C ASN E 59 13.69 -15.53 4.74
N ALA E 60 12.71 -16.11 5.45
CA ALA E 60 11.31 -15.65 5.43
C ALA E 60 10.94 -14.95 6.75
N GLU E 61 11.90 -14.77 7.67
CA GLU E 61 11.68 -14.22 9.04
C GLU E 61 10.66 -15.09 9.80
N LEU E 62 10.70 -16.42 9.60
CA LEU E 62 9.78 -17.37 10.30
C LEU E 62 10.31 -17.65 11.71
N SER E 63 9.40 -17.76 12.67
CA SER E 63 9.69 -18.11 14.08
C SER E 63 8.74 -19.23 14.48
N GLY E 64 8.85 -19.74 15.70
CA GLY E 64 8.00 -20.85 16.19
C GLY E 64 8.71 -22.16 16.04
N HIS E 65 7.98 -23.25 15.92
CA HIS E 65 8.57 -24.62 15.94
C HIS E 65 8.01 -25.45 14.77
N LEU E 66 8.76 -26.47 14.38
CA LEU E 66 8.33 -27.41 13.31
C LEU E 66 7.34 -28.40 13.91
N VAL E 67 6.71 -29.21 13.06
CA VAL E 67 5.70 -30.21 13.49
C VAL E 67 6.11 -31.57 12.94
N PRO E 68 5.69 -32.67 13.60
CA PRO E 68 5.94 -34.02 13.09
C PRO E 68 5.21 -34.30 11.77
N GLU E 69 4.16 -33.54 11.46
CA GLU E 69 3.31 -33.79 10.26
C GLU E 69 4.11 -33.58 8.96
N LEU E 70 5.24 -32.88 9.00
CA LEU E 70 6.13 -32.71 7.83
C LEU E 70 6.52 -34.10 7.28
N GLY E 71 6.59 -35.11 8.14
CA GLY E 71 6.91 -36.51 7.75
C GLY E 71 5.87 -37.13 6.84
N VAL E 72 4.66 -36.58 6.79
CA VAL E 72 3.56 -37.06 5.89
C VAL E 72 3.97 -36.88 4.43
N LEU E 73 4.84 -35.92 4.11
CA LEU E 73 5.21 -35.58 2.70
C LEU E 73 6.19 -36.62 2.16
N LYS E 74 5.67 -37.77 1.71
CA LYS E 74 6.46 -38.95 1.28
C LYS E 74 7.38 -38.61 0.10
N ASN E 75 6.96 -37.74 -0.82
CA ASN E 75 7.76 -37.46 -2.05
C ASN E 75 8.61 -36.20 -1.88
N LEU E 76 8.63 -35.58 -0.70
CA LEU E 76 9.42 -34.34 -0.48
C LEU E 76 10.89 -34.64 -0.74
N GLN E 77 11.56 -33.79 -1.54
CA GLN E 77 12.99 -33.99 -1.90
C GLN E 77 13.83 -32.85 -1.34
N TYR E 78 13.28 -31.66 -1.22
CA TYR E 78 14.04 -30.48 -0.75
C TYR E 78 13.22 -29.76 0.31
N LEU E 79 13.72 -29.73 1.55
CA LEU E 79 13.10 -28.99 2.67
C LEU E 79 14.03 -27.83 3.02
N GLU E 80 13.60 -26.59 2.74
CA GLU E 80 14.46 -25.40 2.91
C GLU E 80 13.82 -24.48 3.94
N LEU E 81 14.29 -24.53 5.18
CA LEU E 81 13.74 -23.70 6.28
C LEU E 81 14.85 -22.82 6.85
N TYR E 82 15.94 -22.64 6.10
CA TYR E 82 17.18 -21.98 6.58
C TYR E 82 16.98 -20.46 6.71
N SER E 83 17.90 -19.81 7.42
CA SER E 83 17.92 -18.34 7.65
C SER E 83 16.57 -17.86 8.22
N ASN E 84 16.06 -18.56 9.23
CA ASN E 84 14.84 -18.15 9.98
C ASN E 84 15.17 -18.15 11.48
N ASN E 85 14.20 -17.88 12.36
CA ASN E 85 14.41 -17.94 13.83
C ASN E 85 13.60 -19.09 14.41
N ILE E 86 13.49 -20.20 13.68
CA ILE E 86 12.71 -21.39 14.17
C ILE E 86 13.43 -21.96 15.40
N THR E 87 12.68 -22.26 16.46
CA THR E 87 13.22 -22.78 17.74
C THR E 87 12.67 -24.19 17.97
N GLY E 88 13.19 -24.87 19.00
CA GLY E 88 12.69 -26.18 19.42
C GLY E 88 13.42 -27.32 18.73
N PRO E 89 12.96 -28.57 18.92
CA PRO E 89 13.67 -29.73 18.41
C PRO E 89 13.44 -29.99 16.91
N ILE E 90 14.41 -30.65 16.27
CA ILE E 90 14.23 -31.18 14.90
C ILE E 90 13.32 -32.40 15.05
N PRO E 91 12.10 -32.41 14.48
CA PRO E 91 11.18 -33.52 14.67
C PRO E 91 11.77 -34.84 14.18
N SER E 92 11.59 -35.91 14.95
CA SER E 92 12.08 -37.26 14.62
C SER E 92 11.35 -37.81 13.40
N ASN E 93 10.13 -37.32 13.14
CA ASN E 93 9.30 -37.83 12.02
C ASN E 93 9.91 -37.39 10.68
N LEU E 94 10.84 -36.43 10.68
CA LEU E 94 11.54 -36.03 9.44
C LEU E 94 12.27 -37.23 8.87
N GLY E 95 12.59 -38.24 9.69
CA GLY E 95 13.22 -39.49 9.24
C GLY E 95 12.29 -40.32 8.38
N ASN E 96 10.99 -40.01 8.38
CA ASN E 96 10.01 -40.73 7.54
C ASN E 96 9.97 -40.12 6.13
N LEU E 97 10.77 -39.09 5.86
CA LEU E 97 10.86 -38.47 4.51
C LEU E 97 11.82 -39.28 3.65
N THR E 98 11.37 -40.41 3.13
CA THR E 98 12.22 -41.40 2.40
C THR E 98 12.91 -40.77 1.19
N ASN E 99 12.25 -39.88 0.46
CA ASN E 99 12.78 -39.37 -0.83
C ASN E 99 13.56 -38.06 -0.62
N LEU E 100 13.76 -37.62 0.62
CA LEU E 100 14.42 -36.30 0.89
C LEU E 100 15.85 -36.33 0.36
N VAL E 101 16.25 -35.29 -0.37
CA VAL E 101 17.61 -35.13 -0.93
C VAL E 101 18.33 -34.02 -0.16
N SER E 102 17.60 -32.98 0.25
CA SER E 102 18.19 -31.84 0.99
C SER E 102 17.43 -31.57 2.28
N LEU E 103 18.13 -31.56 3.41
CA LEU E 103 17.59 -31.09 4.70
C LEU E 103 18.39 -29.85 5.11
N ASP E 104 17.85 -28.66 4.90
CA ASP E 104 18.56 -27.40 5.18
C ASP E 104 17.83 -26.65 6.29
N LEU E 105 18.26 -26.85 7.53
CA LEU E 105 17.68 -26.19 8.73
C LEU E 105 18.69 -25.20 9.29
N TYR E 106 19.69 -24.83 8.52
CA TYR E 106 20.83 -24.00 9.00
C TYR E 106 20.37 -22.56 9.27
N LEU E 107 21.19 -21.81 10.02
CA LEU E 107 20.91 -20.40 10.43
C LEU E 107 19.53 -20.32 11.08
N ASN E 108 19.30 -21.13 12.11
CA ASN E 108 18.05 -21.12 12.94
C ASN E 108 18.46 -21.22 14.42
N SER E 109 17.49 -21.32 15.33
CA SER E 109 17.71 -21.48 16.79
C SER E 109 17.30 -22.88 17.23
N PHE E 110 17.42 -23.89 16.36
CA PHE E 110 17.03 -25.28 16.69
C PHE E 110 17.86 -25.78 17.87
N SER E 111 17.23 -26.50 18.79
CA SER E 111 17.91 -27.03 19.99
C SER E 111 17.66 -28.54 20.07
N GLY E 112 18.33 -29.20 21.00
CA GLY E 112 18.14 -30.63 21.28
C GLY E 112 19.00 -31.51 20.38
N PRO E 113 18.70 -32.82 20.32
CA PRO E 113 19.51 -33.78 19.58
C PRO E 113 19.28 -33.80 18.06
N ILE E 114 20.30 -34.15 17.30
CA ILE E 114 20.13 -34.54 15.87
C ILE E 114 19.48 -35.92 15.91
N PRO E 115 18.24 -36.09 15.41
CA PRO E 115 17.54 -37.36 15.54
C PRO E 115 18.27 -38.54 14.87
N GLU E 116 18.25 -39.71 15.50
CA GLU E 116 18.84 -40.95 14.91
C GLU E 116 18.00 -41.38 13.71
N SER E 117 16.76 -40.89 13.63
CA SER E 117 15.81 -41.17 12.52
C SER E 117 16.38 -40.65 11.19
N LEU E 118 17.22 -39.61 11.23
CA LEU E 118 17.76 -38.98 9.99
C LEU E 118 18.60 -39.99 9.20
N GLY E 119 19.12 -41.03 9.87
CA GLY E 119 19.84 -42.12 9.20
C GLY E 119 18.95 -42.91 8.25
N LYS E 120 17.63 -42.87 8.44
CA LYS E 120 16.65 -43.60 7.58
C LYS E 120 16.49 -42.88 6.23
N LEU E 121 17.04 -41.67 6.09
CA LEU E 121 16.97 -40.90 4.82
C LEU E 121 18.03 -41.44 3.85
N SER E 122 17.71 -42.51 3.12
CA SER E 122 18.66 -43.26 2.24
C SER E 122 19.14 -42.40 1.05
N LYS E 123 18.33 -41.46 0.57
CA LYS E 123 18.64 -40.69 -0.66
C LYS E 123 19.17 -39.29 -0.32
N LEU E 124 19.41 -38.99 0.95
CA LEU E 124 19.83 -37.62 1.37
C LEU E 124 21.23 -37.35 0.82
N ARG E 125 21.42 -36.21 0.16
CA ARG E 125 22.74 -35.79 -0.38
C ARG E 125 23.24 -34.56 0.38
N PHE E 126 22.34 -33.71 0.85
CA PHE E 126 22.71 -32.44 1.52
C PHE E 126 22.12 -32.41 2.93
N LEU E 127 22.97 -32.28 3.94
CA LEU E 127 22.53 -32.10 5.35
C LEU E 127 23.25 -30.88 5.90
N ARG E 128 22.56 -29.75 5.97
CA ARG E 128 23.11 -28.50 6.57
C ARG E 128 22.29 -28.13 7.80
N LEU E 129 22.80 -28.49 8.99
CA LEU E 129 22.17 -28.19 10.30
C LEU E 129 23.01 -27.15 11.02
N ASN E 130 23.89 -26.43 10.31
CA ASN E 130 24.88 -25.53 10.92
C ASN E 130 24.21 -24.26 11.45
N ASN E 131 24.92 -23.52 12.32
CA ASN E 131 24.45 -22.25 12.92
C ASN E 131 23.13 -22.46 13.67
N ASN E 132 23.08 -23.51 14.50
CA ASN E 132 21.94 -23.81 15.40
C ASN E 132 22.47 -23.98 16.82
N SER E 133 21.59 -24.26 17.78
CA SER E 133 21.96 -24.54 19.19
C SER E 133 21.84 -26.05 19.48
N LEU E 134 22.02 -26.90 18.47
CA LEU E 134 21.83 -28.37 18.62
C LEU E 134 22.86 -28.93 19.61
N THR E 135 22.48 -29.94 20.38
CA THR E 135 23.32 -30.55 21.44
C THR E 135 23.33 -32.07 21.29
N GLY E 136 24.22 -32.74 22.01
CA GLY E 136 24.32 -34.21 22.01
C GLY E 136 25.32 -34.70 20.99
N SER E 137 25.24 -35.99 20.63
CA SER E 137 26.22 -36.65 19.74
C SER E 137 25.66 -36.75 18.32
N ILE E 138 26.56 -36.77 17.34
CA ILE E 138 26.23 -36.98 15.91
C ILE E 138 25.88 -38.45 15.74
N PRO E 139 24.68 -38.81 15.24
CA PRO E 139 24.27 -40.21 15.13
C PRO E 139 25.14 -41.01 14.15
N MET E 140 25.47 -42.25 14.50
CA MET E 140 26.27 -43.16 13.65
C MET E 140 25.43 -43.62 12.45
N SER E 141 24.10 -43.53 12.54
CA SER E 141 23.17 -43.90 11.44
C SER E 141 23.51 -43.11 10.18
N LEU E 142 23.99 -41.86 10.33
CA LEU E 142 24.26 -40.95 9.20
C LEU E 142 25.35 -41.54 8.30
N THR E 143 26.26 -42.36 8.84
CA THR E 143 27.34 -43.02 8.05
C THR E 143 26.72 -43.95 7.02
N ASN E 144 25.60 -44.61 7.34
CA ASN E 144 24.92 -45.58 6.44
C ASN E 144 24.24 -44.86 5.27
N ILE E 145 24.15 -43.52 5.28
CA ILE E 145 23.60 -42.77 4.12
C ILE E 145 24.68 -42.69 3.05
N THR E 146 24.61 -43.56 2.05
CA THR E 146 25.61 -43.68 0.95
C THR E 146 25.60 -42.40 0.11
N THR E 147 24.44 -41.79 -0.09
CA THR E 147 24.23 -40.63 -1.00
C THR E 147 24.78 -39.33 -0.39
N LEU E 148 25.08 -39.28 0.91
CA LEU E 148 25.45 -38.00 1.58
C LEU E 148 26.77 -37.49 0.99
N GLN E 149 26.77 -36.27 0.45
CA GLN E 149 27.96 -35.66 -0.19
C GLN E 149 28.26 -34.30 0.41
N VAL E 150 27.26 -33.60 0.97
CA VAL E 150 27.48 -32.30 1.67
C VAL E 150 26.95 -32.45 3.10
N LEU E 151 27.80 -32.16 4.09
CA LEU E 151 27.41 -32.17 5.52
C LEU E 151 27.98 -30.93 6.22
N ASP E 152 27.15 -30.14 6.87
CA ASP E 152 27.64 -29.03 7.73
C ASP E 152 26.89 -29.07 9.06
N LEU E 153 27.58 -29.50 10.12
CA LEU E 153 27.04 -29.53 11.50
C LEU E 153 27.76 -28.46 12.33
N SER E 154 28.42 -27.51 11.67
CA SER E 154 29.29 -26.51 12.33
C SER E 154 28.47 -25.48 13.11
N ASN E 155 29.13 -24.74 14.00
CA ASN E 155 28.52 -23.63 14.80
C ASN E 155 27.31 -24.19 15.56
N ASN E 156 27.47 -25.37 16.16
CA ASN E 156 26.45 -25.98 17.06
C ASN E 156 27.10 -26.21 18.43
N ARG E 157 26.36 -26.78 19.38
CA ARG E 157 26.89 -27.10 20.72
C ARG E 157 26.98 -28.63 20.87
N LEU E 158 27.31 -29.33 19.77
CA LEU E 158 27.37 -30.81 19.74
C LEU E 158 28.63 -31.31 20.47
N SER E 159 28.62 -32.56 20.89
CA SER E 159 29.72 -33.19 21.67
C SER E 159 29.85 -34.67 21.31
N GLY E 160 30.98 -35.28 21.67
CA GLY E 160 31.19 -36.73 21.53
C GLY E 160 32.04 -37.09 20.32
N SER E 161 32.10 -38.37 19.99
CA SER E 161 32.95 -38.90 18.89
C SER E 161 32.34 -38.49 17.54
N VAL E 162 33.18 -38.02 16.61
CA VAL E 162 32.76 -37.71 15.23
C VAL E 162 32.97 -38.97 14.39
N PRO E 163 31.92 -39.55 13.79
CA PRO E 163 32.08 -40.76 12.99
C PRO E 163 33.00 -40.47 11.80
N ASP E 164 33.89 -41.40 11.45
CA ASP E 164 34.86 -41.21 10.35
C ASP E 164 34.70 -42.33 9.31
N ASN E 165 33.59 -43.08 9.35
CA ASN E 165 33.40 -44.23 8.44
C ASN E 165 32.19 -43.99 7.53
N GLY E 166 32.05 -44.82 6.48
CA GLY E 166 30.98 -44.71 5.47
C GLY E 166 31.03 -43.38 4.75
N SER E 167 29.91 -42.66 4.68
CA SER E 167 29.83 -41.35 4.00
C SER E 167 30.74 -40.33 4.69
N PHE E 168 30.98 -40.49 5.99
CA PHE E 168 31.79 -39.54 6.80
C PHE E 168 33.28 -39.69 6.47
N SER E 169 33.67 -40.74 5.74
CA SER E 169 35.09 -41.01 5.36
C SER E 169 35.71 -39.79 4.67
N LEU E 170 34.98 -39.13 3.77
CA LEU E 170 35.54 -38.03 2.94
C LEU E 170 35.30 -36.68 3.60
N PHE E 171 34.61 -36.61 4.74
CA PHE E 171 34.24 -35.31 5.34
C PHE E 171 35.45 -34.68 6.03
N THR E 172 35.52 -33.34 6.00
CA THR E 172 36.66 -32.51 6.45
C THR E 172 36.27 -31.77 7.73
N PRO E 173 37.25 -31.17 8.45
CA PRO E 173 36.98 -30.44 9.70
C PRO E 173 35.98 -29.26 9.62
N ILE E 174 35.88 -28.61 8.46
CA ILE E 174 34.99 -27.41 8.29
C ILE E 174 33.54 -27.83 8.59
N SER E 175 33.18 -29.09 8.31
CA SER E 175 31.84 -29.66 8.57
C SER E 175 31.52 -29.68 10.07
N PHE E 176 32.51 -29.96 10.93
CA PHE E 176 32.29 -30.20 12.38
C PHE E 176 32.85 -29.07 13.26
N ALA E 177 33.15 -27.90 12.70
CA ALA E 177 33.86 -26.80 13.41
C ALA E 177 32.94 -26.10 14.42
N ASN E 178 33.55 -25.43 15.40
CA ASN E 178 32.89 -24.61 16.45
C ASN E 178 31.77 -25.38 17.17
N ASN E 179 32.05 -26.61 17.60
CA ASN E 179 31.11 -27.42 18.42
C ASN E 179 31.64 -27.45 19.86
N LEU E 180 30.81 -27.80 20.84
CA LEU E 180 31.15 -27.68 22.29
C LEU E 180 32.29 -28.64 22.66
N ASP E 181 32.16 -29.93 22.35
CA ASP E 181 33.14 -30.93 22.82
C ASP E 181 33.15 -32.14 21.88
N LEU E 182 33.41 -31.91 20.59
CA LEU E 182 33.53 -33.02 19.62
C LEU E 182 34.93 -33.61 19.76
N CYS E 183 35.06 -34.93 19.68
CA CYS E 183 36.37 -35.62 19.72
C CYS E 183 36.49 -36.53 18.49
N GLY E 184 37.71 -36.76 18.03
CA GLY E 184 37.98 -37.71 16.94
C GLY E 184 39.10 -37.21 16.03
N PRO E 185 39.51 -38.01 15.03
CA PRO E 185 40.60 -37.64 14.11
C PRO E 185 40.37 -36.36 13.31
N VAL E 186 39.13 -36.10 12.87
CA VAL E 186 38.78 -34.83 12.20
C VAL E 186 39.01 -33.69 13.20
N THR E 187 38.66 -33.91 14.47
CA THR E 187 38.76 -32.89 15.55
C THR E 187 40.22 -32.73 15.98
N SER E 188 40.55 -31.59 16.59
CA SER E 188 41.86 -31.30 17.23
C SER E 188 42.15 -32.33 18.33
N HIS E 189 41.19 -32.56 19.23
CA HIS E 189 41.33 -33.40 20.46
C HIS E 189 40.85 -34.82 20.18
N PRO E 190 41.65 -35.87 20.47
CA PRO E 190 41.21 -37.26 20.32
C PRO E 190 40.32 -37.74 21.48
N CYS E 191 39.67 -38.90 21.34
CA CYS E 191 38.59 -39.37 22.24
C CYS E 191 39.15 -40.14 23.43
N PRO E 192 38.50 -40.06 24.62
CA PRO E 192 38.74 -41.00 25.70
C PRO E 192 38.38 -42.45 25.30
N TYR F 1 -13.96 -19.54 23.62
CA TYR F 1 -14.97 -19.53 22.55
C TYR F 1 -14.65 -20.63 21.55
N VAL F 2 -15.61 -21.53 21.31
CA VAL F 2 -15.52 -22.53 20.21
C VAL F 2 -16.18 -21.88 19.00
N LEU F 3 -15.45 -21.70 17.90
CA LEU F 3 -16.04 -21.17 16.64
C LEU F 3 -16.74 -22.32 15.94
N VAL F 4 -18.05 -22.25 15.81
CA VAL F 4 -18.88 -23.34 15.23
C VAL F 4 -19.02 -23.05 13.74
N PRO F 5 -18.61 -23.98 12.86
CA PRO F 5 -18.81 -23.81 11.43
C PRO F 5 -20.31 -23.77 11.13
N PRO F 6 -20.82 -22.70 10.47
CA PRO F 6 -22.26 -22.58 10.21
C PRO F 6 -22.77 -23.67 9.27
N SER F 7 -24.06 -24.02 9.36
CA SER F 7 -24.71 -24.94 8.40
C SER F 7 -24.75 -24.25 7.04
N GLY F 8 -24.03 -24.82 6.05
CA GLY F 8 -23.96 -24.25 4.71
C GLY F 8 -23.08 -25.09 3.80
N SER F 10 -20.05 -26.73 1.47
CA SER F 10 -18.59 -27.03 1.51
C SER F 10 -17.86 -26.08 0.55
N MET F 11 -16.58 -25.83 0.80
CA MET F 11 -15.84 -24.71 0.17
C MET F 11 -14.60 -25.18 -0.58
N ARG F 12 -14.48 -26.49 -0.90
CA ARG F 12 -13.27 -27.03 -1.57
C ARG F 12 -13.24 -26.57 -3.03
N HIS F 13 -12.06 -26.19 -3.54
CA HIS F 13 -11.91 -25.62 -4.91
C HIS F 13 -10.49 -25.86 -5.44
N ASN F 14 -10.30 -25.68 -6.74
CA ASN F 14 -8.97 -25.84 -7.40
C ASN F 14 -8.26 -24.49 -7.46
#